data_5O2K
#
_entry.id   5O2K
#
_cell.length_a   87.947
_cell.length_b   136.640
_cell.length_c   90.843
_cell.angle_alpha   90.00
_cell.angle_beta   115.02
_cell.angle_gamma   90.00
#
_symmetry.space_group_name_H-M   'P 1 21 1'
#
loop_
_entity.id
_entity.type
_entity.pdbx_description
1 polymer 'Probable phosphite transport system-binding protein PtxB'
2 water water
#
_entity_poly.entity_id   1
_entity_poly.type   'polypeptide(L)'
_entity_poly.pdbx_seq_one_letter_code
;MADADPDVLKVALLPDENASELIKRNQPLKDYLEEHLDKKVQLIVTTDYSSMIEAMRFGRIDLAYFGPLSYVMAKSKSDI
EPFAAMVIDGKPTYRSVIIANVASGVNEYADLKGKRMAYGDRASTSSHLIPKTVLLETADLTGGQDYEQHFVGTHDAVAV
NVANGNADAGGLSEVIFNHAAERGLIDPSKVKVLGYSGEYPQYPWAMRSNLSPELKTKVRDVFVGIDDPEVLRNFKAEAF
APITDADYDVIRNMGSLLGLDFATMLEHHHHHH
;
_entity_poly.pdbx_strand_id   D,A,B,C,E,F
#
# COMPACT_ATOMS: atom_id res chain seq x y z
N ASP A 5 -40.43 -22.88 5.35
CA ASP A 5 -39.51 -22.02 4.49
C ASP A 5 -40.31 -21.16 3.48
N PRO A 6 -40.20 -19.81 3.59
CA PRO A 6 -40.96 -18.95 2.64
C PRO A 6 -40.54 -19.21 1.20
N ASP A 7 -41.51 -19.18 0.29
CA ASP A 7 -41.27 -19.32 -1.15
C ASP A 7 -40.46 -18.14 -1.72
N VAL A 8 -40.74 -16.95 -1.19
CA VAL A 8 -40.14 -15.70 -1.56
C VAL A 8 -39.51 -15.11 -0.30
N LEU A 9 -38.21 -14.79 -0.37
CA LEU A 9 -37.50 -14.17 0.76
C LEU A 9 -37.88 -12.73 0.96
N LYS A 10 -38.27 -12.40 2.19
CA LYS A 10 -38.64 -11.03 2.56
C LYS A 10 -37.40 -10.34 3.20
N VAL A 11 -36.81 -9.46 2.40
CA VAL A 11 -35.59 -8.76 2.69
C VAL A 11 -35.90 -7.31 2.98
N ALA A 12 -35.76 -6.94 4.25
CA ALA A 12 -36.06 -5.61 4.72
C ALA A 12 -34.79 -4.83 4.82
N LEU A 13 -34.88 -3.54 4.49
CA LEU A 13 -33.74 -2.64 4.55
C LEU A 13 -33.97 -1.69 5.72
N LEU A 14 -33.12 -0.68 5.87
CA LEU A 14 -33.30 0.26 6.96
C LEU A 14 -34.66 0.92 6.85
N PRO A 15 -35.32 1.20 7.97
CA PRO A 15 -36.57 1.97 7.93
C PRO A 15 -36.44 3.30 7.17
N ASP A 16 -37.50 3.74 6.49
CA ASP A 16 -37.47 5.02 5.74
C ASP A 16 -38.89 5.52 5.38
N GLU A 17 -39.06 6.85 5.44
CA GLU A 17 -40.33 7.48 5.03
C GLU A 17 -40.67 7.31 3.54
N ASN A 18 -39.66 7.36 2.67
CA ASN A 18 -39.84 7.13 1.23
C ASN A 18 -39.50 5.67 0.88
N ALA A 19 -40.50 4.81 1.06
CA ALA A 19 -40.33 3.38 0.84
C ALA A 19 -40.23 3.01 -0.63
N SER A 20 -41.04 3.64 -1.47
CA SER A 20 -40.98 3.35 -2.90
C SER A 20 -39.61 3.69 -3.47
N GLU A 21 -39.01 4.81 -3.04
CA GLU A 21 -37.71 5.23 -3.61
C GLU A 21 -36.60 4.25 -3.21
N LEU A 22 -36.52 3.98 -1.91
CA LEU A 22 -35.44 3.18 -1.38
C LEU A 22 -35.50 1.76 -1.97
N ILE A 23 -36.71 1.24 -2.20
CA ILE A 23 -36.92 -0.04 -2.91
C ILE A 23 -36.40 0.01 -4.36
N LYS A 24 -36.73 1.08 -5.07
CA LYS A 24 -36.23 1.29 -6.43
C LYS A 24 -34.71 1.42 -6.42
N ARG A 25 -34.21 2.26 -5.52
CA ARG A 25 -32.76 2.45 -5.38
C ARG A 25 -32.05 1.07 -5.24
N ASN A 26 -32.59 0.19 -4.39
CA ASN A 26 -31.99 -1.12 -4.12
C ASN A 26 -32.46 -2.26 -5.03
N GLN A 27 -32.91 -1.95 -6.26
CA GLN A 27 -33.19 -3.00 -7.28
C GLN A 27 -31.95 -3.82 -7.62
N PRO A 28 -30.77 -3.20 -7.62
CA PRO A 28 -29.57 -4.01 -7.86
C PRO A 28 -29.37 -5.12 -6.80
N LEU A 29 -29.80 -4.90 -5.55
CA LEU A 29 -29.73 -5.96 -4.53
C LEU A 29 -30.74 -7.07 -4.79
N LYS A 30 -31.98 -6.69 -5.08
CA LYS A 30 -33.00 -7.66 -5.46
C LYS A 30 -32.50 -8.57 -6.59
N ASP A 31 -32.02 -7.96 -7.68
CA ASP A 31 -31.55 -8.72 -8.87
C ASP A 31 -30.33 -9.56 -8.56
N TYR A 32 -29.37 -8.98 -7.85
CA TYR A 32 -28.20 -9.73 -7.45
C TYR A 32 -28.66 -10.95 -6.66
N LEU A 33 -29.48 -10.75 -5.61
CA LEU A 33 -29.96 -11.88 -4.76
C LEU A 33 -30.79 -12.94 -5.45
N GLU A 34 -31.72 -12.56 -6.31
CA GLU A 34 -32.54 -13.57 -7.04
C GLU A 34 -31.67 -14.53 -7.84
N GLU A 35 -30.74 -13.97 -8.61
CA GLU A 35 -29.80 -14.72 -9.45
C GLU A 35 -28.90 -15.61 -8.64
N HIS A 36 -28.35 -15.10 -7.55
CA HIS A 36 -27.37 -15.85 -6.77
C HIS A 36 -27.99 -16.86 -5.78
N LEU A 37 -29.17 -16.55 -5.23
CA LEU A 37 -29.95 -17.53 -4.42
C LEU A 37 -30.81 -18.52 -5.23
N ASP A 38 -31.15 -18.16 -6.46
CA ASP A 38 -32.19 -18.86 -7.24
C ASP A 38 -33.49 -18.91 -6.45
N LYS A 39 -33.91 -17.72 -6.02
CA LYS A 39 -35.11 -17.56 -5.24
C LYS A 39 -35.65 -16.15 -5.44
N LYS A 40 -36.97 -16.01 -5.45
CA LYS A 40 -37.58 -14.69 -5.59
C LYS A 40 -37.38 -13.91 -4.29
N VAL A 41 -37.19 -12.59 -4.43
CA VAL A 41 -37.00 -11.68 -3.30
C VAL A 41 -38.06 -10.60 -3.40
N GLN A 42 -38.65 -10.27 -2.23
CA GLN A 42 -39.49 -9.09 -2.07
C GLN A 42 -38.81 -8.14 -1.09
N LEU A 43 -38.51 -6.94 -1.55
CA LEU A 43 -37.87 -5.91 -0.72
C LEU A 43 -38.91 -5.20 0.13
N ILE A 44 -38.53 -4.92 1.38
CA ILE A 44 -39.38 -4.29 2.36
C ILE A 44 -38.65 -3.12 2.99
N VAL A 45 -39.39 -2.03 3.21
CA VAL A 45 -38.86 -0.84 3.88
C VAL A 45 -39.96 -0.34 4.77
N THR A 46 -39.71 -0.33 6.08
CA THR A 46 -40.72 0.03 7.10
C THR A 46 -40.62 1.49 7.47
N THR A 47 -41.71 2.03 8.04
CA THR A 47 -41.77 3.44 8.47
C THR A 47 -40.86 3.69 9.67
N ASP A 48 -40.79 2.74 10.63
CA ASP A 48 -39.88 2.84 11.82
C ASP A 48 -39.24 1.49 12.26
N TYR A 49 -38.35 1.56 13.25
CA TYR A 49 -37.72 0.34 13.78
C TYR A 49 -38.66 -0.65 14.49
N SER A 50 -39.65 -0.15 15.23
CA SER A 50 -40.62 -1.02 15.95
C SER A 50 -41.41 -1.92 15.02
N SER A 51 -41.76 -1.40 13.84
CA SER A 51 -42.56 -2.14 12.83
C SER A 51 -41.74 -3.30 12.28
N MET A 52 -40.51 -2.96 11.91
CA MET A 52 -39.53 -3.91 11.39
C MET A 52 -39.22 -5.03 12.39
N ILE A 53 -38.90 -4.64 13.61
CA ILE A 53 -38.52 -5.56 14.70
C ILE A 53 -39.64 -6.53 15.00
N GLU A 54 -40.88 -6.00 15.05
CA GLU A 54 -42.08 -6.82 15.39
C GLU A 54 -42.48 -7.68 14.23
N ALA A 55 -42.34 -7.17 13.00
CA ALA A 55 -42.69 -7.98 11.82
C ALA A 55 -41.75 -9.20 11.63
N MET A 56 -40.46 -9.03 11.96
CA MET A 56 -39.47 -10.12 11.92
C MET A 56 -39.76 -11.15 13.03
N ARG A 57 -40.00 -10.63 14.23
CA ARG A 57 -40.41 -11.45 15.36
C ARG A 57 -41.54 -12.41 15.01
N PHE A 58 -42.50 -11.93 14.23
CA PHE A 58 -43.67 -12.70 13.87
C PHE A 58 -43.66 -13.28 12.46
N GLY A 59 -42.46 -13.49 11.88
CA GLY A 59 -42.28 -14.21 10.59
C GLY A 59 -42.67 -13.49 9.30
N ARG A 60 -42.74 -12.17 9.34
CA ARG A 60 -43.16 -11.38 8.15
C ARG A 60 -42.02 -10.58 7.47
N ILE A 61 -40.83 -10.61 8.10
CA ILE A 61 -39.53 -10.29 7.48
C ILE A 61 -38.59 -11.49 7.70
N ASP A 62 -37.81 -11.85 6.68
CA ASP A 62 -36.92 -13.04 6.72
C ASP A 62 -35.48 -12.69 6.99
N LEU A 63 -34.94 -11.79 6.16
CA LEU A 63 -33.67 -11.17 6.36
C LEU A 63 -33.94 -9.69 6.57
N ALA A 64 -33.11 -9.04 7.39
CA ALA A 64 -33.26 -7.63 7.71
C ALA A 64 -31.91 -6.95 7.97
N TYR A 65 -31.82 -5.66 7.61
CA TYR A 65 -30.60 -4.87 7.80
C TYR A 65 -30.87 -3.83 8.88
N PHE A 66 -30.09 -3.89 9.97
CA PHE A 66 -30.30 -3.09 11.16
C PHE A 66 -29.11 -2.21 11.40
N GLY A 67 -29.32 -1.15 12.18
CA GLY A 67 -28.25 -0.52 12.92
C GLY A 67 -27.88 -1.44 14.08
N PRO A 68 -26.66 -1.34 14.59
CA PRO A 68 -26.24 -2.14 15.74
C PRO A 68 -27.12 -2.05 16.99
N LEU A 69 -27.56 -0.84 17.35
CA LEU A 69 -28.35 -0.68 18.57
C LEU A 69 -29.73 -1.30 18.39
N SER A 70 -30.32 -0.96 17.25
CA SER A 70 -31.51 -1.59 16.76
C SER A 70 -31.44 -3.11 16.68
N TYR A 71 -30.32 -3.66 16.18
CA TYR A 71 -30.14 -5.12 16.13
C TYR A 71 -30.28 -5.72 17.53
N VAL A 72 -29.60 -5.13 18.51
CA VAL A 72 -29.64 -5.60 19.90
C VAL A 72 -31.05 -5.62 20.49
N MET A 73 -31.87 -4.63 20.14
CA MET A 73 -33.27 -4.66 20.51
C MET A 73 -34.02 -5.80 19.81
N ALA A 74 -33.84 -5.91 18.49
CA ALA A 74 -34.50 -6.97 17.70
C ALA A 74 -34.19 -8.39 18.22
N LYS A 75 -32.94 -8.60 18.64
CA LYS A 75 -32.49 -9.89 19.17
C LYS A 75 -33.12 -10.29 20.52
N SER A 76 -33.35 -9.31 21.40
CA SER A 76 -34.01 -9.51 22.71
C SER A 76 -35.45 -9.95 22.58
N LYS A 77 -36.11 -9.49 21.52
CA LYS A 77 -37.52 -9.84 21.25
C LYS A 77 -37.76 -10.99 20.26
N SER A 78 -36.73 -11.51 19.58
CA SER A 78 -36.94 -12.60 18.60
C SER A 78 -35.72 -13.49 18.29
N ASP A 79 -36.01 -14.70 17.84
CA ASP A 79 -34.96 -15.67 17.52
C ASP A 79 -34.43 -15.38 16.09
N ILE A 80 -33.52 -14.40 16.02
CA ILE A 80 -32.77 -14.05 14.82
C ILE A 80 -31.26 -14.28 15.02
N GLU A 81 -30.50 -14.24 13.92
CA GLU A 81 -29.05 -14.35 13.99
C GLU A 81 -28.40 -13.45 12.93
N PRO A 82 -27.39 -12.66 13.33
CA PRO A 82 -26.64 -11.94 12.33
C PRO A 82 -25.67 -12.88 11.61
N PHE A 83 -25.44 -12.60 10.34
CA PHE A 83 -24.60 -13.46 9.52
C PHE A 83 -23.61 -12.70 8.68
N ALA A 84 -23.87 -11.42 8.42
CA ALA A 84 -22.88 -10.52 7.83
C ALA A 84 -23.05 -9.07 8.32
N ALA A 85 -22.01 -8.27 8.20
CA ALA A 85 -22.10 -6.86 8.58
C ALA A 85 -21.33 -6.00 7.59
N MET A 86 -21.70 -4.72 7.57
CA MET A 86 -21.07 -3.73 6.68
C MET A 86 -19.58 -3.59 6.95
N VAL A 87 -18.80 -3.70 5.87
CA VAL A 87 -17.35 -3.44 5.88
C VAL A 87 -17.10 -2.02 5.40
N ILE A 88 -16.40 -1.25 6.21
CA ILE A 88 -15.85 0.02 5.78
C ILE A 88 -14.50 0.14 6.53
N ASP A 89 -13.53 0.78 5.85
CA ASP A 89 -12.14 0.81 6.32
C ASP A 89 -11.53 -0.57 6.58
N GLY A 90 -11.90 -1.52 5.72
CA GLY A 90 -11.29 -2.85 5.71
C GLY A 90 -11.84 -3.87 6.68
N LYS A 91 -12.76 -3.48 7.58
CA LYS A 91 -13.40 -4.50 8.52
C LYS A 91 -14.84 -4.17 8.98
N PRO A 92 -15.58 -5.20 9.50
CA PRO A 92 -16.97 -4.97 9.98
C PRO A 92 -17.06 -4.41 11.42
N THR A 93 -15.98 -3.81 11.92
CA THR A 93 -15.91 -3.27 13.28
C THR A 93 -15.03 -1.98 13.28
N TYR A 94 -15.05 -1.23 14.38
CA TYR A 94 -14.32 0.05 14.49
C TYR A 94 -14.05 0.32 15.92
N ARG A 95 -13.14 1.25 16.16
CA ARG A 95 -12.77 1.64 17.47
C ARG A 95 -12.86 3.13 17.66
N SER A 96 -12.78 3.50 18.92
CA SER A 96 -12.66 4.84 19.33
C SER A 96 -11.22 4.95 19.88
N VAL A 97 -10.64 6.13 19.70
CA VAL A 97 -9.33 6.49 20.25
C VAL A 97 -9.54 7.61 21.26
N ILE A 98 -8.80 7.58 22.36
CA ILE A 98 -8.79 8.70 23.30
C ILE A 98 -7.46 9.39 23.05
N ILE A 99 -7.50 10.70 22.87
CA ILE A 99 -6.30 11.49 22.63
C ILE A 99 -6.19 12.44 23.79
N ALA A 100 -4.99 12.97 24.00
CA ALA A 100 -4.75 13.96 25.04
C ALA A 100 -3.85 15.09 24.51
N ASN A 101 -4.15 16.32 24.95
CA ASN A 101 -3.31 17.47 24.71
C ASN A 101 -1.95 17.23 25.37
N VAL A 102 -0.90 17.24 24.54
CA VAL A 102 0.48 17.02 24.94
C VAL A 102 0.89 17.94 26.08
N ALA A 103 0.46 19.18 26.02
CA ALA A 103 0.84 20.18 27.01
C ALA A 103 0.11 20.02 28.34
N SER A 104 -1.01 19.28 28.37
CA SER A 104 -1.78 19.12 29.60
C SER A 104 -1.13 18.15 30.64
N GLY A 105 -0.05 17.45 30.27
CA GLY A 105 0.63 16.55 31.18
C GLY A 105 -0.19 15.33 31.56
N VAL A 106 -1.17 15.00 30.72
CA VAL A 106 -2.02 13.84 30.94
C VAL A 106 -1.33 12.72 30.21
N ASN A 107 -0.78 11.80 30.99
CA ASN A 107 -0.07 10.64 30.48
C ASN A 107 -0.90 9.34 30.49
N GLU A 108 -2.03 9.30 31.22
CA GLU A 108 -2.79 8.04 31.47
C GLU A 108 -4.28 8.35 31.75
N TYR A 109 -5.20 7.41 31.52
CA TYR A 109 -6.64 7.69 31.75
C TYR A 109 -6.94 8.27 33.13
N ALA A 110 -6.32 7.69 34.16
CA ALA A 110 -6.43 8.16 35.55
C ALA A 110 -6.17 9.67 35.76
N ASP A 111 -5.29 10.27 34.95
CA ASP A 111 -4.95 11.70 35.09
C ASP A 111 -6.07 12.65 34.60
N LEU A 112 -7.13 12.11 34.01
CA LEU A 112 -8.29 12.91 33.60
C LEU A 112 -9.15 13.39 34.77
N LYS A 113 -8.85 12.87 35.98
CA LYS A 113 -9.39 13.35 37.27
C LYS A 113 -9.36 14.86 37.35
N GLY A 114 -10.53 15.47 37.44
CA GLY A 114 -10.64 16.92 37.51
C GLY A 114 -10.15 17.72 36.30
N LYS A 115 -10.12 17.10 35.12
CA LYS A 115 -9.69 17.75 33.85
C LYS A 115 -10.88 17.86 32.88
N ARG A 116 -10.64 18.45 31.71
CA ARG A 116 -11.68 18.65 30.71
C ARG A 116 -11.61 17.61 29.58
N MET A 117 -12.76 16.99 29.32
CA MET A 117 -12.93 15.93 28.29
C MET A 117 -13.88 16.38 27.18
N ALA A 118 -13.43 16.26 25.93
CA ALA A 118 -14.23 16.63 24.75
C ALA A 118 -14.91 15.40 24.22
N TYR A 119 -16.20 15.53 23.96
CA TYR A 119 -17.00 14.49 23.28
C TYR A 119 -17.65 15.13 22.06
N GLY A 120 -18.06 14.31 21.09
CA GLY A 120 -18.74 14.85 19.92
C GLY A 120 -20.20 15.13 20.23
N ASP A 121 -21.05 14.19 19.79
CA ASP A 121 -22.49 14.33 19.86
C ASP A 121 -22.96 13.39 20.94
N ARG A 122 -23.86 13.87 21.80
CA ARG A 122 -24.44 13.04 22.86
C ARG A 122 -24.88 11.61 22.39
N ALA A 123 -25.29 11.51 21.12
CA ALA A 123 -25.75 10.27 20.50
C ALA A 123 -24.68 9.39 19.85
N SER A 124 -23.50 9.93 19.60
CA SER A 124 -22.43 9.17 18.97
C SER A 124 -21.85 8.03 19.85
N THR A 125 -21.63 6.86 19.26
CA THR A 125 -20.93 5.80 19.99
C THR A 125 -19.43 6.16 20.01
N SER A 126 -18.82 6.17 18.83
CA SER A 126 -17.38 6.48 18.64
C SER A 126 -16.85 7.77 19.27
N SER A 127 -17.69 8.81 19.38
CA SER A 127 -17.29 10.09 20.03
C SER A 127 -18.04 10.45 21.33
N HIS A 128 -18.89 9.57 21.87
CA HIS A 128 -19.39 9.78 23.23
C HIS A 128 -19.48 8.48 24.03
N LEU A 129 -20.40 7.61 23.67
CA LEU A 129 -20.74 6.49 24.54
C LEU A 129 -19.51 5.59 24.78
N ILE A 130 -18.83 5.20 23.69
CA ILE A 130 -17.61 4.36 23.76
C ILE A 130 -16.48 4.99 24.60
N PRO A 131 -16.00 6.19 24.24
CA PRO A 131 -14.95 6.74 25.05
C PRO A 131 -15.32 6.94 26.54
N LYS A 132 -16.57 7.29 26.82
CA LYS A 132 -17.10 7.38 28.20
C LYS A 132 -17.00 6.03 28.94
N THR A 133 -17.43 4.95 28.28
CA THR A 133 -17.29 3.60 28.79
C THR A 133 -15.82 3.28 29.14
N VAL A 134 -14.90 3.58 28.23
CA VAL A 134 -13.49 3.28 28.43
C VAL A 134 -13.02 3.91 29.73
N LEU A 135 -13.38 5.17 29.95
CA LEU A 135 -12.93 5.88 31.13
C LEU A 135 -13.48 5.30 32.43
N LEU A 136 -14.73 4.84 32.36
CA LEU A 136 -15.41 4.23 33.50
C LEU A 136 -14.81 2.85 33.80
N GLU A 137 -14.77 1.98 32.80
CA GLU A 137 -14.20 0.63 32.96
C GLU A 137 -12.73 0.60 33.41
N THR A 138 -11.92 1.56 32.95
CA THR A 138 -10.48 1.52 33.16
C THR A 138 -10.06 2.30 34.38
N ALA A 139 -10.71 3.43 34.61
CA ALA A 139 -10.30 4.34 35.68
C ALA A 139 -11.40 4.73 36.65
N ASP A 140 -12.61 4.18 36.49
CA ASP A 140 -13.77 4.51 37.40
C ASP A 140 -14.17 5.98 37.36
N LEU A 141 -13.96 6.61 36.22
CA LEU A 141 -14.20 8.03 36.01
C LEU A 141 -15.56 8.24 35.37
N THR A 142 -16.44 8.93 36.08
CA THR A 142 -17.80 9.20 35.61
C THR A 142 -17.90 10.65 35.10
N GLY A 143 -18.46 10.79 33.91
CA GLY A 143 -18.68 12.10 33.31
C GLY A 143 -19.62 12.94 34.14
N GLY A 144 -19.30 14.22 34.29
CA GLY A 144 -20.01 15.13 35.16
C GLY A 144 -19.40 15.12 36.56
N GLN A 145 -19.14 13.93 37.09
CA GLN A 145 -18.75 13.73 38.48
C GLN A 145 -17.25 13.88 38.66
N ASP A 146 -16.46 13.04 37.95
CA ASP A 146 -14.98 13.04 38.14
C ASP A 146 -14.19 13.76 37.06
N TYR A 147 -14.87 14.23 36.02
CA TYR A 147 -14.25 15.14 35.06
C TYR A 147 -15.31 16.04 34.43
N GLU A 148 -14.82 17.14 33.87
CA GLU A 148 -15.66 18.13 33.21
C GLU A 148 -15.83 17.65 31.78
N GLN A 149 -17.08 17.57 31.33
CA GLN A 149 -17.41 17.04 30.00
C GLN A 149 -18.07 18.07 29.08
N HIS A 150 -17.44 18.26 27.92
CA HIS A 150 -17.83 19.22 26.88
C HIS A 150 -18.31 18.42 25.64
N PHE A 151 -19.53 18.68 25.19
CA PHE A 151 -19.99 18.13 23.92
C PHE A 151 -19.84 19.19 22.81
N VAL A 152 -18.90 18.97 21.88
CA VAL A 152 -18.46 20.01 20.92
C VAL A 152 -18.97 19.82 19.50
N GLY A 153 -19.76 18.78 19.25
CA GLY A 153 -20.55 18.68 18.03
C GLY A 153 -20.20 17.49 17.14
N THR A 154 -18.95 17.42 16.71
CA THR A 154 -18.51 16.42 15.74
C THR A 154 -17.17 15.85 16.17
N HIS A 155 -16.83 14.75 15.53
CA HIS A 155 -15.50 14.12 15.65
C HIS A 155 -14.37 15.09 15.34
N ASP A 156 -14.46 15.83 14.22
CA ASP A 156 -13.41 16.79 13.87
C ASP A 156 -13.28 17.79 15.00
N ALA A 157 -14.42 18.22 15.56
CA ALA A 157 -14.36 19.20 16.66
C ALA A 157 -13.68 18.67 17.91
N VAL A 158 -13.85 17.39 18.24
CA VAL A 158 -13.07 16.80 19.36
C VAL A 158 -11.56 17.00 19.15
N ALA A 159 -11.03 16.49 18.03
CA ALA A 159 -9.59 16.66 17.66
C ALA A 159 -9.14 18.09 17.75
N VAL A 160 -9.93 19.01 17.23
CA VAL A 160 -9.58 20.46 17.23
C VAL A 160 -9.54 20.98 18.68
N ASN A 161 -10.61 20.70 19.43
CA ASN A 161 -10.70 21.13 20.85
C ASN A 161 -9.59 20.59 21.75
N VAL A 162 -9.14 19.37 21.49
CA VAL A 162 -8.00 18.83 22.23
C VAL A 162 -6.67 19.48 21.79
N ALA A 163 -6.45 19.54 20.49
CA ALA A 163 -5.24 20.12 19.89
C ALA A 163 -5.03 21.57 20.27
N ASN A 164 -6.07 22.40 20.26
CA ASN A 164 -5.92 23.85 20.60
C ASN A 164 -5.98 24.17 22.11
N GLY A 165 -6.04 23.17 22.98
CA GLY A 165 -5.96 23.38 24.43
C GLY A 165 -7.27 23.56 25.20
N ASN A 166 -8.41 23.68 24.50
CA ASN A 166 -9.70 23.92 25.15
C ASN A 166 -10.24 22.69 25.90
N ALA A 167 -9.70 21.50 25.59
CA ALA A 167 -9.89 20.29 26.39
C ALA A 167 -8.53 19.67 26.63
N ASP A 168 -8.45 18.85 27.68
CA ASP A 168 -7.21 18.14 27.99
C ASP A 168 -7.16 16.82 27.23
N ALA A 169 -8.34 16.33 26.88
CA ALA A 169 -8.46 15.06 26.22
C ALA A 169 -9.82 14.91 25.59
N GLY A 170 -9.95 13.88 24.79
CA GLY A 170 -11.18 13.67 24.06
C GLY A 170 -11.22 12.36 23.39
N GLY A 171 -12.42 11.97 23.01
CA GLY A 171 -12.67 10.63 22.47
C GLY A 171 -13.33 10.84 21.13
N LEU A 172 -12.82 10.15 20.12
CA LEU A 172 -13.39 10.23 18.77
C LEU A 172 -13.11 8.93 18.03
N SER A 173 -13.62 8.86 16.81
CA SER A 173 -13.40 7.73 15.94
C SER A 173 -11.90 7.62 15.57
N GLU A 174 -11.38 6.40 15.61
CA GLU A 174 -9.99 6.13 15.27
C GLU A 174 -9.70 6.58 13.83
N VAL A 175 -10.59 6.14 12.95
CA VAL A 175 -10.54 6.43 11.54
C VAL A 175 -10.44 7.93 11.34
N ILE A 176 -11.34 8.71 11.95
CA ILE A 176 -11.35 10.17 11.69
C ILE A 176 -10.12 10.82 12.31
N PHE A 177 -9.72 10.41 13.51
CA PHE A 177 -8.50 10.97 14.09
C PHE A 177 -7.28 10.75 13.14
N ASN A 178 -7.26 9.61 12.46
CA ASN A 178 -6.10 9.21 11.64
C ASN A 178 -5.85 10.08 10.41
N HIS A 179 -6.85 10.86 10.01
CA HIS A 179 -6.69 11.82 8.96
C HIS A 179 -6.91 13.25 9.42
N ALA A 180 -7.07 13.47 10.73
CA ALA A 180 -7.37 14.83 11.23
C ALA A 180 -6.19 15.73 10.85
N ALA A 181 -4.96 15.28 11.14
CA ALA A 181 -3.75 16.04 10.76
C ALA A 181 -3.50 16.11 9.27
N GLU A 182 -3.68 14.99 8.56
CA GLU A 182 -3.58 14.91 7.11
C GLU A 182 -4.41 16.02 6.38
N ARG A 183 -5.60 16.26 6.91
CA ARG A 183 -6.54 17.29 6.46
C ARG A 183 -6.20 18.70 6.98
N GLY A 184 -5.17 18.82 7.81
CA GLY A 184 -4.76 20.10 8.39
C GLY A 184 -5.61 20.64 9.53
N LEU A 185 -6.53 19.86 10.08
CA LEU A 185 -7.35 20.28 11.21
C LEU A 185 -6.56 20.57 12.50
N ILE A 186 -5.50 19.81 12.72
CA ILE A 186 -4.72 19.94 13.94
C ILE A 186 -3.23 19.86 13.60
N ASP A 187 -2.42 20.55 14.39
CA ASP A 187 -1.00 20.19 14.51
C ASP A 187 -0.83 18.82 15.26
N PRO A 188 -0.32 17.78 14.56
CA PRO A 188 -0.16 16.47 15.23
C PRO A 188 0.90 16.43 16.35
N SER A 189 1.78 17.42 16.44
CA SER A 189 2.74 17.53 17.56
C SER A 189 2.12 18.01 18.87
N LYS A 190 0.82 18.38 18.86
CA LYS A 190 0.12 18.86 20.04
C LYS A 190 -0.79 17.82 20.70
N VAL A 191 -0.92 16.63 20.11
CA VAL A 191 -1.76 15.57 20.71
C VAL A 191 -1.03 14.25 20.66
N LYS A 192 -1.40 13.37 21.58
CA LYS A 192 -0.91 11.99 21.58
C LYS A 192 -2.07 11.03 21.90
N VAL A 193 -1.94 9.82 21.44
CA VAL A 193 -2.91 8.76 21.72
C VAL A 193 -2.65 8.21 23.14
N LEU A 194 -3.66 8.22 24.01
CA LEU A 194 -3.64 7.43 25.25
C LEU A 194 -4.05 5.97 25.05
N GLY A 195 -5.08 5.73 24.27
CA GLY A 195 -5.41 4.36 23.94
C GLY A 195 -6.66 4.22 23.15
N TYR A 196 -7.01 2.97 22.92
CA TYR A 196 -8.14 2.57 22.06
C TYR A 196 -9.18 1.78 22.84
N SER A 197 -10.43 1.95 22.44
CA SER A 197 -11.51 1.10 22.91
C SER A 197 -11.37 -0.26 22.29
N GLY A 198 -12.25 -1.18 22.69
CA GLY A 198 -12.37 -2.48 22.03
C GLY A 198 -13.03 -2.25 20.67
N GLU A 199 -13.17 -3.34 19.92
CA GLU A 199 -13.81 -3.35 18.62
C GLU A 199 -15.33 -3.35 18.79
N TYR A 200 -15.97 -2.34 18.23
CA TYR A 200 -17.45 -2.26 18.19
C TYR A 200 -17.90 -2.62 16.80
N PRO A 201 -19.09 -3.25 16.68
CA PRO A 201 -19.63 -3.72 15.42
C PRO A 201 -20.37 -2.68 14.53
N GLN A 202 -20.42 -2.99 13.24
CA GLN A 202 -21.11 -2.21 12.24
C GLN A 202 -22.51 -2.84 12.01
N TYR A 203 -23.29 -2.19 11.14
CA TYR A 203 -24.63 -2.60 10.71
C TYR A 203 -24.70 -4.07 10.33
N PRO A 204 -25.44 -4.92 11.10
CA PRO A 204 -25.60 -6.32 10.67
C PRO A 204 -26.78 -6.56 9.72
N TRP A 205 -26.59 -7.48 8.81
CA TRP A 205 -27.66 -8.21 8.19
C TRP A 205 -27.99 -9.33 9.15
N ALA A 206 -29.29 -9.55 9.37
CA ALA A 206 -29.72 -10.59 10.28
C ALA A 206 -30.79 -11.42 9.61
N MET A 207 -30.90 -12.69 9.99
CA MET A 207 -31.99 -13.58 9.51
C MET A 207 -32.74 -14.31 10.63
N ARG A 208 -33.98 -14.73 10.32
CA ARG A 208 -34.78 -15.58 11.22
C ARG A 208 -34.14 -16.97 11.36
N SER A 209 -33.86 -17.39 12.60
CA SER A 209 -33.19 -18.69 12.83
C SER A 209 -33.94 -19.94 12.38
N ASN A 210 -35.27 -19.86 12.31
CA ASN A 210 -36.06 -21.04 11.92
C ASN A 210 -36.30 -21.18 10.41
N LEU A 211 -35.57 -20.42 9.60
CA LEU A 211 -35.36 -20.80 8.20
C LEU A 211 -34.48 -22.08 8.18
N SER A 212 -34.63 -22.87 7.14
CA SER A 212 -33.89 -24.13 7.00
C SER A 212 -32.39 -23.86 6.94
N PRO A 213 -31.56 -24.75 7.51
CA PRO A 213 -30.11 -24.50 7.45
C PRO A 213 -29.52 -24.46 6.03
N GLU A 214 -30.21 -25.05 5.04
CA GLU A 214 -29.73 -25.07 3.66
C GLU A 214 -29.82 -23.63 3.13
N LEU A 215 -31.01 -23.04 3.29
CA LEU A 215 -31.24 -21.65 2.94
C LEU A 215 -30.33 -20.69 3.73
N LYS A 216 -30.27 -20.86 5.04
CA LYS A 216 -29.50 -19.94 5.88
C LYS A 216 -28.03 -19.93 5.45
N THR A 217 -27.46 -21.12 5.25
CA THR A 217 -26.05 -21.26 4.88
C THR A 217 -25.82 -20.56 3.54
N LYS A 218 -26.70 -20.85 2.59
CA LYS A 218 -26.59 -20.27 1.25
C LYS A 218 -26.73 -18.71 1.25
N VAL A 219 -27.71 -18.20 2.01
CA VAL A 219 -27.85 -16.75 2.29
C VAL A 219 -26.56 -16.12 2.77
N ARG A 220 -25.95 -16.73 3.79
CA ARG A 220 -24.72 -16.16 4.36
C ARG A 220 -23.56 -16.11 3.35
N ASP A 221 -23.36 -17.19 2.59
CA ASP A 221 -22.31 -17.24 1.58
C ASP A 221 -22.55 -16.17 0.50
N VAL A 222 -23.78 -16.07 0.04
CA VAL A 222 -24.11 -15.15 -1.03
C VAL A 222 -23.83 -13.71 -0.62
N PHE A 223 -24.31 -13.29 0.55
CA PHE A 223 -24.13 -11.93 1.05
C PHE A 223 -22.66 -11.59 1.27
N VAL A 224 -21.93 -12.52 1.90
CA VAL A 224 -20.49 -12.35 2.16
C VAL A 224 -19.71 -12.20 0.86
N GLY A 225 -20.13 -12.90 -0.19
CA GLY A 225 -19.50 -12.80 -1.52
C GLY A 225 -19.92 -11.65 -2.42
N ILE A 226 -20.82 -10.77 -1.98
CA ILE A 226 -21.24 -9.65 -2.83
C ILE A 226 -20.02 -8.76 -3.14
N ASP A 227 -19.69 -8.63 -4.42
CA ASP A 227 -18.60 -7.78 -4.89
C ASP A 227 -19.08 -6.74 -5.92
N ASP A 228 -20.38 -6.59 -6.05
CA ASP A 228 -20.96 -5.78 -7.07
C ASP A 228 -21.07 -4.39 -6.46
N PRO A 229 -20.36 -3.39 -7.04
CA PRO A 229 -20.39 -2.03 -6.45
C PRO A 229 -21.73 -1.33 -6.49
N GLU A 230 -22.59 -1.70 -7.44
CA GLU A 230 -23.92 -1.10 -7.56
C GLU A 230 -24.82 -1.51 -6.38
N VAL A 231 -24.73 -2.78 -5.98
CA VAL A 231 -25.34 -3.27 -4.73
C VAL A 231 -24.72 -2.56 -3.54
N LEU A 232 -23.38 -2.59 -3.47
CA LEU A 232 -22.63 -2.17 -2.28
C LEU A 232 -22.70 -0.68 -1.99
N ARG A 233 -22.81 0.16 -3.03
CA ARG A 233 -22.69 1.61 -2.86
C ARG A 233 -23.86 2.17 -2.09
N ASN A 234 -25.03 1.53 -2.24
CA ASN A 234 -26.24 1.90 -1.47
C ASN A 234 -26.12 1.74 0.05
N PHE A 235 -25.27 0.81 0.48
CA PHE A 235 -24.92 0.61 1.90
C PHE A 235 -23.63 1.33 2.35
N LYS A 236 -22.99 2.04 1.41
CA LYS A 236 -21.73 2.78 1.65
C LYS A 236 -20.69 1.82 2.19
N ALA A 237 -20.64 0.63 1.58
CA ALA A 237 -19.87 -0.49 2.06
C ALA A 237 -18.90 -0.89 0.99
N GLU A 238 -17.75 -1.39 1.42
CA GLU A 238 -16.74 -1.96 0.54
C GLU A 238 -17.00 -3.44 0.31
N ALA A 239 -17.85 -4.04 1.17
CA ALA A 239 -18.09 -5.48 1.26
C ALA A 239 -19.08 -5.79 2.43
N PHE A 240 -19.51 -7.04 2.50
CA PHE A 240 -20.14 -7.57 3.71
C PHE A 240 -19.26 -8.71 4.20
N ALA A 241 -18.97 -8.78 5.50
CA ALA A 241 -18.10 -9.82 6.08
C ALA A 241 -18.85 -10.59 7.20
N PRO A 242 -18.42 -11.85 7.54
CA PRO A 242 -19.06 -12.56 8.68
C PRO A 242 -19.14 -11.78 9.97
N ILE A 243 -20.26 -11.88 10.67
CA ILE A 243 -20.39 -11.34 12.00
C ILE A 243 -21.31 -12.32 12.77
N THR A 244 -21.16 -12.38 14.08
CA THR A 244 -22.01 -13.20 14.95
C THR A 244 -22.61 -12.37 16.05
N ASP A 245 -23.59 -12.96 16.72
CA ASP A 245 -24.28 -12.31 17.82
C ASP A 245 -23.30 -11.84 18.92
N ALA A 246 -22.34 -12.68 19.21
CA ALA A 246 -21.29 -12.38 20.22
C ALA A 246 -20.51 -11.08 19.93
N ASP A 247 -20.46 -10.70 18.66
CA ASP A 247 -19.84 -9.41 18.31
C ASP A 247 -20.61 -8.16 18.81
N TYR A 248 -21.81 -8.32 19.39
CA TYR A 248 -22.63 -7.17 19.86
C TYR A 248 -22.75 -7.14 21.37
N ASP A 249 -21.97 -7.99 22.05
CA ASP A 249 -22.01 -8.03 23.51
C ASP A 249 -21.39 -6.77 24.04
N VAL A 250 -20.39 -6.30 23.32
CA VAL A 250 -19.67 -5.11 23.72
C VAL A 250 -20.60 -3.87 23.70
N ILE A 251 -21.66 -3.94 22.88
CA ILE A 251 -22.75 -2.95 22.89
C ILE A 251 -23.76 -3.16 24.03
N ARG A 252 -24.24 -4.40 24.20
CA ARG A 252 -25.00 -4.79 25.43
C ARG A 252 -24.33 -4.28 26.72
N ASN A 253 -23.04 -4.55 26.85
CA ASN A 253 -22.27 -4.20 28.06
C ASN A 253 -22.19 -2.69 28.24
N MET A 254 -22.02 -1.97 27.13
CA MET A 254 -22.05 -0.50 27.13
C MET A 254 -23.40 0.07 27.56
N GLY A 255 -24.48 -0.54 27.09
CA GLY A 255 -25.83 -0.15 27.53
C GLY A 255 -25.91 -0.17 29.05
N SER A 256 -25.71 -1.35 29.60
CA SER A 256 -25.69 -1.57 31.04
C SER A 256 -24.81 -0.59 31.80
N LEU A 257 -23.50 -0.63 31.56
CA LEU A 257 -22.56 0.24 32.26
C LEU A 257 -23.03 1.69 32.41
N LEU A 258 -23.59 2.26 31.35
CA LEU A 258 -23.99 3.69 31.33
C LEU A 258 -25.47 3.95 31.63
N GLY A 259 -26.27 2.89 31.63
CA GLY A 259 -27.68 2.97 31.97
C GLY A 259 -28.51 3.48 30.81
N LEU A 260 -28.19 2.99 29.59
CA LEU A 260 -28.88 3.41 28.37
C LEU A 260 -30.11 2.56 28.09
N ASP A 261 -31.16 3.25 27.64
CA ASP A 261 -32.35 2.60 27.13
C ASP A 261 -32.40 2.85 25.63
N PHE A 262 -32.17 1.78 24.86
CA PHE A 262 -32.00 1.89 23.43
C PHE A 262 -33.22 2.52 22.67
N ALA A 263 -34.44 2.35 23.20
CA ALA A 263 -35.56 3.19 22.74
C ALA A 263 -35.44 4.63 23.33
N ALA B 2 -25.20 -20.76 40.26
CA ALA B 2 -24.75 -22.15 40.04
C ALA B 2 -24.64 -22.85 41.38
N ASP B 3 -25.59 -23.71 41.73
CA ASP B 3 -25.38 -24.68 42.80
C ASP B 3 -24.49 -25.80 42.30
N ALA B 4 -23.56 -26.20 43.16
CA ALA B 4 -22.63 -27.26 42.88
C ALA B 4 -23.31 -28.62 42.94
N ASP B 5 -24.39 -28.75 43.71
CA ASP B 5 -25.03 -30.02 43.94
C ASP B 5 -26.52 -29.76 44.09
N PRO B 6 -27.15 -29.34 42.99
CA PRO B 6 -28.51 -28.84 43.11
C PRO B 6 -29.49 -29.91 43.53
N ASP B 7 -30.53 -29.46 44.20
CA ASP B 7 -31.61 -30.28 44.73
C ASP B 7 -32.33 -30.97 43.56
N VAL B 8 -32.61 -30.20 42.51
CA VAL B 8 -33.21 -30.65 41.27
C VAL B 8 -32.22 -30.46 40.12
N LEU B 9 -31.80 -31.57 39.51
CA LEU B 9 -31.05 -31.50 38.24
C LEU B 9 -31.97 -31.10 37.05
N LYS B 10 -31.54 -30.08 36.33
CA LYS B 10 -32.31 -29.58 35.21
C LYS B 10 -31.64 -30.20 33.98
N VAL B 11 -32.34 -31.12 33.32
CA VAL B 11 -31.73 -31.90 32.22
C VAL B 11 -32.42 -31.58 30.92
N ALA B 12 -31.69 -30.92 30.02
CA ALA B 12 -32.25 -30.42 28.78
C ALA B 12 -32.12 -31.43 27.61
N LEU B 13 -33.15 -31.49 26.78
CA LEU B 13 -33.11 -32.34 25.58
C LEU B 13 -32.91 -31.40 24.42
N LEU B 14 -32.94 -31.92 23.19
CA LEU B 14 -32.85 -31.03 22.03
C LEU B 14 -34.04 -30.07 22.03
N PRO B 15 -33.83 -28.83 21.53
CA PRO B 15 -34.94 -27.91 21.45
C PRO B 15 -35.99 -28.42 20.47
N ASP B 16 -37.24 -28.02 20.69
CA ASP B 16 -38.40 -28.57 19.97
C ASP B 16 -39.62 -27.71 20.27
N GLU B 17 -40.44 -27.46 19.25
CA GLU B 17 -41.63 -26.62 19.44
C GLU B 17 -42.76 -27.34 20.22
N ASN B 18 -42.81 -28.68 20.14
CA ASN B 18 -43.71 -29.48 20.99
C ASN B 18 -42.97 -29.95 22.23
N ALA B 19 -42.76 -29.02 23.16
CA ALA B 19 -42.05 -29.33 24.41
C ALA B 19 -42.74 -30.44 25.22
N SER B 20 -44.06 -30.36 25.35
CA SER B 20 -44.84 -31.36 26.09
C SER B 20 -44.61 -32.76 25.58
N GLU B 21 -44.81 -32.92 24.27
CA GLU B 21 -44.72 -34.23 23.62
C GLU B 21 -43.36 -34.92 23.93
N LEU B 22 -42.27 -34.16 23.85
CA LEU B 22 -40.92 -34.69 24.03
C LEU B 22 -40.59 -34.99 25.52
N ILE B 23 -41.07 -34.13 26.42
CA ILE B 23 -40.89 -34.38 27.85
C ILE B 23 -41.58 -35.70 28.25
N LYS B 24 -42.80 -35.92 27.76
CA LYS B 24 -43.52 -37.16 28.08
C LYS B 24 -42.89 -38.37 27.39
N ARG B 25 -42.43 -38.20 26.14
CA ARG B 25 -41.70 -39.26 25.42
C ARG B 25 -40.49 -39.75 26.25
N ASN B 26 -39.73 -38.81 26.82
CA ASN B 26 -38.52 -39.09 27.56
C ASN B 26 -38.72 -39.26 29.08
N GLN B 27 -39.95 -39.60 29.47
CA GLN B 27 -40.26 -40.05 30.82
C GLN B 27 -39.29 -41.14 31.26
N PRO B 28 -39.06 -42.16 30.40
CA PRO B 28 -38.22 -43.25 30.87
C PRO B 28 -36.81 -42.81 31.22
N LEU B 29 -36.31 -41.77 30.56
CA LEU B 29 -35.04 -41.14 30.94
C LEU B 29 -35.10 -40.50 32.33
N LYS B 30 -36.08 -39.61 32.53
CA LYS B 30 -36.31 -38.95 33.81
C LYS B 30 -36.32 -39.97 34.93
N ASP B 31 -37.11 -41.02 34.77
CA ASP B 31 -37.21 -42.02 35.81
C ASP B 31 -35.89 -42.73 36.04
N TYR B 32 -35.18 -43.04 34.95
CA TYR B 32 -33.88 -43.74 35.04
C TYR B 32 -32.89 -42.87 35.83
N LEU B 33 -32.81 -41.61 35.44
CA LEU B 33 -31.92 -40.66 36.04
C LEU B 33 -32.23 -40.45 37.53
N GLU B 34 -33.50 -40.49 37.91
CA GLU B 34 -33.89 -40.28 39.32
C GLU B 34 -33.39 -41.42 40.21
N GLU B 35 -33.57 -42.66 39.76
CA GLU B 35 -33.15 -43.85 40.49
C GLU B 35 -31.63 -43.93 40.60
N HIS B 36 -30.94 -43.87 39.46
CA HIS B 36 -29.50 -44.09 39.44
C HIS B 36 -28.67 -42.91 40.02
N LEU B 37 -29.23 -41.70 40.01
CA LEU B 37 -28.58 -40.53 40.65
C LEU B 37 -29.14 -40.24 42.03
N ASP B 38 -30.26 -40.87 42.40
CA ASP B 38 -31.00 -40.53 43.63
C ASP B 38 -31.16 -39.00 43.79
N LYS B 39 -31.57 -38.32 42.72
CA LYS B 39 -31.94 -36.91 42.75
C LYS B 39 -33.19 -36.75 41.93
N LYS B 40 -33.94 -35.71 42.27
CA LYS B 40 -35.05 -35.28 41.44
C LYS B 40 -34.50 -34.63 40.17
N VAL B 41 -35.24 -34.85 39.08
CA VAL B 41 -34.87 -34.42 37.75
C VAL B 41 -36.06 -33.73 37.07
N GLN B 42 -35.80 -32.53 36.54
CA GLN B 42 -36.77 -31.87 35.66
C GLN B 42 -36.21 -31.84 34.26
N LEU B 43 -36.90 -32.50 33.34
CA LEU B 43 -36.58 -32.41 31.93
C LEU B 43 -36.96 -31.04 31.38
N ILE B 44 -36.03 -30.43 30.62
CA ILE B 44 -36.18 -29.10 30.02
C ILE B 44 -36.11 -29.23 28.49
N VAL B 45 -37.01 -28.55 27.79
CA VAL B 45 -36.96 -28.48 26.34
C VAL B 45 -37.21 -27.06 25.95
N THR B 46 -36.18 -26.36 25.48
CA THR B 46 -36.33 -25.00 25.04
C THR B 46 -36.96 -24.95 23.66
N THR B 47 -37.40 -23.75 23.31
CA THR B 47 -37.99 -23.47 21.97
C THR B 47 -36.95 -23.60 20.88
N ASP B 48 -35.74 -23.11 21.11
CA ASP B 48 -34.71 -22.99 20.07
C ASP B 48 -33.30 -23.05 20.66
N TYR B 49 -32.29 -23.05 19.81
CA TYR B 49 -30.91 -23.18 20.29
C TYR B 49 -30.38 -22.00 21.11
N SER B 50 -30.82 -20.79 20.79
CA SER B 50 -30.33 -19.59 21.50
C SER B 50 -30.76 -19.60 22.97
N SER B 51 -32.05 -19.83 23.24
CA SER B 51 -32.58 -19.98 24.60
C SER B 51 -31.74 -21.01 25.34
N MET B 52 -31.52 -22.16 24.70
CA MET B 52 -30.77 -23.25 25.31
C MET B 52 -29.36 -22.84 25.69
N ILE B 53 -28.59 -22.28 24.75
CA ILE B 53 -27.18 -21.88 25.03
C ILE B 53 -27.08 -20.80 26.13
N GLU B 54 -27.95 -19.78 26.05
CA GLU B 54 -28.03 -18.72 27.07
C GLU B 54 -28.42 -19.30 28.43
N ALA B 55 -29.35 -20.26 28.47
CA ALA B 55 -29.73 -20.90 29.72
C ALA B 55 -28.58 -21.67 30.34
N MET B 56 -27.79 -22.33 29.51
CA MET B 56 -26.63 -23.04 30.00
C MET B 56 -25.57 -22.03 30.45
N ARG B 57 -25.43 -20.94 29.71
CA ARG B 57 -24.49 -19.88 30.05
C ARG B 57 -24.72 -19.25 31.41
N PHE B 58 -25.99 -19.15 31.84
CA PHE B 58 -26.32 -18.55 33.13
C PHE B 58 -26.78 -19.60 34.16
N GLY B 59 -26.11 -20.75 34.18
CA GLY B 59 -26.43 -21.86 35.09
C GLY B 59 -27.90 -22.21 35.33
N ARG B 60 -28.74 -22.07 34.31
CA ARG B 60 -30.16 -22.39 34.38
C ARG B 60 -30.43 -23.84 33.93
N ILE B 61 -29.45 -24.47 33.26
CA ILE B 61 -29.51 -25.88 32.92
C ILE B 61 -28.25 -26.52 33.43
N ASP B 62 -28.38 -27.73 33.97
CA ASP B 62 -27.23 -28.44 34.51
C ASP B 62 -26.62 -29.41 33.48
N LEU B 63 -27.46 -30.27 32.91
CA LEU B 63 -27.05 -31.18 31.82
C LEU B 63 -27.83 -30.87 30.54
N ALA B 64 -27.20 -31.11 29.40
CA ALA B 64 -27.76 -30.76 28.11
C ALA B 64 -27.28 -31.70 26.98
N TYR B 65 -28.24 -32.18 26.20
CA TYR B 65 -27.96 -32.98 25.01
C TYR B 65 -27.92 -32.02 23.79
N PHE B 66 -26.72 -31.90 23.22
CA PHE B 66 -26.46 -31.10 22.03
C PHE B 66 -26.20 -31.92 20.77
N GLY B 67 -26.36 -31.25 19.63
CA GLY B 67 -25.78 -31.73 18.39
C GLY B 67 -24.30 -31.46 18.46
N PRO B 68 -23.48 -32.06 17.58
CA PRO B 68 -22.04 -31.74 17.62
C PRO B 68 -21.73 -30.27 17.36
N LEU B 69 -22.42 -29.67 16.38
CA LEU B 69 -22.20 -28.27 16.00
C LEU B 69 -22.73 -27.27 17.03
N SER B 70 -23.93 -27.54 17.52
CA SER B 70 -24.50 -26.76 18.62
C SER B 70 -23.76 -26.93 19.96
N TYR B 71 -23.29 -28.14 20.27
CA TYR B 71 -22.36 -28.30 21.41
C TYR B 71 -21.19 -27.29 21.26
N VAL B 72 -20.60 -27.23 20.06
CA VAL B 72 -19.46 -26.34 19.81
C VAL B 72 -19.82 -24.87 19.97
N MET B 73 -20.99 -24.46 19.46
CA MET B 73 -21.52 -23.11 19.71
C MET B 73 -21.65 -22.85 21.21
N ALA B 74 -22.24 -23.83 21.93
CA ALA B 74 -22.43 -23.75 23.40
C ALA B 74 -21.13 -23.57 24.22
N LYS B 75 -20.07 -24.26 23.80
CA LYS B 75 -18.80 -24.26 24.50
C LYS B 75 -18.08 -22.94 24.40
N SER B 76 -18.11 -22.33 23.22
CA SER B 76 -17.48 -21.02 23.03
C SER B 76 -18.18 -19.86 23.76
N LYS B 77 -19.27 -20.13 24.49
CA LYS B 77 -20.00 -19.15 25.30
C LYS B 77 -20.18 -19.56 26.78
N SER B 78 -19.56 -20.65 27.24
CA SER B 78 -19.88 -21.18 28.57
C SER B 78 -18.99 -22.35 29.02
N ASP B 79 -18.72 -22.41 30.34
CA ASP B 79 -17.80 -23.38 30.93
C ASP B 79 -18.48 -24.71 31.07
N ILE B 80 -18.50 -25.45 29.97
CA ILE B 80 -19.13 -26.76 29.91
C ILE B 80 -18.11 -27.77 29.41
N GLU B 81 -18.55 -29.03 29.37
CA GLU B 81 -17.70 -30.19 29.40
C GLU B 81 -18.57 -31.32 28.80
N PRO B 82 -18.22 -31.85 27.60
CA PRO B 82 -19.00 -32.99 27.13
C PRO B 82 -18.48 -34.21 27.86
N PHE B 83 -19.37 -35.09 28.29
CA PHE B 83 -18.99 -36.27 29.10
C PHE B 83 -19.41 -37.65 28.54
N ALA B 84 -20.35 -37.66 27.60
CA ALA B 84 -20.73 -38.91 26.96
C ALA B 84 -21.37 -38.61 25.61
N ALA B 85 -21.02 -39.39 24.59
CA ALA B 85 -21.57 -39.24 23.24
C ALA B 85 -22.50 -40.40 22.88
N MET B 86 -23.45 -40.09 21.99
CA MET B 86 -24.32 -41.09 21.37
C MET B 86 -23.49 -42.10 20.59
N VAL B 87 -23.71 -43.39 20.87
CA VAL B 87 -23.06 -44.47 20.14
C VAL B 87 -24.03 -44.95 19.09
N ILE B 88 -23.61 -44.94 17.83
CA ILE B 88 -24.40 -45.59 16.76
C ILE B 88 -23.39 -46.24 15.80
N ASP B 89 -23.81 -47.39 15.26
CA ASP B 89 -22.94 -48.22 14.41
C ASP B 89 -21.67 -48.64 15.20
N GLY B 90 -21.85 -48.89 16.49
CA GLY B 90 -20.78 -49.37 17.33
C GLY B 90 -19.80 -48.35 17.89
N LYS B 91 -19.94 -47.06 17.57
CA LYS B 91 -19.00 -46.04 18.10
C LYS B 91 -19.58 -44.64 18.23
N PRO B 92 -18.98 -43.76 19.05
CA PRO B 92 -19.47 -42.37 19.18
C PRO B 92 -18.94 -41.40 18.12
N THR B 93 -18.40 -41.93 17.04
CA THR B 93 -17.71 -41.10 16.05
C THR B 93 -18.04 -41.65 14.66
N TYR B 94 -17.77 -40.89 13.59
CA TYR B 94 -18.13 -41.34 12.24
C TYR B 94 -17.20 -40.72 11.19
N ARG B 95 -17.20 -41.28 9.98
CA ARG B 95 -16.42 -40.75 8.88
C ARG B 95 -17.22 -40.63 7.62
N SER B 96 -16.80 -39.67 6.78
CA SER B 96 -17.20 -39.62 5.39
C SER B 96 -16.18 -40.32 4.52
N VAL B 97 -16.67 -40.82 3.39
CA VAL B 97 -15.85 -41.52 2.41
C VAL B 97 -15.90 -40.73 1.13
N ILE B 98 -14.81 -40.73 0.38
CA ILE B 98 -14.77 -40.12 -0.95
C ILE B 98 -14.64 -41.23 -2.00
N ILE B 99 -15.58 -41.24 -2.93
CA ILE B 99 -15.63 -42.26 -3.97
C ILE B 99 -15.40 -41.63 -5.34
N ALA B 100 -14.90 -42.42 -6.29
CA ALA B 100 -14.69 -41.97 -7.64
C ALA B 100 -15.33 -42.92 -8.62
N ASN B 101 -15.77 -42.38 -9.74
CA ASN B 101 -16.24 -43.18 -10.87
C ASN B 101 -15.00 -43.84 -11.48
N VAL B 102 -15.12 -45.13 -11.78
CA VAL B 102 -13.99 -45.96 -12.25
C VAL B 102 -13.59 -45.53 -13.66
N ALA B 103 -14.59 -45.36 -14.52
CA ALA B 103 -14.39 -44.85 -15.90
C ALA B 103 -13.65 -43.48 -15.99
N SER B 104 -13.95 -42.57 -15.07
CA SER B 104 -13.34 -41.25 -15.06
C SER B 104 -11.79 -41.23 -15.06
N GLY B 105 -11.17 -42.33 -14.64
CA GLY B 105 -9.72 -42.39 -14.51
C GLY B 105 -9.16 -41.65 -13.31
N VAL B 106 -10.02 -40.96 -12.54
CA VAL B 106 -9.60 -40.32 -11.29
C VAL B 106 -9.13 -41.41 -10.31
N ASN B 107 -7.88 -41.33 -9.84
CA ASN B 107 -7.33 -42.35 -8.91
C ASN B 107 -6.92 -41.85 -7.54
N GLU B 108 -6.88 -40.52 -7.41
CA GLU B 108 -6.21 -39.81 -6.34
C GLU B 108 -6.96 -38.48 -6.21
N TYR B 109 -6.96 -37.89 -5.01
CA TYR B 109 -7.67 -36.61 -4.77
C TYR B 109 -7.27 -35.49 -5.76
N ALA B 110 -5.98 -35.38 -6.12
CA ALA B 110 -5.49 -34.26 -7.01
C ALA B 110 -5.99 -34.35 -8.45
N ASP B 111 -6.35 -35.55 -8.87
CA ASP B 111 -6.97 -35.76 -10.17
C ASP B 111 -8.38 -35.15 -10.28
N LEU B 112 -8.95 -34.67 -9.17
CA LEU B 112 -10.22 -33.94 -9.20
C LEU B 112 -10.14 -32.50 -9.73
N LYS B 113 -8.94 -31.93 -9.81
CA LYS B 113 -8.70 -30.63 -10.49
C LYS B 113 -9.40 -30.68 -11.84
N GLY B 114 -10.38 -29.78 -12.03
CA GLY B 114 -11.13 -29.68 -13.29
C GLY B 114 -12.40 -30.50 -13.38
N LYS B 115 -12.61 -31.45 -12.46
CA LYS B 115 -13.66 -32.46 -12.56
C LYS B 115 -14.94 -32.10 -11.76
N ARG B 116 -15.93 -33.01 -11.81
CA ARG B 116 -17.26 -32.84 -11.20
C ARG B 116 -17.43 -33.64 -9.91
N MET B 117 -17.63 -32.92 -8.80
CA MET B 117 -17.74 -33.49 -7.45
C MET B 117 -19.18 -33.41 -6.97
N ALA B 118 -19.76 -34.54 -6.58
CA ALA B 118 -21.11 -34.57 -5.99
C ALA B 118 -21.03 -34.52 -4.48
N TYR B 119 -21.63 -33.48 -3.90
CA TYR B 119 -21.99 -33.48 -2.48
C TYR B 119 -23.48 -33.76 -2.31
N GLY B 120 -23.91 -33.90 -1.07
CA GLY B 120 -25.30 -34.19 -0.77
C GLY B 120 -26.07 -32.93 -0.48
N ASP B 121 -26.17 -32.60 0.80
CA ASP B 121 -27.00 -31.52 1.27
C ASP B 121 -26.05 -30.44 1.80
N ARG B 122 -26.36 -29.18 1.52
CA ARG B 122 -25.43 -28.08 1.88
C ARG B 122 -25.14 -27.98 3.38
N ALA B 123 -26.11 -28.38 4.22
CA ALA B 123 -26.00 -28.33 5.68
C ALA B 123 -25.51 -29.64 6.32
N SER B 124 -25.26 -30.66 5.51
CA SER B 124 -24.70 -31.93 6.02
C SER B 124 -23.20 -31.92 6.22
N THR B 125 -22.78 -32.46 7.34
CA THR B 125 -21.37 -32.64 7.62
C THR B 125 -20.84 -33.81 6.76
N SER B 126 -21.54 -34.93 6.80
CA SER B 126 -21.06 -36.15 6.17
C SER B 126 -21.14 -36.20 4.65
N SER B 127 -22.05 -35.43 4.03
CA SER B 127 -22.12 -35.37 2.55
C SER B 127 -21.66 -34.04 1.99
N HIS B 128 -21.11 -33.17 2.82
CA HIS B 128 -20.65 -31.90 2.31
C HIS B 128 -19.45 -31.38 3.03
N LEU B 129 -19.62 -30.92 4.26
CA LEU B 129 -18.55 -30.13 4.91
C LEU B 129 -17.28 -30.96 5.22
N ILE B 130 -17.48 -32.17 5.71
CA ILE B 130 -16.39 -33.07 5.99
C ILE B 130 -15.60 -33.41 4.72
N PRO B 131 -16.25 -33.88 3.62
CA PRO B 131 -15.44 -34.22 2.46
C PRO B 131 -14.80 -32.98 1.74
N LYS B 132 -15.49 -31.84 1.77
CA LYS B 132 -14.92 -30.60 1.26
C LYS B 132 -13.62 -30.27 2.02
N THR B 133 -13.63 -30.46 3.34
CA THR B 133 -12.46 -30.26 4.20
C THR B 133 -11.29 -31.23 3.85
N VAL B 134 -11.60 -32.49 3.56
CA VAL B 134 -10.59 -33.48 3.15
C VAL B 134 -9.94 -33.03 1.84
N LEU B 135 -10.76 -32.64 0.87
CA LEU B 135 -10.28 -32.16 -0.44
C LEU B 135 -9.41 -30.91 -0.29
N LEU B 136 -9.83 -29.96 0.53
CA LEU B 136 -9.04 -28.77 0.79
C LEU B 136 -7.73 -29.09 1.52
N GLU B 137 -7.83 -29.74 2.68
CA GLU B 137 -6.66 -29.99 3.53
C GLU B 137 -5.60 -30.86 2.87
N THR B 138 -6.04 -31.88 2.13
CA THR B 138 -5.16 -32.93 1.61
C THR B 138 -4.60 -32.51 0.27
N ALA B 139 -5.45 -32.01 -0.61
CA ALA B 139 -5.07 -31.65 -1.99
C ALA B 139 -5.09 -30.15 -2.36
N ASP B 140 -5.54 -29.27 -1.45
CA ASP B 140 -5.63 -27.82 -1.71
C ASP B 140 -6.52 -27.49 -2.94
N LEU B 141 -7.68 -28.15 -3.01
CA LEU B 141 -8.70 -27.85 -4.00
C LEU B 141 -9.90 -27.21 -3.29
N THR B 142 -10.29 -26.03 -3.76
CA THR B 142 -11.44 -25.31 -3.20
C THR B 142 -12.66 -25.64 -4.06
N GLY B 143 -13.83 -25.82 -3.42
CA GLY B 143 -15.07 -26.01 -4.17
C GLY B 143 -15.42 -24.80 -5.01
N GLY B 144 -15.82 -25.05 -6.27
CA GLY B 144 -16.22 -24.00 -7.21
C GLY B 144 -15.11 -23.16 -7.84
N GLN B 145 -13.87 -23.57 -7.64
CA GLN B 145 -12.69 -22.77 -8.00
C GLN B 145 -11.59 -23.67 -8.58
N ASP B 146 -11.27 -24.77 -7.90
CA ASP B 146 -10.45 -25.82 -8.48
C ASP B 146 -11.22 -27.04 -9.01
N TYR B 147 -12.51 -27.14 -8.69
CA TYR B 147 -13.39 -28.20 -9.23
C TYR B 147 -14.85 -27.79 -9.18
N GLU B 148 -15.67 -28.53 -9.91
CA GLU B 148 -17.09 -28.26 -10.06
C GLU B 148 -17.92 -28.99 -8.97
N GLN B 149 -18.68 -28.23 -8.16
CA GLN B 149 -19.46 -28.78 -7.05
C GLN B 149 -20.96 -28.75 -7.30
N HIS B 150 -21.61 -29.91 -7.30
CA HIS B 150 -23.07 -29.99 -7.39
C HIS B 150 -23.69 -30.66 -6.17
N PHE B 151 -24.73 -30.03 -5.63
CA PHE B 151 -25.47 -30.63 -4.53
C PHE B 151 -26.61 -31.45 -5.08
N VAL B 152 -26.59 -32.77 -4.81
CA VAL B 152 -27.59 -33.69 -5.37
C VAL B 152 -28.63 -34.20 -4.36
N GLY B 153 -28.49 -33.78 -3.10
CA GLY B 153 -29.53 -33.96 -2.07
C GLY B 153 -29.08 -34.96 -1.04
N THR B 154 -29.48 -36.21 -1.23
CA THR B 154 -29.17 -37.28 -0.30
C THR B 154 -27.84 -37.98 -0.60
N HIS B 155 -27.32 -38.65 0.43
CA HIS B 155 -26.20 -39.61 0.31
C HIS B 155 -26.41 -40.67 -0.79
N ASP B 156 -27.58 -41.28 -0.79
CA ASP B 156 -27.99 -42.21 -1.82
C ASP B 156 -27.82 -41.59 -3.20
N ALA B 157 -28.25 -40.33 -3.33
CA ALA B 157 -28.11 -39.61 -4.60
C ALA B 157 -26.64 -39.38 -4.94
N VAL B 158 -25.80 -39.11 -3.94
CA VAL B 158 -24.34 -38.98 -4.17
C VAL B 158 -23.78 -40.27 -4.75
N ALA B 159 -24.14 -41.41 -4.14
CA ALA B 159 -23.70 -42.72 -4.61
C ALA B 159 -24.14 -43.01 -6.05
N VAL B 160 -25.41 -42.77 -6.35
CA VAL B 160 -25.93 -43.02 -7.72
C VAL B 160 -25.27 -42.12 -8.79
N ASN B 161 -25.15 -40.83 -8.49
CA ASN B 161 -24.50 -39.87 -9.38
C ASN B 161 -23.03 -40.20 -9.71
N VAL B 162 -22.27 -40.74 -8.75
CA VAL B 162 -20.90 -41.14 -9.02
C VAL B 162 -20.90 -42.43 -9.85
N ALA B 163 -21.76 -43.38 -9.48
CA ALA B 163 -21.86 -44.67 -10.16
C ALA B 163 -22.22 -44.59 -11.62
N ASN B 164 -23.13 -43.69 -11.99
CA ASN B 164 -23.70 -43.63 -13.35
C ASN B 164 -22.94 -42.68 -14.33
N GLY B 165 -22.24 -41.68 -13.77
CA GLY B 165 -21.34 -40.84 -14.53
C GLY B 165 -21.59 -39.35 -14.53
N ASN B 166 -22.66 -38.89 -13.88
CA ASN B 166 -22.97 -37.45 -13.80
C ASN B 166 -21.97 -36.69 -12.90
N ALA B 167 -21.23 -37.42 -12.06
CA ALA B 167 -20.08 -36.85 -11.39
C ALA B 167 -18.95 -37.87 -11.40
N ASP B 168 -17.74 -37.33 -11.31
CA ASP B 168 -16.53 -38.14 -11.36
C ASP B 168 -16.21 -38.66 -9.97
N ALA B 169 -16.61 -37.91 -8.94
CA ALA B 169 -16.38 -38.29 -7.55
C ALA B 169 -17.45 -37.73 -6.65
N GLY B 170 -17.54 -38.31 -5.45
CA GLY B 170 -18.50 -37.84 -4.46
C GLY B 170 -18.03 -38.05 -3.04
N GLY B 171 -18.65 -37.31 -2.12
CA GLY B 171 -18.43 -37.44 -0.67
C GLY B 171 -19.74 -37.77 0.02
N LEU B 172 -19.73 -38.82 0.86
CA LEU B 172 -20.92 -39.29 1.63
C LEU B 172 -20.48 -40.02 2.88
N SER B 173 -21.42 -40.19 3.80
CA SER B 173 -21.33 -41.15 4.90
C SER B 173 -20.73 -42.49 4.50
N GLU B 174 -19.64 -42.87 5.16
CA GLU B 174 -19.07 -44.22 5.07
C GLU B 174 -20.11 -45.32 5.26
N VAL B 175 -20.93 -45.17 6.30
CA VAL B 175 -21.99 -46.11 6.70
C VAL B 175 -22.98 -46.34 5.54
N ILE B 176 -23.51 -45.26 5.00
CA ILE B 176 -24.46 -45.36 3.91
C ILE B 176 -23.83 -45.92 2.65
N PHE B 177 -22.66 -45.42 2.26
CA PHE B 177 -21.95 -46.01 1.14
C PHE B 177 -21.70 -47.50 1.31
N ASN B 178 -21.36 -47.94 2.53
CA ASN B 178 -21.05 -49.34 2.76
C ASN B 178 -22.25 -50.27 2.55
N HIS B 179 -23.46 -49.74 2.36
CA HIS B 179 -24.62 -50.58 1.97
C HIS B 179 -25.33 -50.16 0.64
N ALA B 180 -24.74 -49.23 -0.13
CA ALA B 180 -25.35 -48.75 -1.39
C ALA B 180 -25.50 -49.86 -2.44
N ALA B 181 -24.42 -50.62 -2.67
CA ALA B 181 -24.50 -51.79 -3.53
C ALA B 181 -25.36 -52.89 -2.93
N GLU B 182 -25.25 -53.08 -1.62
CA GLU B 182 -25.98 -54.13 -0.95
C GLU B 182 -27.49 -53.97 -1.19
N ARG B 183 -27.92 -52.71 -1.13
CA ARG B 183 -29.33 -52.35 -1.35
C ARG B 183 -29.76 -52.39 -2.81
N GLY B 184 -28.80 -52.47 -3.75
CA GLY B 184 -29.04 -52.45 -5.21
C GLY B 184 -29.00 -51.05 -5.82
N LEU B 185 -28.53 -50.07 -5.07
CA LEU B 185 -28.56 -48.71 -5.58
C LEU B 185 -27.56 -48.53 -6.68
N ILE B 186 -26.45 -49.27 -6.62
CA ILE B 186 -25.37 -49.11 -7.58
C ILE B 186 -24.76 -50.44 -7.96
N ASP B 187 -24.20 -50.47 -9.17
CA ASP B 187 -23.23 -51.49 -9.57
C ASP B 187 -21.89 -51.19 -8.87
N PRO B 188 -21.47 -52.08 -7.93
CA PRO B 188 -20.29 -51.74 -7.14
C PRO B 188 -18.98 -51.77 -7.94
N SER B 189 -18.99 -52.40 -9.12
CA SER B 189 -17.81 -52.39 -10.00
C SER B 189 -17.52 -51.04 -10.65
N LYS B 190 -18.47 -50.09 -10.60
CA LYS B 190 -18.36 -48.79 -11.30
C LYS B 190 -17.74 -47.68 -10.45
N VAL B 191 -17.54 -47.95 -9.17
CA VAL B 191 -16.94 -46.97 -8.27
C VAL B 191 -15.85 -47.62 -7.43
N LYS B 192 -15.05 -46.79 -6.78
CA LYS B 192 -13.96 -47.21 -5.93
C LYS B 192 -13.71 -46.16 -4.90
N VAL B 193 -13.03 -46.52 -3.83
CA VAL B 193 -12.81 -45.61 -2.73
C VAL B 193 -11.51 -44.83 -2.93
N LEU B 194 -11.58 -43.52 -2.88
CA LEU B 194 -10.37 -42.72 -2.87
C LEU B 194 -9.74 -42.64 -1.48
N GLY B 195 -10.57 -42.52 -0.45
CA GLY B 195 -10.12 -42.46 0.93
C GLY B 195 -11.21 -41.98 1.88
N TYR B 196 -10.79 -41.75 3.10
CA TYR B 196 -11.67 -41.44 4.21
C TYR B 196 -11.23 -40.22 4.98
N SER B 197 -12.21 -39.64 5.65
CA SER B 197 -12.00 -38.53 6.56
C SER B 197 -11.48 -39.07 7.89
N GLY B 198 -10.95 -38.17 8.72
CA GLY B 198 -10.76 -38.41 10.13
C GLY B 198 -12.10 -38.64 10.81
N GLU B 199 -12.06 -38.85 12.11
CA GLU B 199 -13.20 -39.31 12.90
C GLU B 199 -13.89 -38.08 13.48
N TYR B 200 -15.16 -37.87 13.13
CA TYR B 200 -15.96 -36.73 13.61
C TYR B 200 -16.95 -37.18 14.70
N PRO B 201 -17.15 -36.33 15.73
CA PRO B 201 -17.90 -36.75 16.89
C PRO B 201 -19.39 -36.66 16.70
N GLN B 202 -20.09 -37.54 17.44
CA GLN B 202 -21.54 -37.57 17.52
C GLN B 202 -22.06 -36.61 18.59
N TYR B 203 -23.37 -36.64 18.80
CA TYR B 203 -24.09 -35.84 19.76
C TYR B 203 -23.53 -36.08 21.16
N PRO B 204 -23.07 -35.03 21.84
CA PRO B 204 -22.70 -35.18 23.26
C PRO B 204 -23.79 -34.77 24.28
N TRP B 205 -23.85 -35.53 25.38
CA TRP B 205 -24.40 -35.02 26.61
C TRP B 205 -23.34 -34.15 27.24
N ALA B 206 -23.74 -32.98 27.68
CA ALA B 206 -22.82 -31.99 28.24
C ALA B 206 -23.25 -31.50 29.61
N MET B 207 -22.32 -30.92 30.37
CA MET B 207 -22.61 -30.47 31.74
C MET B 207 -21.75 -29.32 32.11
N ARG B 208 -22.35 -28.39 32.87
CA ARG B 208 -21.61 -27.20 33.37
C ARG B 208 -20.46 -27.65 34.25
N SER B 209 -19.28 -27.11 34.00
CA SER B 209 -18.05 -27.56 34.66
C SER B 209 -18.05 -27.35 36.20
N ASN B 210 -18.88 -26.43 36.70
CA ASN B 210 -18.89 -26.00 38.11
C ASN B 210 -19.82 -26.81 39.03
N LEU B 211 -20.42 -27.88 38.51
CA LEU B 211 -21.03 -28.91 39.37
C LEU B 211 -19.94 -29.55 40.29
N SER B 212 -20.34 -30.04 41.46
CA SER B 212 -19.40 -30.68 42.38
C SER B 212 -18.73 -31.86 41.68
N PRO B 213 -17.40 -32.02 41.87
CA PRO B 213 -16.67 -33.18 41.33
C PRO B 213 -17.41 -34.53 41.52
N GLU B 214 -18.04 -34.71 42.67
CA GLU B 214 -18.73 -35.96 43.00
C GLU B 214 -20.04 -36.17 42.21
N LEU B 215 -20.82 -35.11 42.00
CA LEU B 215 -21.97 -35.23 41.12
C LEU B 215 -21.54 -35.50 39.67
N LYS B 216 -20.56 -34.73 39.21
CA LYS B 216 -19.94 -34.88 37.88
C LYS B 216 -19.44 -36.28 37.57
N THR B 217 -18.81 -36.92 38.54
CA THR B 217 -18.30 -38.27 38.37
C THR B 217 -19.46 -39.26 38.22
N LYS B 218 -20.42 -39.21 39.15
CA LYS B 218 -21.62 -40.08 39.10
C LYS B 218 -22.49 -39.84 37.83
N VAL B 219 -22.59 -38.57 37.39
CA VAL B 219 -23.28 -38.22 36.12
C VAL B 219 -22.61 -38.94 34.96
N ARG B 220 -21.31 -38.75 34.87
CA ARG B 220 -20.48 -39.42 33.87
C ARG B 220 -20.71 -40.94 33.87
N ASP B 221 -20.75 -41.56 35.05
CA ASP B 221 -20.84 -43.03 35.16
C ASP B 221 -22.28 -43.51 34.91
N VAL B 222 -23.29 -42.82 35.43
CA VAL B 222 -24.66 -43.21 35.15
C VAL B 222 -24.99 -43.20 33.65
N PHE B 223 -24.57 -42.16 32.95
CA PHE B 223 -24.93 -42.03 31.53
C PHE B 223 -24.17 -43.03 30.67
N VAL B 224 -22.89 -43.26 30.93
CA VAL B 224 -22.12 -44.28 30.18
C VAL B 224 -22.73 -45.70 30.35
N GLY B 225 -23.36 -45.97 31.50
CA GLY B 225 -23.90 -47.29 31.83
C GLY B 225 -25.38 -47.50 31.52
N ILE B 226 -26.03 -46.50 30.92
CA ILE B 226 -27.41 -46.65 30.43
C ILE B 226 -27.46 -47.81 29.41
N ASP B 227 -28.16 -48.87 29.79
CA ASP B 227 -28.47 -50.02 28.93
C ASP B 227 -29.98 -50.22 28.67
N ASP B 228 -30.85 -49.42 29.28
CA ASP B 228 -32.31 -49.53 29.13
C ASP B 228 -32.77 -49.19 27.68
N PRO B 229 -33.32 -50.18 26.93
CA PRO B 229 -33.75 -49.90 25.55
C PRO B 229 -34.74 -48.74 25.36
N GLU B 230 -35.66 -48.54 26.30
CA GLU B 230 -36.71 -47.52 26.13
C GLU B 230 -36.14 -46.12 26.39
N VAL B 231 -35.09 -46.03 27.19
CA VAL B 231 -34.33 -44.77 27.31
C VAL B 231 -33.54 -44.50 26.02
N LEU B 232 -32.72 -45.48 25.63
CA LEU B 232 -31.84 -45.36 24.48
C LEU B 232 -32.53 -45.09 23.13
N ARG B 233 -33.66 -45.74 22.85
CA ARG B 233 -34.29 -45.63 21.53
C ARG B 233 -34.78 -44.20 21.23
N ASN B 234 -35.14 -43.43 22.25
CA ASN B 234 -35.53 -42.02 22.08
C ASN B 234 -34.39 -41.14 21.53
N PHE B 235 -33.16 -41.63 21.69
CA PHE B 235 -31.96 -41.03 21.12
C PHE B 235 -31.45 -41.70 19.86
N LYS B 236 -32.14 -42.74 19.38
CA LYS B 236 -31.66 -43.69 18.33
C LYS B 236 -30.22 -44.11 18.58
N ALA B 237 -29.94 -44.54 19.80
CA ALA B 237 -28.59 -44.78 20.30
C ALA B 237 -28.46 -46.23 20.79
N GLU B 238 -27.31 -46.83 20.49
CA GLU B 238 -27.02 -48.16 20.97
C GLU B 238 -26.48 -48.09 22.40
N ALA B 239 -25.87 -46.95 22.73
CA ALA B 239 -25.25 -46.72 24.02
C ALA B 239 -24.90 -45.24 24.13
N PHE B 240 -24.33 -44.85 25.25
CA PHE B 240 -23.58 -43.59 25.35
C PHE B 240 -22.20 -43.96 25.86
N ALA B 241 -21.17 -43.40 25.22
CA ALA B 241 -19.78 -43.72 25.50
C ALA B 241 -19.02 -42.45 25.84
N PRO B 242 -17.91 -42.56 26.58
CA PRO B 242 -17.08 -41.40 26.98
C PRO B 242 -16.63 -40.50 25.85
N ILE B 243 -16.49 -39.21 26.14
CA ILE B 243 -16.09 -38.25 25.13
C ILE B 243 -15.46 -37.07 25.83
N THR B 244 -14.54 -36.37 25.16
CA THR B 244 -13.97 -35.13 25.69
C THR B 244 -14.11 -34.01 24.70
N ASP B 245 -13.90 -32.81 25.20
CA ASP B 245 -13.96 -31.62 24.40
C ASP B 245 -12.94 -31.63 23.24
N ALA B 246 -11.78 -32.24 23.49
CA ALA B 246 -10.75 -32.44 22.47
C ALA B 246 -11.32 -33.15 21.24
N ASP B 247 -12.31 -34.05 21.46
CA ASP B 247 -12.91 -34.78 20.34
C ASP B 247 -13.71 -33.85 19.41
N TYR B 248 -14.07 -32.66 19.89
CA TYR B 248 -14.79 -31.69 19.07
C TYR B 248 -13.87 -30.70 18.36
N ASP B 249 -12.56 -30.80 18.58
CA ASP B 249 -11.59 -29.95 17.84
C ASP B 249 -11.61 -30.18 16.32
N VAL B 250 -11.90 -31.41 15.90
CA VAL B 250 -11.95 -31.65 14.45
C VAL B 250 -13.09 -30.85 13.77
N ILE B 251 -14.19 -30.64 14.50
CA ILE B 251 -15.25 -29.73 14.08
C ILE B 251 -14.81 -28.26 14.09
N ARG B 252 -14.13 -27.82 15.16
CA ARG B 252 -13.67 -26.41 15.27
C ARG B 252 -12.79 -26.03 14.09
N ASN B 253 -11.86 -26.92 13.75
CA ASN B 253 -10.94 -26.70 12.64
C ASN B 253 -11.68 -26.72 11.30
N MET B 254 -12.70 -27.57 11.18
CA MET B 254 -13.54 -27.57 9.97
C MET B 254 -14.24 -26.20 9.76
N GLY B 255 -14.74 -25.62 10.84
CA GLY B 255 -15.33 -24.28 10.76
C GLY B 255 -14.32 -23.22 10.39
N SER B 256 -13.16 -23.28 11.03
CA SER B 256 -12.04 -22.41 10.70
C SER B 256 -11.69 -22.48 9.18
N LEU B 257 -11.27 -23.65 8.70
CA LEU B 257 -10.83 -23.81 7.31
C LEU B 257 -11.88 -23.45 6.25
N LEU B 258 -13.14 -23.78 6.51
CA LEU B 258 -14.21 -23.54 5.54
C LEU B 258 -14.84 -22.16 5.70
N GLY B 259 -14.49 -21.42 6.76
CA GLY B 259 -14.98 -20.05 6.94
C GLY B 259 -16.45 -20.09 7.24
N LEU B 260 -16.84 -20.87 8.26
CA LEU B 260 -18.24 -21.17 8.55
C LEU B 260 -18.70 -20.61 9.86
N ASP B 261 -20.02 -20.38 9.92
CA ASP B 261 -20.71 -19.96 11.13
C ASP B 261 -21.73 -21.06 11.36
N PHE B 262 -21.51 -21.86 12.42
CA PHE B 262 -22.36 -23.00 12.71
C PHE B 262 -23.80 -22.61 13.05
N ALA B 263 -24.07 -21.37 13.45
CA ALA B 263 -25.47 -20.92 13.64
C ALA B 263 -26.35 -21.22 12.41
N THR B 264 -25.79 -21.01 11.21
CA THR B 264 -26.54 -21.26 9.95
C THR B 264 -26.92 -22.75 9.72
N MET B 265 -26.27 -23.66 10.43
CA MET B 265 -26.47 -25.10 10.20
C MET B 265 -27.29 -25.81 11.27
N LEU B 266 -27.93 -25.07 12.16
CA LEU B 266 -28.82 -25.66 13.18
C LEU B 266 -30.28 -25.37 12.79
N GLU B 267 -31.16 -26.33 13.10
CA GLU B 267 -32.61 -26.18 12.93
C GLU B 267 -33.25 -25.51 14.17
N ALA C 2 25.41 18.91 -53.90
CA ALA C 2 26.33 17.90 -53.34
C ALA C 2 27.70 18.52 -53.05
N ASP C 3 27.77 19.70 -52.39
CA ASP C 3 29.08 20.31 -52.10
C ASP C 3 29.81 19.38 -51.16
N ALA C 4 31.05 19.08 -51.55
CA ALA C 4 31.89 18.12 -50.85
C ALA C 4 32.40 18.67 -49.54
N ASP C 5 32.47 19.98 -49.47
CA ASP C 5 33.12 20.68 -48.39
C ASP C 5 32.34 21.94 -48.17
N PRO C 6 31.14 21.81 -47.58
CA PRO C 6 30.18 22.92 -47.47
C PRO C 6 30.76 24.04 -46.64
N ASP C 7 30.49 25.27 -47.03
CA ASP C 7 30.99 26.43 -46.27
C ASP C 7 30.46 26.41 -44.82
N VAL C 8 29.13 26.40 -44.68
CA VAL C 8 28.45 26.10 -43.41
C VAL C 8 28.15 24.60 -43.30
N LEU C 9 28.65 23.95 -42.25
CA LEU C 9 28.39 22.53 -41.95
C LEU C 9 27.05 22.41 -41.25
N LYS C 10 26.16 21.62 -41.84
CA LYS C 10 24.80 21.46 -41.38
C LYS C 10 24.70 20.17 -40.57
N VAL C 11 24.52 20.34 -39.27
CA VAL C 11 24.67 19.27 -38.28
C VAL C 11 23.36 19.14 -37.52
N ALA C 12 22.68 18.01 -37.69
CA ALA C 12 21.31 17.88 -37.22
C ALA C 12 21.23 17.03 -35.94
N LEU C 13 20.32 17.40 -35.02
CA LEU C 13 20.10 16.64 -33.76
C LEU C 13 18.96 15.66 -34.01
N LEU C 14 18.62 14.89 -32.98
CA LEU C 14 17.43 14.07 -33.02
C LEU C 14 16.22 14.94 -33.35
N PRO C 15 15.26 14.40 -34.10
CA PRO C 15 14.10 15.21 -34.43
C PRO C 15 13.29 15.52 -33.18
N ASP C 16 12.62 16.67 -33.20
CA ASP C 16 11.92 17.19 -32.03
C ASP C 16 10.91 18.29 -32.42
N GLU C 17 9.78 18.32 -31.72
CA GLU C 17 8.72 19.28 -32.00
C GLU C 17 9.11 20.73 -31.69
N ASN C 18 9.94 20.95 -30.66
CA ASN C 18 10.31 22.32 -30.24
C ASN C 18 11.75 22.68 -30.66
N ALA C 19 11.96 22.70 -31.97
CA ALA C 19 13.28 22.95 -32.58
C ALA C 19 14.05 24.11 -31.97
N SER C 20 13.36 25.21 -31.69
CA SER C 20 13.99 26.45 -31.23
C SER C 20 14.82 26.27 -29.95
N GLU C 21 14.24 25.56 -28.99
CA GLU C 21 14.85 25.38 -27.67
C GLU C 21 16.02 24.39 -27.74
N LEU C 22 15.85 23.30 -28.49
CA LEU C 22 16.91 22.30 -28.68
C LEU C 22 18.17 22.93 -29.29
N ILE C 23 17.99 23.78 -30.30
CA ILE C 23 19.11 24.48 -30.91
C ILE C 23 19.83 25.35 -29.87
N LYS C 24 19.08 26.15 -29.12
CA LYS C 24 19.63 26.99 -28.05
C LYS C 24 20.29 26.12 -26.98
N ARG C 25 19.61 25.03 -26.58
CA ARG C 25 20.19 24.07 -25.60
C ARG C 25 21.58 23.60 -26.03
N ASN C 26 21.71 23.10 -27.27
CA ASN C 26 22.99 22.55 -27.79
C ASN C 26 24.00 23.56 -28.38
N GLN C 27 23.81 24.85 -28.13
CA GLN C 27 24.83 25.90 -28.37
C GLN C 27 26.28 25.57 -27.98
N PRO C 28 26.49 24.83 -26.87
CA PRO C 28 27.86 24.41 -26.58
C PRO C 28 28.45 23.45 -27.62
N LEU C 29 27.60 22.60 -28.22
CA LEU C 29 28.01 21.73 -29.32
C LEU C 29 28.37 22.53 -30.56
N LYS C 30 27.53 23.51 -30.91
CA LYS C 30 27.83 24.48 -32.01
C LYS C 30 29.20 25.13 -31.84
N ASP C 31 29.42 25.75 -30.67
CA ASP C 31 30.67 26.48 -30.35
C ASP C 31 31.88 25.52 -30.29
N TYR C 32 31.66 24.32 -29.77
CA TYR C 32 32.72 23.32 -29.73
C TYR C 32 33.12 22.98 -31.16
N LEU C 33 32.15 22.50 -31.96
CA LEU C 33 32.47 22.08 -33.31
C LEU C 33 33.09 23.22 -34.13
N GLU C 34 32.52 24.43 -34.06
CA GLU C 34 33.06 25.60 -34.80
C GLU C 34 34.53 25.88 -34.52
N GLU C 35 34.92 25.79 -33.26
CA GLU C 35 36.32 26.02 -32.87
C GLU C 35 37.25 24.87 -33.28
N HIS C 36 36.76 23.62 -33.18
CA HIS C 36 37.61 22.45 -33.44
C HIS C 36 37.69 22.07 -34.92
N LEU C 37 36.58 22.17 -35.64
CA LEU C 37 36.56 21.96 -37.11
C LEU C 37 37.08 23.15 -37.92
N ASP C 38 37.19 24.33 -37.31
CA ASP C 38 37.60 25.55 -38.00
C ASP C 38 36.67 25.81 -39.20
N LYS C 39 35.37 25.87 -38.90
CA LYS C 39 34.35 25.83 -39.93
C LYS C 39 33.00 26.26 -39.36
N LYS C 40 32.25 27.06 -40.12
CA LYS C 40 30.92 27.53 -39.68
C LYS C 40 29.96 26.33 -39.53
N VAL C 41 29.13 26.40 -38.48
CA VAL C 41 28.17 25.34 -38.12
C VAL C 41 26.80 25.96 -37.87
N GLN C 42 25.80 25.35 -38.50
CA GLN C 42 24.40 25.69 -38.30
C GLN C 42 23.79 24.38 -37.83
N LEU C 43 23.17 24.41 -36.65
CA LEU C 43 22.45 23.25 -36.11
C LEU C 43 21.06 23.21 -36.70
N ILE C 44 20.56 21.98 -36.87
CA ILE C 44 19.25 21.77 -37.44
C ILE C 44 18.48 20.81 -36.57
N VAL C 45 17.19 21.09 -36.38
CA VAL C 45 16.27 20.16 -35.74
C VAL C 45 15.08 20.04 -36.66
N THR C 46 14.95 18.90 -37.31
CA THR C 46 13.80 18.65 -38.16
C THR C 46 12.67 18.19 -37.27
N THR C 47 11.47 18.22 -37.80
CA THR C 47 10.26 17.73 -37.12
C THR C 47 10.18 16.21 -37.14
N ASP C 48 10.88 15.55 -38.08
CA ASP C 48 10.83 14.06 -38.17
C ASP C 48 12.06 13.46 -38.88
N TYR C 49 12.10 12.14 -38.94
CA TYR C 49 13.22 11.42 -39.53
C TYR C 49 13.28 11.50 -41.05
N SER C 50 12.15 11.32 -41.74
CA SER C 50 12.11 11.44 -43.21
C SER C 50 12.73 12.73 -43.73
N SER C 51 12.43 13.83 -43.06
CA SER C 51 13.02 15.14 -43.33
C SER C 51 14.54 15.17 -43.25
N MET C 52 15.09 14.48 -42.23
CA MET C 52 16.54 14.32 -42.01
C MET C 52 17.16 13.53 -43.15
N ILE C 53 16.54 12.38 -43.42
CA ILE C 53 17.02 11.44 -44.43
C ILE C 53 16.98 12.03 -45.83
N GLU C 54 15.91 12.78 -46.13
CA GLU C 54 15.74 13.49 -47.42
C GLU C 54 16.85 14.52 -47.54
N ALA C 55 16.98 15.34 -46.51
CA ALA C 55 17.96 16.43 -46.48
C ALA C 55 19.41 15.91 -46.58
N MET C 56 19.67 14.77 -45.96
CA MET C 56 20.99 14.11 -46.09
C MET C 56 21.19 13.57 -47.49
N ARG C 57 20.13 13.03 -48.06
CA ARG C 57 20.15 12.52 -49.39
C ARG C 57 20.50 13.57 -50.45
N PHE C 58 20.09 14.82 -50.23
CA PHE C 58 20.33 15.89 -51.20
C PHE C 58 21.21 17.00 -50.61
N GLY C 59 22.08 16.65 -49.66
CA GLY C 59 23.09 17.60 -49.15
C GLY C 59 22.62 18.86 -48.42
N ARG C 60 21.39 18.85 -47.93
CA ARG C 60 20.90 19.95 -47.07
C ARG C 60 21.24 19.72 -45.60
N ILE C 61 21.57 18.47 -45.22
CA ILE C 61 22.14 18.12 -43.91
C ILE C 61 23.42 17.30 -44.16
N ASP C 62 24.48 17.67 -43.46
CA ASP C 62 25.79 17.05 -43.59
C ASP C 62 26.07 15.94 -42.55
N LEU C 63 25.76 16.21 -41.29
CA LEU C 63 25.94 15.26 -40.18
C LEU C 63 24.61 15.09 -39.50
N ALA C 64 24.32 13.93 -38.95
CA ALA C 64 23.08 13.76 -38.15
C ALA C 64 23.17 12.70 -37.06
N TYR C 65 22.47 12.96 -35.95
CA TYR C 65 22.40 12.06 -34.81
C TYR C 65 21.11 11.26 -34.92
N PHE C 66 21.24 9.94 -34.92
CA PHE C 66 20.12 9.02 -35.14
C PHE C 66 19.95 8.16 -33.91
N GLY C 67 18.76 7.62 -33.71
CA GLY C 67 18.59 6.46 -32.87
C GLY C 67 18.99 5.21 -33.63
N PRO C 68 19.29 4.11 -32.92
CA PRO C 68 19.80 2.93 -33.63
C PRO C 68 18.90 2.46 -34.77
N LEU C 69 17.60 2.35 -34.49
CA LEU C 69 16.63 1.81 -35.48
C LEU C 69 16.50 2.78 -36.65
N SER C 70 16.30 4.05 -36.30
CA SER C 70 16.32 5.14 -37.25
C SER C 70 17.53 5.06 -38.20
N TYR C 71 18.73 4.88 -37.66
CA TYR C 71 19.90 4.80 -38.52
C TYR C 71 19.79 3.67 -39.57
N VAL C 72 19.27 2.51 -39.18
CA VAL C 72 19.12 1.41 -40.13
C VAL C 72 18.13 1.83 -41.22
N MET C 73 17.08 2.55 -40.81
CA MET C 73 16.09 3.13 -41.72
C MET C 73 16.79 4.06 -42.68
N ALA C 74 17.55 5.00 -42.14
CA ALA C 74 18.20 6.06 -42.95
C ALA C 74 19.28 5.57 -43.94
N LYS C 75 19.96 4.49 -43.58
CA LYS C 75 21.02 3.92 -44.40
C LYS C 75 20.45 3.10 -45.56
N SER C 76 19.33 2.43 -45.33
CA SER C 76 18.58 1.74 -46.40
C SER C 76 18.14 2.72 -47.52
N LYS C 77 17.86 3.97 -47.17
CA LYS C 77 17.33 4.99 -48.08
C LYS C 77 18.34 6.05 -48.55
N SER C 78 19.61 5.95 -48.13
CA SER C 78 20.60 7.00 -48.47
C SER C 78 22.04 6.54 -48.22
N ASP C 79 22.97 7.18 -48.93
CA ASP C 79 24.40 6.87 -48.89
C ASP C 79 25.08 7.63 -47.72
N ILE C 80 24.97 7.03 -46.53
CA ILE C 80 25.53 7.59 -45.28
C ILE C 80 26.46 6.64 -44.55
N GLU C 81 27.25 7.20 -43.66
CA GLU C 81 28.33 6.51 -42.95
C GLU C 81 28.15 6.87 -41.46
N PRO C 82 28.06 5.88 -40.55
CA PRO C 82 28.09 6.25 -39.13
C PRO C 82 29.54 6.33 -38.69
N PHE C 83 29.90 7.36 -37.94
CA PHE C 83 31.29 7.53 -37.54
C PHE C 83 31.54 7.50 -36.03
N ALA C 84 30.53 7.79 -35.21
CA ALA C 84 30.66 7.71 -33.77
C ALA C 84 29.34 7.34 -33.12
N ALA C 85 29.40 6.70 -31.96
CA ALA C 85 28.23 6.34 -31.20
C ALA C 85 28.33 6.81 -29.75
N MET C 86 27.17 7.09 -29.13
CA MET C 86 27.13 7.54 -27.73
C MET C 86 27.73 6.46 -26.85
N VAL C 87 28.52 6.87 -25.87
CA VAL C 87 29.05 5.93 -24.87
C VAL C 87 28.31 6.16 -23.55
N ILE C 88 27.68 5.11 -23.05
CA ILE C 88 27.03 5.13 -21.73
C ILE C 88 27.39 3.80 -21.06
N ASP C 89 27.52 3.82 -19.72
CA ASP C 89 28.07 2.69 -18.92
C ASP C 89 29.35 2.05 -19.52
N GLY C 90 30.27 2.93 -19.96
CA GLY C 90 31.62 2.53 -20.35
C GLY C 90 31.81 1.99 -21.76
N LYS C 91 30.73 1.89 -22.54
CA LYS C 91 30.85 1.41 -23.92
C LYS C 91 29.69 1.86 -24.79
N PRO C 92 29.96 2.03 -26.11
CA PRO C 92 28.93 2.43 -27.06
C PRO C 92 28.01 1.28 -27.50
N THR C 93 28.07 0.13 -26.83
CA THR C 93 27.09 -0.94 -27.04
C THR C 93 26.48 -1.33 -25.69
N TYR C 94 25.47 -2.18 -25.74
CA TYR C 94 24.82 -2.69 -24.55
C TYR C 94 24.23 -4.06 -24.83
N ARG C 95 23.82 -4.76 -23.77
CA ARG C 95 23.23 -6.08 -23.89
C ARG C 95 21.96 -6.19 -23.09
N SER C 96 21.22 -7.24 -23.41
CA SER C 96 20.09 -7.68 -22.63
C SER C 96 20.55 -8.93 -21.90
N VAL C 97 19.99 -9.17 -20.72
CA VAL C 97 20.16 -10.43 -19.97
C VAL C 97 18.80 -11.13 -19.88
N ILE C 98 18.82 -12.46 -19.81
CA ILE C 98 17.60 -13.24 -19.62
C ILE C 98 17.76 -13.96 -18.31
N ILE C 99 16.74 -13.89 -17.45
CA ILE C 99 16.79 -14.45 -16.10
C ILE C 99 15.66 -15.42 -15.92
N ALA C 100 15.78 -16.32 -14.96
CA ALA C 100 14.75 -17.32 -14.65
C ALA C 100 14.43 -17.27 -13.19
N ASN C 101 13.17 -17.54 -12.84
CA ASN C 101 12.83 -17.89 -11.48
C ASN C 101 13.52 -19.23 -11.11
N VAL C 102 14.17 -19.27 -9.94
CA VAL C 102 14.96 -20.42 -9.49
C VAL C 102 14.06 -21.60 -9.09
N ALA C 103 13.01 -21.29 -8.34
CA ALA C 103 12.00 -22.27 -7.89
C ALA C 103 11.25 -22.95 -9.06
N SER C 104 11.12 -22.28 -10.21
CA SER C 104 10.41 -22.83 -11.37
C SER C 104 11.15 -23.98 -12.09
N GLY C 105 12.42 -24.21 -11.80
CA GLY C 105 13.17 -25.29 -12.45
C GLY C 105 13.65 -25.04 -13.87
N VAL C 106 13.41 -23.85 -14.42
CA VAL C 106 13.93 -23.46 -15.74
C VAL C 106 15.46 -23.23 -15.67
N ASN C 107 16.22 -24.01 -16.44
CA ASN C 107 17.69 -24.04 -16.41
C ASN C 107 18.37 -23.68 -17.74
N GLU C 108 17.67 -23.82 -18.87
CA GLU C 108 18.16 -23.35 -20.17
C GLU C 108 17.03 -22.62 -20.89
N TYR C 109 17.39 -21.92 -21.95
CA TYR C 109 16.38 -21.29 -22.80
C TYR C 109 15.33 -22.33 -23.22
N ALA C 110 15.80 -23.50 -23.65
CA ALA C 110 14.95 -24.67 -23.99
C ALA C 110 13.75 -24.90 -23.06
N ASP C 111 13.99 -24.87 -21.75
CA ASP C 111 12.96 -25.18 -20.73
C ASP C 111 11.83 -24.17 -20.60
N LEU C 112 11.87 -23.07 -21.37
CA LEU C 112 10.75 -22.12 -21.44
C LEU C 112 9.55 -22.60 -22.27
N LYS C 113 9.68 -23.72 -23.00
CA LYS C 113 8.54 -24.37 -23.64
C LYS C 113 7.37 -24.52 -22.66
N GLY C 114 6.24 -23.90 -22.97
CA GLY C 114 5.00 -24.04 -22.19
C GLY C 114 4.98 -23.27 -20.87
N LYS C 115 5.84 -22.24 -20.79
CA LYS C 115 6.14 -21.48 -19.55
C LYS C 115 5.97 -19.96 -19.76
N ARG C 116 6.03 -19.18 -18.69
CA ARG C 116 5.70 -17.74 -18.75
C ARG C 116 6.96 -16.84 -18.86
N MET C 117 6.94 -15.88 -19.80
CA MET C 117 8.09 -15.00 -20.10
C MET C 117 7.70 -13.53 -19.99
N ALA C 118 8.40 -12.76 -19.15
CA ALA C 118 8.05 -11.36 -18.92
C ALA C 118 8.87 -10.46 -19.84
N TYR C 119 8.22 -9.50 -20.48
CA TYR C 119 8.91 -8.46 -21.25
C TYR C 119 8.53 -7.09 -20.72
N GLY C 120 9.35 -6.09 -21.04
CA GLY C 120 9.03 -4.72 -20.65
C GLY C 120 7.95 -4.10 -21.51
N ASP C 121 8.35 -3.07 -22.25
CA ASP C 121 7.47 -2.31 -23.10
C ASP C 121 7.63 -2.93 -24.48
N ARG C 122 6.51 -3.12 -25.18
CA ARG C 122 6.51 -3.66 -26.56
C ARG C 122 7.51 -3.00 -27.53
N ALA C 123 7.75 -1.69 -27.37
CA ALA C 123 8.71 -0.93 -28.22
C ALA C 123 10.22 -1.16 -27.93
N SER C 124 10.51 -1.57 -26.69
CA SER C 124 11.90 -1.61 -26.20
C SER C 124 12.76 -2.67 -26.89
N THR C 125 13.98 -2.29 -27.27
CA THR C 125 14.94 -3.26 -27.73
C THR C 125 15.32 -4.16 -26.53
N SER C 126 15.82 -3.53 -25.47
CA SER C 126 16.47 -4.25 -24.37
C SER C 126 15.56 -5.14 -23.52
N SER C 127 14.26 -4.85 -23.50
CA SER C 127 13.33 -5.62 -22.64
C SER C 127 12.21 -6.32 -23.40
N HIS C 128 12.27 -6.37 -24.73
CA HIS C 128 11.33 -7.17 -25.54
C HIS C 128 12.00 -7.79 -26.75
N LEU C 129 12.40 -6.93 -27.68
CA LEU C 129 12.83 -7.36 -29.01
C LEU C 129 14.15 -8.14 -28.98
N ILE C 130 15.17 -7.60 -28.31
CA ILE C 130 16.45 -8.29 -28.20
C ILE C 130 16.30 -9.62 -27.44
N PRO C 131 15.75 -9.60 -26.22
CA PRO C 131 15.45 -10.90 -25.62
C PRO C 131 14.56 -11.85 -26.48
N LYS C 132 13.58 -11.32 -27.21
CA LYS C 132 12.77 -12.21 -28.07
C LYS C 132 13.64 -12.95 -29.08
N THR C 133 14.44 -12.16 -29.81
CA THR C 133 15.46 -12.61 -30.77
C THR C 133 16.53 -13.58 -30.23
N VAL C 134 16.82 -13.55 -28.94
CA VAL C 134 17.66 -14.57 -28.31
C VAL C 134 16.92 -15.91 -28.21
N LEU C 135 15.69 -15.88 -27.69
CA LEU C 135 14.89 -17.11 -27.53
C LEU C 135 14.52 -17.79 -28.85
N LEU C 136 14.41 -17.02 -29.93
CA LEU C 136 14.25 -17.54 -31.28
C LEU C 136 15.59 -18.10 -31.82
N GLU C 137 16.61 -17.25 -31.99
CA GLU C 137 17.92 -17.66 -32.56
C GLU C 137 18.66 -18.81 -31.87
N THR C 138 18.34 -19.10 -30.61
CA THR C 138 19.16 -20.00 -29.79
C THR C 138 18.45 -21.31 -29.39
N ALA C 139 17.13 -21.28 -29.20
CA ALA C 139 16.34 -22.49 -29.01
C ALA C 139 14.98 -22.42 -29.74
N ASP C 140 14.90 -21.64 -30.83
CA ASP C 140 13.72 -21.62 -31.70
C ASP C 140 12.40 -21.83 -30.98
N LEU C 141 12.12 -20.91 -30.05
CA LEU C 141 10.80 -20.77 -29.44
C LEU C 141 10.22 -19.47 -29.99
N THR C 142 8.90 -19.38 -30.01
CA THR C 142 8.15 -18.24 -30.56
C THR C 142 7.20 -17.73 -29.49
N GLY C 143 7.11 -16.42 -29.32
CA GLY C 143 6.18 -15.84 -28.34
C GLY C 143 4.73 -16.00 -28.78
N GLY C 144 3.88 -16.52 -27.90
CA GLY C 144 2.48 -16.83 -28.20
C GLY C 144 2.27 -18.31 -28.54
N GLN C 145 3.06 -18.78 -29.50
CA GLN C 145 3.01 -20.19 -29.92
C GLN C 145 3.60 -21.16 -28.89
N ASP C 146 4.80 -20.89 -28.39
CA ASP C 146 5.51 -21.84 -27.50
C ASP C 146 5.57 -21.48 -26.02
N TYR C 147 5.66 -20.19 -25.73
CA TYR C 147 5.60 -19.70 -24.35
C TYR C 147 4.53 -18.61 -24.27
N GLU C 148 3.88 -18.53 -23.12
CA GLU C 148 2.95 -17.43 -22.80
C GLU C 148 3.79 -16.18 -22.53
N GLN C 149 3.63 -15.15 -23.36
CA GLN C 149 4.33 -13.87 -23.14
C GLN C 149 3.44 -12.86 -22.40
N HIS C 150 4.08 -11.98 -21.63
CA HIS C 150 3.39 -11.08 -20.72
C HIS C 150 4.17 -9.77 -20.73
N PHE C 151 3.50 -8.65 -21.04
CA PHE C 151 4.17 -7.38 -21.08
C PHE C 151 3.82 -6.57 -19.85
N VAL C 152 4.83 -6.34 -19.00
CA VAL C 152 4.66 -5.75 -17.69
C VAL C 152 5.16 -4.29 -17.56
N GLY C 153 5.71 -3.72 -18.63
CA GLY C 153 5.75 -2.28 -18.77
C GLY C 153 7.14 -1.66 -18.73
N THR C 154 7.98 -2.11 -17.80
CA THR C 154 9.29 -1.50 -17.51
C THR C 154 10.31 -2.59 -17.21
N HIS C 155 11.58 -2.22 -17.29
CA HIS C 155 12.70 -3.12 -16.95
C HIS C 155 12.63 -3.61 -15.49
N ASP C 156 12.30 -2.71 -14.57
CA ASP C 156 12.14 -3.07 -13.16
C ASP C 156 11.04 -4.09 -12.98
N ALA C 157 9.96 -3.90 -13.73
CA ALA C 157 8.79 -4.79 -13.65
C ALA C 157 9.17 -6.19 -14.10
N VAL C 158 10.05 -6.30 -15.10
CA VAL C 158 10.50 -7.63 -15.56
C VAL C 158 11.23 -8.32 -14.45
N ALA C 159 12.14 -7.62 -13.78
CA ALA C 159 12.92 -8.22 -12.70
C ALA C 159 12.01 -8.53 -11.54
N VAL C 160 11.11 -7.60 -11.24
CA VAL C 160 10.16 -7.84 -10.18
C VAL C 160 9.26 -9.06 -10.43
N ASN C 161 8.76 -9.22 -11.64
CA ASN C 161 7.83 -10.34 -11.96
C ASN C 161 8.47 -11.75 -11.96
N VAL C 162 9.73 -11.82 -12.38
CA VAL C 162 10.47 -13.08 -12.38
C VAL C 162 10.78 -13.48 -10.93
N ALA C 163 11.28 -12.53 -10.13
CA ALA C 163 11.64 -12.80 -8.72
C ALA C 163 10.47 -13.31 -7.85
N ASN C 164 9.31 -12.64 -7.92
CA ASN C 164 8.15 -13.11 -7.14
C ASN C 164 7.30 -14.21 -7.84
N GLY C 165 7.78 -14.73 -8.97
CA GLY C 165 7.26 -15.96 -9.56
C GLY C 165 6.11 -15.83 -10.54
N ASN C 166 5.59 -14.61 -10.74
CA ASN C 166 4.49 -14.36 -11.70
C ASN C 166 4.94 -14.58 -13.14
N ALA C 167 6.24 -14.60 -13.38
CA ALA C 167 6.82 -15.11 -14.63
C ALA C 167 7.86 -16.13 -14.24
N ASP C 168 8.14 -17.03 -15.17
CA ASP C 168 9.10 -18.09 -14.97
C ASP C 168 10.46 -17.64 -15.47
N ALA C 169 10.47 -16.72 -16.44
CA ALA C 169 11.69 -16.07 -16.86
C ALA C 169 11.36 -14.69 -17.42
N GLY C 170 12.38 -13.92 -17.81
CA GLY C 170 12.14 -12.60 -18.38
C GLY C 170 13.36 -12.00 -19.03
N GLY C 171 13.16 -10.89 -19.73
CA GLY C 171 14.17 -10.24 -20.52
C GLY C 171 14.19 -8.77 -20.16
N LEU C 172 15.39 -8.24 -19.89
CA LEU C 172 15.54 -6.82 -19.52
C LEU C 172 16.97 -6.43 -19.81
N SER C 173 17.37 -5.23 -19.44
CA SER C 173 18.68 -4.78 -19.84
C SER C 173 19.66 -5.29 -18.77
N GLU C 174 20.88 -5.59 -19.20
CA GLU C 174 21.95 -6.05 -18.32
C GLU C 174 22.24 -5.05 -17.21
N VAL C 175 22.37 -3.79 -17.62
CA VAL C 175 22.70 -2.69 -16.70
C VAL C 175 21.62 -2.54 -15.64
N ILE C 176 20.36 -2.67 -16.02
CA ILE C 176 19.31 -2.48 -15.03
C ILE C 176 19.22 -3.69 -14.10
N PHE C 177 19.41 -4.89 -14.64
CA PHE C 177 19.36 -6.09 -13.79
C PHE C 177 20.50 -6.05 -12.77
N ASN C 178 21.63 -5.48 -13.16
CA ASN C 178 22.80 -5.51 -12.26
C ASN C 178 22.65 -4.71 -11.01
N HIS C 179 21.64 -3.81 -10.98
CA HIS C 179 21.26 -3.08 -9.77
C HIS C 179 19.85 -3.46 -9.18
N ALA C 180 19.10 -4.40 -9.78
CA ALA C 180 17.72 -4.59 -9.31
C ALA C 180 17.81 -4.94 -7.84
N ALA C 181 18.58 -5.99 -7.54
CA ALA C 181 18.75 -6.45 -6.16
C ALA C 181 19.32 -5.39 -5.21
N GLU C 182 20.27 -4.62 -5.70
CA GLU C 182 20.96 -3.55 -4.95
C GLU C 182 19.97 -2.49 -4.44
N ARG C 183 19.01 -2.13 -5.30
CA ARG C 183 17.94 -1.21 -4.97
C ARG C 183 16.77 -1.90 -4.21
N GLY C 184 16.92 -3.17 -3.87
CA GLY C 184 15.91 -3.88 -3.11
C GLY C 184 14.64 -4.26 -3.84
N LEU C 185 14.61 -4.18 -5.18
CA LEU C 185 13.41 -4.58 -5.93
C LEU C 185 13.16 -6.08 -5.84
N ILE C 186 14.24 -6.88 -5.82
CA ILE C 186 14.15 -8.33 -5.84
C ILE C 186 15.00 -8.94 -4.76
N ASP C 187 14.68 -10.18 -4.40
CA ASP C 187 15.57 -11.04 -3.63
C ASP C 187 16.50 -11.74 -4.64
N PRO C 188 17.82 -11.43 -4.60
CA PRO C 188 18.74 -12.03 -5.60
C PRO C 188 18.76 -13.55 -5.59
N SER C 189 18.62 -14.14 -4.41
CA SER C 189 18.55 -15.58 -4.29
C SER C 189 17.41 -16.24 -5.12
N LYS C 190 16.39 -15.49 -5.50
CA LYS C 190 15.23 -16.05 -6.18
C LYS C 190 15.31 -16.13 -7.68
N VAL C 191 16.28 -15.46 -8.29
CA VAL C 191 16.49 -15.54 -9.74
C VAL C 191 17.93 -15.94 -10.07
N LYS C 192 18.15 -16.37 -11.32
CA LYS C 192 19.51 -16.63 -11.83
C LYS C 192 19.63 -16.23 -13.32
N VAL C 193 20.85 -15.99 -13.79
CA VAL C 193 21.10 -15.62 -15.17
C VAL C 193 21.09 -16.88 -16.01
N LEU C 194 20.42 -16.84 -17.16
CA LEU C 194 20.55 -17.86 -18.19
C LEU C 194 21.57 -17.45 -19.25
N GLY C 195 21.50 -16.21 -19.71
CA GLY C 195 22.52 -15.74 -20.67
C GLY C 195 22.30 -14.33 -21.14
N TYR C 196 23.16 -13.89 -22.06
CA TYR C 196 23.13 -12.55 -22.62
C TYR C 196 22.99 -12.59 -24.15
N SER C 197 22.34 -11.57 -24.68
CA SER C 197 22.39 -11.30 -26.09
C SER C 197 23.80 -10.91 -26.49
N GLY C 198 23.99 -10.71 -27.79
CA GLY C 198 25.21 -10.08 -28.29
C GLY C 198 25.17 -8.59 -28.00
N GLU C 199 26.22 -7.90 -28.47
CA GLU C 199 26.33 -6.45 -28.27
C GLU C 199 25.44 -5.70 -29.29
N TYR C 200 24.55 -4.82 -28.79
CA TYR C 200 23.72 -3.97 -29.65
C TYR C 200 24.18 -2.53 -29.53
N PRO C 201 24.22 -1.79 -30.65
CA PRO C 201 24.82 -0.49 -30.70
C PRO C 201 23.92 0.67 -30.20
N GLN C 202 24.55 1.69 -29.67
CA GLN C 202 23.87 2.89 -29.23
C GLN C 202 23.69 3.86 -30.42
N TYR C 203 23.23 5.08 -30.10
CA TYR C 203 22.94 6.19 -31.02
C TYR C 203 24.13 6.60 -31.86
N PRO C 204 24.07 6.39 -33.21
CA PRO C 204 25.16 6.93 -34.02
C PRO C 204 24.98 8.38 -34.45
N TRP C 205 26.09 9.12 -34.45
CA TRP C 205 26.29 10.24 -35.34
C TRP C 205 26.71 9.72 -36.75
N ALA C 206 25.97 10.10 -37.81
CA ALA C 206 26.25 9.67 -39.19
C ALA C 206 26.53 10.84 -40.14
N MET C 207 27.19 10.56 -41.27
CA MET C 207 27.42 11.58 -42.29
C MET C 207 27.20 11.06 -43.70
N ARG C 208 26.82 11.97 -44.57
CA ARG C 208 26.72 11.67 -45.99
C ARG C 208 28.12 11.41 -46.53
N SER C 209 28.25 10.24 -47.18
CA SER C 209 29.51 9.68 -47.69
C SER C 209 30.19 10.51 -48.79
N ASN C 210 29.48 11.48 -49.38
CA ASN C 210 30.05 12.35 -50.44
C ASN C 210 30.62 13.67 -49.89
N LEU C 211 30.72 13.81 -48.57
CA LEU C 211 31.63 14.81 -48.03
C LEU C 211 33.03 14.42 -48.47
N SER C 212 33.94 15.39 -48.53
CA SER C 212 35.33 15.10 -48.95
C SER C 212 36.03 14.30 -47.87
N PRO C 213 36.97 13.40 -48.25
CA PRO C 213 37.66 12.60 -47.21
C PRO C 213 38.45 13.43 -46.16
N GLU C 214 38.91 14.61 -46.52
CA GLU C 214 39.60 15.46 -45.56
C GLU C 214 38.62 15.86 -44.47
N LEU C 215 37.44 16.33 -44.91
CA LEU C 215 36.38 16.77 -44.01
C LEU C 215 35.93 15.65 -43.10
N LYS C 216 35.60 14.51 -43.71
CA LYS C 216 35.16 13.32 -42.98
C LYS C 216 36.14 12.88 -41.90
N THR C 217 37.45 13.03 -42.13
CA THR C 217 38.45 12.57 -41.16
C THR C 217 38.49 13.56 -39.99
N LYS C 218 38.44 14.85 -40.31
CA LYS C 218 38.28 15.90 -39.32
C LYS C 218 37.01 15.67 -38.44
N VAL C 219 35.90 15.27 -39.08
CA VAL C 219 34.62 15.13 -38.39
C VAL C 219 34.67 13.95 -37.44
N ARG C 220 35.19 12.82 -37.92
CA ARG C 220 35.33 11.63 -37.09
C ARG C 220 36.13 11.94 -35.82
N ASP C 221 37.36 12.42 -36.01
CA ASP C 221 38.29 12.66 -34.89
C ASP C 221 37.77 13.70 -33.90
N VAL C 222 37.23 14.81 -34.39
CA VAL C 222 36.69 15.84 -33.51
C VAL C 222 35.58 15.28 -32.60
N PHE C 223 34.60 14.58 -33.18
CA PHE C 223 33.50 13.99 -32.40
C PHE C 223 33.97 12.95 -31.40
N VAL C 224 34.99 12.15 -31.76
CA VAL C 224 35.54 11.12 -30.85
C VAL C 224 36.35 11.76 -29.74
N GLY C 225 36.96 12.91 -30.01
CA GLY C 225 37.68 13.67 -29.01
C GLY C 225 36.85 14.58 -28.12
N ILE C 226 35.53 14.65 -28.31
CA ILE C 226 34.65 15.45 -27.44
C ILE C 226 34.85 15.03 -25.98
N ASP C 227 35.40 15.95 -25.18
CA ASP C 227 35.65 15.77 -23.73
C ASP C 227 34.92 16.81 -22.84
N ASP C 228 34.10 17.67 -23.44
CA ASP C 228 33.48 18.79 -22.77
C ASP C 228 32.17 18.26 -22.20
N PRO C 229 32.03 18.22 -20.85
CA PRO C 229 30.77 17.73 -20.29
C PRO C 229 29.51 18.55 -20.63
N GLU C 230 29.66 19.85 -20.92
CA GLU C 230 28.50 20.66 -21.32
C GLU C 230 27.90 20.16 -22.65
N VAL C 231 28.77 19.77 -23.58
CA VAL C 231 28.33 19.20 -24.85
C VAL C 231 27.73 17.82 -24.61
N LEU C 232 28.45 17.00 -23.86
CA LEU C 232 28.07 15.61 -23.68
C LEU C 232 26.78 15.44 -22.87
N ARG C 233 26.60 16.24 -21.82
CA ARG C 233 25.44 16.10 -20.92
C ARG C 233 24.08 16.21 -21.65
N ASN C 234 24.02 17.00 -22.73
CA ASN C 234 22.80 17.05 -23.56
C ASN C 234 22.52 15.78 -24.35
N PHE C 235 23.48 14.86 -24.40
CA PHE C 235 23.34 13.56 -25.02
C PHE C 235 23.24 12.41 -24.01
N LYS C 236 23.26 12.73 -22.71
CA LYS C 236 23.30 11.72 -21.63
C LYS C 236 24.50 10.80 -21.86
N ALA C 237 25.62 11.40 -22.30
CA ALA C 237 26.75 10.68 -22.89
C ALA C 237 28.01 10.89 -22.11
N GLU C 238 28.78 9.83 -21.98
CA GLU C 238 30.09 9.89 -21.32
C GLU C 238 31.21 10.31 -22.31
N ALA C 239 30.98 10.05 -23.60
CA ALA C 239 32.00 10.18 -24.65
C ALA C 239 31.30 9.86 -25.98
N PHE C 240 32.05 10.00 -27.08
CA PHE C 240 31.65 9.35 -28.33
C PHE C 240 32.80 8.46 -28.75
N ALA C 241 32.49 7.23 -29.12
CA ALA C 241 33.45 6.22 -29.53
C ALA C 241 33.29 5.90 -31.00
N PRO C 242 34.40 5.57 -31.70
CA PRO C 242 34.33 5.04 -33.07
C PRO C 242 33.24 3.96 -33.26
N ILE C 243 32.55 4.01 -34.39
CA ILE C 243 31.52 3.01 -34.71
C ILE C 243 31.49 2.85 -36.23
N THR C 244 31.04 1.69 -36.70
CA THR C 244 30.97 1.40 -38.15
C THR C 244 29.62 0.80 -38.45
N ASP C 245 29.26 0.79 -39.74
CA ASP C 245 27.93 0.31 -40.19
C ASP C 245 27.79 -1.17 -39.90
N ALA C 246 28.90 -1.91 -39.89
CA ALA C 246 28.88 -3.34 -39.57
C ALA C 246 28.35 -3.62 -38.15
N ASP C 247 28.59 -2.68 -37.22
CA ASP C 247 28.05 -2.78 -35.84
C ASP C 247 26.52 -2.77 -35.79
N TYR C 248 25.89 -2.19 -36.82
CA TYR C 248 24.41 -2.18 -36.92
C TYR C 248 23.79 -3.40 -37.60
N ASP C 249 24.61 -4.32 -38.11
CA ASP C 249 24.11 -5.58 -38.75
C ASP C 249 23.30 -6.44 -37.79
N VAL C 250 23.65 -6.39 -36.51
CA VAL C 250 22.91 -7.14 -35.49
C VAL C 250 21.44 -6.66 -35.39
N ILE C 251 21.21 -5.36 -35.58
CA ILE C 251 19.84 -4.80 -35.63
C ILE C 251 19.08 -5.28 -36.88
N ARG C 252 19.79 -5.31 -38.02
CA ARG C 252 19.24 -5.89 -39.28
C ARG C 252 18.76 -7.34 -39.11
N ASN C 253 19.63 -8.19 -38.55
CA ASN C 253 19.26 -9.62 -38.26
C ASN C 253 18.02 -9.72 -37.40
N MET C 254 17.95 -8.87 -36.37
CA MET C 254 16.76 -8.78 -35.48
C MET C 254 15.51 -8.41 -36.28
N GLY C 255 15.64 -7.44 -37.19
CA GLY C 255 14.55 -7.01 -38.07
C GLY C 255 14.03 -8.09 -39.04
N SER C 256 14.93 -8.90 -39.58
CA SER C 256 14.53 -10.01 -40.46
C SER C 256 13.90 -11.13 -39.63
N LEU C 257 14.64 -11.65 -38.66
CA LEU C 257 14.16 -12.70 -37.75
C LEU C 257 12.75 -12.47 -37.20
N LEU C 258 12.45 -11.24 -36.81
CA LEU C 258 11.17 -10.88 -36.22
C LEU C 258 10.19 -10.34 -37.26
N GLY C 259 10.69 -10.05 -38.46
CA GLY C 259 9.84 -9.61 -39.57
C GLY C 259 9.26 -8.27 -39.25
N LEU C 260 10.14 -7.33 -38.90
CA LEU C 260 9.74 -5.97 -38.58
C LEU C 260 10.17 -5.03 -39.70
N ASP C 261 9.22 -4.22 -40.19
CA ASP C 261 9.52 -2.98 -40.91
C ASP C 261 9.61 -1.92 -39.82
N PHE C 262 10.60 -1.05 -39.95
CA PHE C 262 10.93 -0.09 -38.90
C PHE C 262 10.04 1.17 -38.98
N ALA C 263 9.71 1.63 -40.19
CA ALA C 263 8.87 2.83 -40.38
C ALA C 263 7.44 2.63 -39.87
N ASP D 5 -27.29 16.23 -36.67
CA ASP D 5 -28.48 15.54 -36.06
C ASP D 5 -28.36 13.98 -36.11
N PRO D 6 -27.48 13.39 -35.29
CA PRO D 6 -27.22 11.95 -35.38
C PRO D 6 -28.28 11.04 -34.77
N ASP D 7 -28.27 9.77 -35.20
CA ASP D 7 -29.14 8.71 -34.66
C ASP D 7 -28.68 8.26 -33.27
N VAL D 8 -27.35 8.19 -33.10
CA VAL D 8 -26.71 7.79 -31.84
C VAL D 8 -26.18 9.03 -31.12
N LEU D 9 -26.74 9.32 -29.96
CA LEU D 9 -26.35 10.50 -29.17
C LEU D 9 -25.19 10.11 -28.23
N LYS D 10 -23.97 10.48 -28.62
CA LYS D 10 -22.76 10.10 -27.89
C LYS D 10 -22.53 11.08 -26.71
N VAL D 11 -22.96 10.65 -25.51
CA VAL D 11 -22.90 11.46 -24.26
C VAL D 11 -21.65 11.12 -23.40
N ALA D 12 -20.67 12.01 -23.33
CA ALA D 12 -19.50 11.82 -22.43
C ALA D 12 -19.71 12.26 -20.98
N LEU D 13 -19.16 11.48 -20.04
CA LEU D 13 -19.14 11.82 -18.59
C LEU D 13 -17.76 12.36 -18.20
N LEU D 14 -17.50 12.61 -16.91
CA LEU D 14 -16.17 13.09 -16.49
C LEU D 14 -15.12 12.01 -16.77
N PRO D 15 -13.89 12.40 -17.16
CA PRO D 15 -12.79 11.43 -17.31
C PRO D 15 -12.53 10.53 -16.08
N ASP D 16 -12.09 9.29 -16.33
CA ASP D 16 -11.79 8.30 -15.28
C ASP D 16 -11.00 7.09 -15.85
N GLU D 17 -10.38 6.28 -14.99
CA GLU D 17 -9.82 4.98 -15.43
C GLU D 17 -10.94 3.93 -15.57
N ASN D 18 -11.80 3.86 -14.55
CA ASN D 18 -12.81 2.80 -14.44
C ASN D 18 -14.05 3.09 -15.31
N ALA D 19 -13.85 2.99 -16.64
CA ALA D 19 -14.87 3.34 -17.62
C ALA D 19 -16.13 2.47 -17.54
N SER D 20 -15.93 1.15 -17.50
CA SER D 20 -17.06 0.21 -17.50
C SER D 20 -17.91 0.31 -16.24
N GLU D 21 -17.26 0.47 -15.09
CA GLU D 21 -17.97 0.73 -13.84
C GLU D 21 -18.74 2.05 -13.93
N LEU D 22 -18.11 3.12 -14.41
CA LEU D 22 -18.83 4.42 -14.48
C LEU D 22 -19.98 4.45 -15.53
N ILE D 23 -19.78 3.79 -16.66
CA ILE D 23 -20.84 3.64 -17.65
C ILE D 23 -22.01 2.82 -17.11
N LYS D 24 -21.73 1.79 -16.31
CA LYS D 24 -22.81 0.99 -15.73
C LYS D 24 -23.52 1.75 -14.61
N ARG D 25 -22.76 2.42 -13.75
CA ARG D 25 -23.37 3.21 -12.65
C ARG D 25 -24.42 4.22 -13.16
N ASN D 26 -24.16 4.79 -14.34
CA ASN D 26 -25.00 5.83 -14.95
C ASN D 26 -25.96 5.29 -16.01
N GLN D 27 -26.39 4.04 -15.86
CA GLN D 27 -27.40 3.46 -16.74
C GLN D 27 -28.78 4.13 -16.54
N PRO D 28 -29.01 4.76 -15.37
CA PRO D 28 -30.18 5.64 -15.25
C PRO D 28 -30.18 6.85 -16.22
N LEU D 29 -29.01 7.42 -16.51
CA LEU D 29 -28.93 8.56 -17.44
C LEU D 29 -29.24 8.09 -18.86
N LYS D 30 -28.50 7.09 -19.33
CA LYS D 30 -28.71 6.46 -20.64
C LYS D 30 -30.19 6.07 -20.88
N ASP D 31 -30.82 5.39 -19.92
CA ASP D 31 -32.25 4.99 -20.06
C ASP D 31 -33.14 6.21 -20.16
N TYR D 32 -32.84 7.21 -19.32
CA TYR D 32 -33.65 8.43 -19.23
C TYR D 32 -33.53 9.26 -20.50
N LEU D 33 -32.30 9.49 -20.96
CA LEU D 33 -32.05 10.25 -22.20
C LEU D 33 -32.53 9.55 -23.47
N GLU D 34 -32.41 8.21 -23.54
CA GLU D 34 -33.04 7.43 -24.62
C GLU D 34 -34.57 7.50 -24.53
N GLU D 35 -35.14 7.37 -23.33
CA GLU D 35 -36.59 7.51 -23.14
C GLU D 35 -37.12 8.90 -23.52
N HIS D 36 -36.42 9.96 -23.09
CA HIS D 36 -36.93 11.34 -23.23
C HIS D 36 -36.52 12.06 -24.53
N LEU D 37 -35.47 11.61 -25.20
CA LEU D 37 -35.09 12.16 -26.53
C LEU D 37 -35.51 11.28 -27.72
N ASP D 38 -36.24 10.20 -27.45
CA ASP D 38 -36.43 9.08 -28.40
C ASP D 38 -35.24 8.94 -29.38
N LYS D 39 -34.06 8.63 -28.82
CA LYS D 39 -32.83 8.34 -29.57
C LYS D 39 -32.11 7.11 -28.96
N LYS D 40 -30.97 6.75 -29.54
CA LYS D 40 -30.04 5.79 -28.93
C LYS D 40 -28.88 6.60 -28.31
N VAL D 41 -28.35 6.12 -27.17
CA VAL D 41 -27.32 6.84 -26.40
C VAL D 41 -26.15 5.92 -26.06
N GLN D 42 -24.95 6.34 -26.45
CA GLN D 42 -23.68 5.68 -26.11
C GLN D 42 -23.01 6.58 -25.06
N LEU D 43 -22.99 6.14 -23.80
CA LEU D 43 -22.23 6.85 -22.76
C LEU D 43 -20.76 6.66 -23.09
N ILE D 44 -19.94 7.68 -22.84
CA ILE D 44 -18.52 7.66 -23.13
C ILE D 44 -17.78 8.07 -21.86
N VAL D 45 -16.57 7.57 -21.68
CA VAL D 45 -15.73 7.89 -20.55
C VAL D 45 -14.26 7.80 -20.99
N THR D 46 -13.65 8.93 -21.32
CA THR D 46 -12.23 8.94 -21.70
C THR D 46 -11.38 8.88 -20.44
N THR D 47 -10.07 8.83 -20.58
CA THR D 47 -9.16 8.84 -19.41
C THR D 47 -8.47 10.19 -19.17
N ASP D 48 -8.77 11.19 -20.00
CA ASP D 48 -8.41 12.57 -19.69
C ASP D 48 -9.33 13.56 -20.38
N TYR D 49 -9.17 14.84 -20.04
CA TYR D 49 -9.89 15.91 -20.75
C TYR D 49 -9.34 16.11 -22.17
N SER D 50 -8.05 15.82 -22.33
CA SER D 50 -7.34 15.88 -23.61
C SER D 50 -8.06 15.12 -24.75
N SER D 51 -8.55 13.90 -24.48
CA SER D 51 -9.27 13.10 -25.49
C SER D 51 -10.65 13.64 -25.83
N MET D 52 -11.36 14.13 -24.80
CA MET D 52 -12.75 14.63 -24.96
C MET D 52 -12.81 15.79 -25.94
N ILE D 53 -11.92 16.74 -25.72
CA ILE D 53 -11.82 17.91 -26.58
C ILE D 53 -11.74 17.48 -28.05
N GLU D 54 -10.79 16.57 -28.34
CA GLU D 54 -10.57 16.08 -29.72
C GLU D 54 -11.84 15.45 -30.31
N ALA D 55 -12.47 14.55 -29.58
CA ALA D 55 -13.70 13.87 -30.06
C ALA D 55 -14.92 14.79 -30.35
N MET D 56 -15.08 15.87 -29.59
CA MET D 56 -16.19 16.84 -29.81
C MET D 56 -15.88 17.72 -31.02
N ARG D 57 -14.64 18.25 -31.01
CA ARG D 57 -14.02 18.97 -32.12
C ARG D 57 -14.12 18.25 -33.48
N PHE D 58 -14.10 16.91 -33.47
CA PHE D 58 -14.28 16.07 -34.68
C PHE D 58 -15.62 15.27 -34.70
N GLY D 59 -16.61 15.65 -33.88
CA GLY D 59 -17.98 15.07 -33.98
C GLY D 59 -18.35 13.74 -33.32
N ARG D 60 -17.39 13.05 -32.70
CA ARG D 60 -17.64 11.71 -32.10
C ARG D 60 -18.21 11.72 -30.66
N ILE D 61 -18.16 12.88 -30.00
CA ILE D 61 -18.90 13.14 -28.74
C ILE D 61 -19.87 14.29 -29.02
N ASP D 62 -21.14 14.11 -28.69
CA ASP D 62 -22.18 15.10 -28.98
C ASP D 62 -22.53 15.96 -27.75
N LEU D 63 -22.67 15.31 -26.59
CA LEU D 63 -22.79 15.95 -25.28
C LEU D 63 -21.62 15.52 -24.35
N ALA D 64 -21.11 16.45 -23.53
CA ALA D 64 -20.09 16.16 -22.53
C ALA D 64 -20.39 16.89 -21.17
N TYR D 65 -20.08 16.25 -20.03
CA TYR D 65 -20.17 16.84 -18.69
C TYR D 65 -18.75 17.20 -18.32
N PHE D 66 -18.56 18.43 -17.86
CA PHE D 66 -17.26 19.00 -17.60
C PHE D 66 -17.29 19.58 -16.21
N GLY D 67 -16.10 19.72 -15.65
CA GLY D 67 -15.88 20.60 -14.52
C GLY D 67 -15.74 22.00 -15.04
N PRO D 68 -15.83 23.00 -14.16
CA PRO D 68 -15.83 24.39 -14.62
C PRO D 68 -14.56 24.82 -15.34
N LEU D 69 -13.41 24.51 -14.75
CA LEU D 69 -12.14 24.89 -15.34
C LEU D 69 -11.91 24.12 -16.63
N SER D 70 -12.21 22.83 -16.61
CA SER D 70 -12.03 22.03 -17.84
C SER D 70 -13.04 22.45 -18.92
N TYR D 71 -14.23 22.94 -18.54
CA TYR D 71 -15.20 23.46 -19.52
C TYR D 71 -14.55 24.59 -20.32
N VAL D 72 -13.91 25.50 -19.60
CA VAL D 72 -13.28 26.72 -20.17
C VAL D 72 -12.13 26.37 -21.13
N MET D 73 -11.31 25.41 -20.71
CA MET D 73 -10.24 24.79 -21.53
C MET D 73 -10.82 24.26 -22.82
N ALA D 74 -11.86 23.44 -22.71
CA ALA D 74 -12.50 22.85 -23.86
C ALA D 74 -13.12 23.86 -24.83
N LYS D 75 -13.64 24.96 -24.31
CA LYS D 75 -14.38 25.94 -25.10
C LYS D 75 -13.37 26.84 -25.82
N SER D 76 -12.17 26.97 -25.28
CA SER D 76 -11.10 27.69 -25.99
C SER D 76 -10.63 26.92 -27.24
N LYS D 77 -10.75 25.59 -27.23
CA LYS D 77 -10.23 24.73 -28.29
C LYS D 77 -11.29 24.01 -29.15
N SER D 78 -12.59 24.22 -28.89
CA SER D 78 -13.68 23.49 -29.59
C SER D 78 -15.00 24.25 -29.61
N ASP D 79 -15.84 23.96 -30.59
CA ASP D 79 -17.07 24.74 -30.77
C ASP D 79 -18.26 24.14 -30.00
N ILE D 80 -18.28 24.43 -28.70
CA ILE D 80 -19.25 23.87 -27.78
C ILE D 80 -20.01 24.98 -27.04
N GLU D 81 -21.01 24.52 -26.30
CA GLU D 81 -22.03 25.36 -25.72
C GLU D 81 -22.45 24.75 -24.39
N PRO D 82 -22.32 25.51 -23.29
CA PRO D 82 -22.95 25.00 -22.06
C PRO D 82 -24.44 25.19 -22.18
N PHE D 83 -25.22 24.25 -21.65
CA PHE D 83 -26.67 24.38 -21.68
C PHE D 83 -27.39 23.99 -20.37
N ALA D 84 -26.72 23.24 -19.50
CA ALA D 84 -27.19 23.13 -18.13
C ALA D 84 -26.03 22.98 -17.14
N ALA D 85 -26.31 23.24 -15.87
CA ALA D 85 -25.31 23.20 -14.81
C ALA D 85 -25.86 22.54 -13.54
N MET D 86 -25.01 21.75 -12.91
CA MET D 86 -25.33 21.05 -11.70
C MET D 86 -25.75 22.06 -10.63
N VAL D 87 -26.80 21.71 -9.87
CA VAL D 87 -27.35 22.53 -8.80
C VAL D 87 -27.02 21.91 -7.44
N ILE D 88 -26.38 22.67 -6.57
CA ILE D 88 -26.19 22.24 -5.17
C ILE D 88 -26.38 23.46 -4.26
N ASP D 89 -27.04 23.23 -3.11
CA ASP D 89 -27.35 24.29 -2.17
C ASP D 89 -28.23 25.33 -2.85
N GLY D 90 -29.20 24.86 -3.65
CA GLY D 90 -30.17 25.71 -4.27
C GLY D 90 -29.80 26.52 -5.50
N LYS D 91 -28.56 26.39 -5.99
CA LYS D 91 -28.17 27.18 -7.17
C LYS D 91 -26.98 26.54 -7.86
N PRO D 92 -26.75 26.88 -9.16
CA PRO D 92 -25.68 26.31 -9.96
C PRO D 92 -24.44 27.17 -9.90
N THR D 93 -24.23 27.84 -8.78
CA THR D 93 -23.13 28.78 -8.61
C THR D 93 -22.83 28.89 -7.10
N TYR D 94 -21.68 29.44 -6.76
CA TYR D 94 -21.19 29.41 -5.38
C TYR D 94 -20.23 30.55 -5.18
N ARG D 95 -20.05 30.94 -3.92
CA ARG D 95 -19.09 31.97 -3.57
C ARG D 95 -18.05 31.41 -2.68
N SER D 96 -16.92 32.11 -2.66
CA SER D 96 -15.94 31.98 -1.63
C SER D 96 -16.10 33.15 -0.63
N VAL D 97 -15.72 32.87 0.61
CA VAL D 97 -15.77 33.85 1.67
C VAL D 97 -14.34 33.99 2.17
N ILE D 98 -13.96 35.22 2.48
CA ILE D 98 -12.70 35.49 3.12
C ILE D 98 -13.03 35.93 4.53
N ILE D 99 -12.40 35.25 5.49
CA ILE D 99 -12.54 35.53 6.92
C ILE D 99 -11.26 36.05 7.55
N ALA D 100 -11.40 36.73 8.70
CA ALA D 100 -10.25 37.23 9.43
C ALA D 100 -10.33 36.83 10.90
N ASN D 101 -9.16 36.77 11.56
CA ASN D 101 -9.08 36.51 12.98
C ASN D 101 -9.31 37.86 13.65
N VAL D 102 -10.27 37.92 14.55
CA VAL D 102 -10.62 39.20 15.19
C VAL D 102 -9.44 39.78 15.94
N ALA D 103 -8.75 38.96 16.74
CA ALA D 103 -7.64 39.47 17.56
C ALA D 103 -6.47 40.02 16.76
N SER D 104 -6.35 39.64 15.48
CA SER D 104 -5.24 40.10 14.64
C SER D 104 -5.34 41.59 14.21
N GLY D 105 -6.53 42.19 14.28
CA GLY D 105 -6.75 43.56 13.84
C GLY D 105 -6.89 43.71 12.34
N VAL D 106 -6.97 42.60 11.60
CA VAL D 106 -7.32 42.62 10.20
C VAL D 106 -8.81 42.95 10.05
N ASN D 107 -9.11 44.13 9.50
CA ASN D 107 -10.51 44.56 9.35
C ASN D 107 -11.02 44.69 7.92
N GLU D 108 -10.11 44.93 6.97
CA GLU D 108 -10.41 45.00 5.57
C GLU D 108 -9.34 44.23 4.78
N TYR D 109 -9.68 43.85 3.55
CA TYR D 109 -8.77 43.16 2.63
C TYR D 109 -7.36 43.72 2.65
N ALA D 110 -7.23 45.04 2.55
CA ALA D 110 -5.88 45.66 2.45
C ALA D 110 -5.02 45.46 3.71
N ASP D 111 -5.65 45.22 4.86
CA ASP D 111 -4.88 44.94 6.09
C ASP D 111 -4.16 43.59 6.02
N LEU D 112 -4.42 42.74 5.02
CA LEU D 112 -3.58 41.54 4.82
C LEU D 112 -2.12 41.84 4.50
N LYS D 113 -1.79 43.07 4.08
CA LYS D 113 -0.40 43.39 3.75
C LYS D 113 0.57 43.14 4.91
N GLY D 114 1.50 42.20 4.69
CA GLY D 114 2.50 41.81 5.70
C GLY D 114 2.00 40.84 6.76
N LYS D 115 0.89 40.15 6.47
CA LYS D 115 0.24 39.26 7.39
C LYS D 115 0.04 37.92 6.67
N ARG D 116 -0.69 37.00 7.28
CA ARG D 116 -0.69 35.60 6.86
C ARG D 116 -2.05 35.13 6.32
N MET D 117 -2.09 34.73 5.06
CA MET D 117 -3.32 34.25 4.41
C MET D 117 -3.39 32.71 4.36
N ALA D 118 -4.44 32.14 4.92
CA ALA D 118 -4.62 30.70 4.80
C ALA D 118 -5.41 30.37 3.51
N TYR D 119 -4.91 29.44 2.72
CA TYR D 119 -5.62 28.85 1.60
C TYR D 119 -5.72 27.34 1.82
N GLY D 120 -6.62 26.69 1.09
CA GLY D 120 -6.86 25.26 1.19
C GLY D 120 -5.87 24.51 0.31
N ASP D 121 -6.39 23.75 -0.63
CA ASP D 121 -5.58 23.01 -1.61
C ASP D 121 -5.21 23.99 -2.78
N ARG D 122 -4.09 23.76 -3.46
CA ARG D 122 -3.66 24.70 -4.50
C ARG D 122 -4.58 24.70 -5.74
N ALA D 123 -5.26 23.58 -6.02
CA ALA D 123 -6.17 23.44 -7.18
C ALA D 123 -7.62 23.80 -6.87
N SER D 124 -7.92 24.12 -5.62
CA SER D 124 -9.25 24.59 -5.26
C SER D 124 -9.56 26.01 -5.79
N THR D 125 -10.73 26.15 -6.38
CA THR D 125 -11.28 27.46 -6.68
C THR D 125 -11.69 28.18 -5.41
N SER D 126 -12.60 27.54 -4.69
CA SER D 126 -13.25 28.07 -3.49
C SER D 126 -12.29 28.39 -2.29
N SER D 127 -11.23 27.59 -2.11
CA SER D 127 -10.25 27.84 -1.06
C SER D 127 -8.90 28.30 -1.53
N HIS D 128 -8.75 28.69 -2.80
CA HIS D 128 -7.51 29.34 -3.22
C HIS D 128 -7.69 30.29 -4.39
N LEU D 129 -8.07 29.78 -5.55
CA LEU D 129 -7.96 30.65 -6.74
C LEU D 129 -8.93 31.85 -6.65
N ILE D 130 -10.14 31.65 -6.14
CA ILE D 130 -11.15 32.71 -6.01
C ILE D 130 -10.72 33.77 -5.01
N PRO D 131 -10.46 33.38 -3.74
CA PRO D 131 -10.01 34.38 -2.77
C PRO D 131 -8.69 35.06 -3.13
N LYS D 132 -7.79 34.34 -3.76
CA LYS D 132 -6.56 34.96 -4.27
C LYS D 132 -6.88 36.07 -5.24
N THR D 133 -7.80 35.81 -6.17
CA THR D 133 -8.27 36.79 -7.14
C THR D 133 -8.99 38.00 -6.50
N VAL D 134 -9.78 37.76 -5.46
CA VAL D 134 -10.46 38.83 -4.74
C VAL D 134 -9.44 39.81 -4.13
N LEU D 135 -8.41 39.30 -3.45
CA LEU D 135 -7.40 40.13 -2.78
C LEU D 135 -6.58 40.95 -3.75
N LEU D 136 -6.26 40.36 -4.91
CA LEU D 136 -5.48 41.06 -5.93
C LEU D 136 -6.37 42.12 -6.64
N GLU D 137 -7.60 41.77 -7.03
CA GLU D 137 -8.51 42.77 -7.67
C GLU D 137 -8.94 43.90 -6.72
N THR D 138 -9.31 43.56 -5.49
CA THR D 138 -9.96 44.49 -4.58
C THR D 138 -8.97 45.23 -3.66
N ALA D 139 -7.75 44.71 -3.49
CA ALA D 139 -6.72 45.38 -2.67
C ALA D 139 -5.31 45.40 -3.24
N ASP D 140 -5.13 44.99 -4.50
CA ASP D 140 -3.83 44.94 -5.12
C ASP D 140 -2.78 44.19 -4.31
N LEU D 141 -3.17 43.09 -3.66
CA LEU D 141 -2.21 42.23 -2.98
C LEU D 141 -1.90 40.94 -3.77
N THR D 142 -0.59 40.72 -3.97
CA THR D 142 -0.08 39.52 -4.62
C THR D 142 0.48 38.56 -3.57
N GLY D 143 -0.07 37.34 -3.59
CA GLY D 143 0.36 36.29 -2.67
C GLY D 143 1.82 35.92 -2.81
N GLY D 144 2.54 36.00 -1.70
CA GLY D 144 3.98 35.78 -1.68
C GLY D 144 4.78 37.05 -1.79
N GLN D 145 4.28 38.04 -2.54
CA GLN D 145 4.89 39.36 -2.66
C GLN D 145 4.44 40.18 -1.44
N ASP D 146 3.14 40.45 -1.32
CA ASP D 146 2.56 41.36 -0.31
C ASP D 146 2.02 40.66 0.95
N TYR D 147 1.92 39.35 0.96
CA TYR D 147 1.50 38.63 2.16
C TYR D 147 2.05 37.24 2.07
N GLU D 148 2.11 36.57 3.20
CA GLU D 148 2.47 35.17 3.21
C GLU D 148 1.26 34.30 2.91
N GLN D 149 1.42 33.34 2.00
CA GLN D 149 0.35 32.39 1.68
C GLN D 149 0.71 31.08 2.32
N HIS D 150 -0.14 30.57 3.23
CA HIS D 150 0.03 29.24 3.84
C HIS D 150 -1.09 28.29 3.37
N PHE D 151 -0.74 27.15 2.77
CA PHE D 151 -1.70 26.15 2.29
C PHE D 151 -1.87 24.98 3.27
N VAL D 152 -3.11 24.77 3.71
CA VAL D 152 -3.44 23.96 4.87
C VAL D 152 -4.38 22.77 4.57
N GLY D 153 -4.78 22.62 3.30
CA GLY D 153 -5.17 21.32 2.77
C GLY D 153 -6.66 21.19 2.50
N THR D 154 -7.46 21.78 3.39
CA THR D 154 -8.91 21.67 3.29
C THR D 154 -9.61 22.95 3.74
N HIS D 155 -10.86 23.05 3.34
CA HIS D 155 -11.67 24.21 3.72
C HIS D 155 -11.82 24.27 5.23
N ASP D 156 -12.11 23.11 5.84
CA ASP D 156 -12.14 23.03 7.32
C ASP D 156 -10.85 23.61 7.98
N ALA D 157 -9.69 23.22 7.46
CA ALA D 157 -8.41 23.62 8.03
C ALA D 157 -8.22 25.13 7.92
N VAL D 158 -8.75 25.76 6.85
CA VAL D 158 -8.66 27.20 6.69
C VAL D 158 -9.42 27.86 7.84
N ALA D 159 -10.66 27.39 8.07
CA ALA D 159 -11.51 27.88 9.17
C ALA D 159 -10.85 27.73 10.52
N VAL D 160 -10.37 26.52 10.80
CA VAL D 160 -9.71 26.25 12.09
C VAL D 160 -8.46 27.12 12.28
N ASN D 161 -7.65 27.29 11.24
CA ASN D 161 -6.40 28.04 11.32
C ASN D 161 -6.60 29.55 11.50
N VAL D 162 -7.69 30.10 10.97
CA VAL D 162 -7.97 31.55 11.13
C VAL D 162 -8.49 31.80 12.54
N ALA D 163 -9.44 30.95 12.93
CA ALA D 163 -10.07 31.00 14.25
C ALA D 163 -9.10 30.86 15.42
N ASN D 164 -8.18 29.88 15.36
CA ASN D 164 -7.18 29.75 16.45
C ASN D 164 -5.91 30.64 16.28
N GLY D 165 -5.91 31.52 15.29
CA GLY D 165 -4.83 32.51 15.18
C GLY D 165 -3.57 32.13 14.43
N ASN D 166 -3.52 30.93 13.84
CA ASN D 166 -2.35 30.50 13.08
C ASN D 166 -2.26 31.21 11.76
N ALA D 167 -3.35 31.81 11.30
CA ALA D 167 -3.33 32.77 10.23
C ALA D 167 -4.22 33.94 10.64
N ASP D 168 -4.00 35.06 9.98
CA ASP D 168 -4.68 36.31 10.24
C ASP D 168 -5.97 36.41 9.37
N ALA D 169 -5.97 35.76 8.22
CA ALA D 169 -7.20 35.66 7.38
C ALA D 169 -7.19 34.37 6.55
N GLY D 170 -8.30 34.02 5.93
CA GLY D 170 -8.31 32.83 5.05
C GLY D 170 -9.45 32.86 4.02
N GLY D 171 -9.39 31.97 3.04
CA GLY D 171 -10.43 31.90 2.00
C GLY D 171 -10.99 30.50 1.95
N LEU D 172 -12.31 30.42 1.89
CA LEU D 172 -12.95 29.12 1.82
C LEU D 172 -14.36 29.15 1.22
N SER D 173 -14.89 27.98 0.99
CA SER D 173 -16.26 27.88 0.54
C SER D 173 -17.20 28.63 1.52
N GLU D 174 -18.07 29.53 1.01
CA GLU D 174 -19.10 30.18 1.82
C GLU D 174 -19.89 29.13 2.60
N VAL D 175 -20.34 28.09 1.90
CA VAL D 175 -21.25 27.11 2.48
C VAL D 175 -20.56 26.34 3.64
N ILE D 176 -19.33 25.87 3.41
CA ILE D 176 -18.56 25.19 4.46
C ILE D 176 -18.30 26.11 5.64
N PHE D 177 -17.89 27.37 5.42
CA PHE D 177 -17.73 28.30 6.54
C PHE D 177 -19.03 28.45 7.34
N ASN D 178 -20.17 28.57 6.65
CA ASN D 178 -21.48 28.77 7.31
C ASN D 178 -21.92 27.64 8.24
N HIS D 179 -21.37 26.44 8.08
CA HIS D 179 -21.66 25.29 8.95
C HIS D 179 -20.49 24.96 9.91
N ALA D 180 -19.50 25.85 10.00
CA ALA D 180 -18.24 25.55 10.69
C ALA D 180 -18.35 25.73 12.21
N ALA D 181 -18.95 26.84 12.66
CA ALA D 181 -19.35 27.01 14.07
C ALA D 181 -20.37 25.92 14.56
N GLU D 182 -21.34 25.56 13.72
CA GLU D 182 -22.29 24.47 14.00
C GLU D 182 -21.63 23.10 14.22
N ARG D 183 -20.59 22.80 13.45
CA ARG D 183 -19.86 21.53 13.59
C ARG D 183 -18.80 21.55 14.70
N GLY D 184 -18.63 22.67 15.39
CA GLY D 184 -17.63 22.76 16.47
C GLY D 184 -16.20 23.15 16.05
N LEU D 185 -15.98 23.42 14.76
CA LEU D 185 -14.59 23.66 14.30
C LEU D 185 -14.03 24.99 14.78
N ILE D 186 -14.89 25.98 14.96
CA ILE D 186 -14.49 27.28 15.42
C ILE D 186 -15.48 27.80 16.43
N ASP D 187 -14.96 28.70 17.27
CA ASP D 187 -15.73 29.60 18.09
C ASP D 187 -16.03 30.79 17.17
N PRO D 188 -17.32 30.99 16.79
CA PRO D 188 -17.65 31.99 15.77
C PRO D 188 -17.30 33.43 16.12
N SER D 189 -17.19 33.73 17.41
CA SER D 189 -16.72 35.03 17.89
C SER D 189 -15.22 35.35 17.65
N LYS D 190 -14.42 34.33 17.37
CA LYS D 190 -12.98 34.52 17.09
C LYS D 190 -12.66 34.99 15.65
N VAL D 191 -13.68 34.95 14.76
CA VAL D 191 -13.54 35.36 13.36
C VAL D 191 -14.65 36.31 12.91
N LYS D 192 -14.31 37.18 11.95
CA LYS D 192 -15.24 38.05 11.23
C LYS D 192 -15.07 37.79 9.73
N VAL D 193 -16.13 38.10 8.99
CA VAL D 193 -16.15 37.96 7.56
C VAL D 193 -15.64 39.25 6.96
N LEU D 194 -14.63 39.19 6.09
CA LEU D 194 -14.20 40.39 5.37
C LEU D 194 -14.99 40.67 4.13
N GLY D 195 -15.47 39.62 3.46
CA GLY D 195 -16.26 39.78 2.25
C GLY D 195 -16.52 38.45 1.54
N TYR D 196 -17.27 38.51 0.44
CA TYR D 196 -17.57 37.38 -0.41
C TYR D 196 -17.08 37.70 -1.81
N SER D 197 -16.78 36.66 -2.57
CA SER D 197 -16.43 36.82 -3.95
C SER D 197 -17.71 36.99 -4.76
N GLY D 198 -17.55 37.22 -6.05
CA GLY D 198 -18.61 36.96 -6.99
C GLY D 198 -19.08 35.50 -7.07
N GLU D 199 -20.10 35.29 -7.89
CA GLU D 199 -20.68 33.97 -8.08
C GLU D 199 -19.85 33.29 -9.14
N TYR D 200 -19.27 32.14 -8.79
CA TYR D 200 -18.59 31.24 -9.75
C TYR D 200 -19.49 30.04 -10.11
N PRO D 201 -19.37 29.52 -11.34
CA PRO D 201 -20.26 28.51 -11.83
C PRO D 201 -19.85 27.08 -11.42
N GLN D 202 -20.87 26.22 -11.30
CA GLN D 202 -20.72 24.81 -11.12
C GLN D 202 -20.49 24.08 -12.48
N TYR D 203 -20.49 22.73 -12.40
CA TYR D 203 -20.17 21.79 -13.49
C TYR D 203 -21.26 21.85 -14.59
N PRO D 204 -20.90 22.25 -15.82
CA PRO D 204 -21.85 22.27 -16.91
C PRO D 204 -21.86 21.02 -17.76
N TRP D 205 -23.06 20.67 -18.20
CA TRP D 205 -23.26 19.91 -19.43
C TRP D 205 -23.09 20.84 -20.64
N ALA D 206 -22.28 20.39 -21.62
CA ALA D 206 -22.02 21.11 -22.87
C ALA D 206 -22.28 20.23 -24.10
N MET D 207 -22.73 20.83 -25.18
CA MET D 207 -22.92 20.17 -26.47
C MET D 207 -22.15 20.89 -27.55
N ARG D 208 -21.77 20.14 -28.60
CA ARG D 208 -21.21 20.74 -29.80
C ARG D 208 -22.28 21.62 -30.48
N SER D 209 -21.86 22.82 -30.84
CA SER D 209 -22.79 23.85 -31.30
C SER D 209 -23.35 23.55 -32.69
N ASN D 210 -22.56 22.90 -33.53
CA ASN D 210 -23.02 22.56 -34.88
C ASN D 210 -24.06 21.46 -34.94
N LEU D 211 -24.66 21.06 -33.81
CA LEU D 211 -25.88 20.23 -33.83
C LEU D 211 -27.05 21.08 -34.30
N SER D 212 -28.15 20.43 -34.68
CA SER D 212 -29.34 21.13 -35.21
C SER D 212 -30.04 21.90 -34.10
N PRO D 213 -30.73 23.03 -34.44
CA PRO D 213 -31.50 23.76 -33.40
C PRO D 213 -32.62 22.99 -32.72
N GLU D 214 -33.30 22.09 -33.43
CA GLU D 214 -34.41 21.30 -32.84
C GLU D 214 -33.90 20.46 -31.67
N LEU D 215 -32.89 19.65 -31.98
CA LEU D 215 -32.25 18.74 -31.03
C LEU D 215 -31.62 19.47 -29.83
N LYS D 216 -30.89 20.55 -30.11
CA LYS D 216 -30.25 21.35 -29.05
C LYS D 216 -31.27 21.82 -28.03
N THR D 217 -32.39 22.36 -28.52
CA THR D 217 -33.51 22.80 -27.67
C THR D 217 -34.01 21.63 -26.81
N LYS D 218 -34.26 20.50 -27.46
CA LYS D 218 -34.81 19.32 -26.79
C LYS D 218 -33.82 18.79 -25.76
N VAL D 219 -32.53 18.84 -26.08
CA VAL D 219 -31.50 18.35 -25.18
C VAL D 219 -31.40 19.24 -23.92
N ARG D 220 -31.34 20.56 -24.10
CA ARG D 220 -31.49 21.55 -23.01
C ARG D 220 -32.70 21.25 -22.14
N ASP D 221 -33.89 21.15 -22.74
CA ASP D 221 -35.13 21.04 -21.95
C ASP D 221 -35.18 19.73 -21.16
N VAL D 222 -34.67 18.66 -21.74
CA VAL D 222 -34.65 17.35 -21.09
C VAL D 222 -33.68 17.35 -19.91
N PHE D 223 -32.47 17.84 -20.12
CA PHE D 223 -31.53 17.90 -18.99
C PHE D 223 -32.06 18.72 -17.80
N VAL D 224 -32.70 19.85 -18.08
CA VAL D 224 -33.20 20.74 -17.03
C VAL D 224 -34.41 20.11 -16.33
N GLY D 225 -35.19 19.30 -17.06
CA GLY D 225 -36.32 18.59 -16.49
C GLY D 225 -35.95 17.45 -15.57
N ILE D 226 -34.71 16.95 -15.62
CA ILE D 226 -34.32 15.74 -14.87
C ILE D 226 -34.72 15.87 -13.38
N ASP D 227 -35.69 15.03 -12.97
CA ASP D 227 -36.24 15.03 -11.61
C ASP D 227 -36.02 13.71 -10.90
N ASP D 228 -35.18 12.86 -11.46
CA ASP D 228 -35.09 11.46 -11.05
C ASP D 228 -33.93 11.29 -10.06
N PRO D 229 -34.22 10.90 -8.79
CA PRO D 229 -33.14 10.75 -7.81
C PRO D 229 -32.02 9.84 -8.27
N GLU D 230 -32.33 8.80 -9.03
CA GLU D 230 -31.33 7.77 -9.38
C GLU D 230 -30.36 8.24 -10.48
N VAL D 231 -30.80 9.21 -11.28
CA VAL D 231 -29.98 9.89 -12.26
C VAL D 231 -29.10 10.98 -11.58
N LEU D 232 -29.74 11.86 -10.80
CA LEU D 232 -29.12 12.99 -10.16
C LEU D 232 -28.03 12.61 -9.17
N ARG D 233 -28.33 11.62 -8.31
CA ARG D 233 -27.41 11.09 -7.29
C ARG D 233 -25.99 10.88 -7.77
N ASN D 234 -25.82 10.35 -8.98
CA ASN D 234 -24.49 10.14 -9.55
C ASN D 234 -23.67 11.39 -9.82
N PHE D 235 -24.34 12.55 -9.84
CA PHE D 235 -23.68 13.85 -10.04
C PHE D 235 -23.65 14.67 -8.75
N LYS D 236 -24.20 14.06 -7.69
CA LYS D 236 -24.46 14.66 -6.39
C LYS D 236 -25.23 15.97 -6.52
N ALA D 237 -26.20 15.98 -7.44
CA ALA D 237 -26.98 17.16 -7.79
C ALA D 237 -28.39 17.13 -7.23
N GLU D 238 -28.92 18.29 -6.91
CA GLU D 238 -30.35 18.47 -6.65
C GLU D 238 -31.18 18.60 -7.93
N ALA D 239 -30.52 18.95 -9.04
CA ALA D 239 -31.17 19.37 -10.27
C ALA D 239 -30.08 19.83 -11.23
N PHE D 240 -30.48 20.07 -12.47
CA PHE D 240 -29.67 20.73 -13.45
C PHE D 240 -30.48 21.94 -13.84
N ALA D 241 -29.81 23.09 -13.96
CA ALA D 241 -30.48 24.34 -14.24
C ALA D 241 -29.81 25.00 -15.46
N PRO D 242 -30.54 25.90 -16.15
CA PRO D 242 -29.92 26.65 -17.29
C PRO D 242 -28.66 27.37 -16.88
N ILE D 243 -27.68 27.42 -17.77
CA ILE D 243 -26.44 28.19 -17.57
C ILE D 243 -26.00 28.67 -18.94
N THR D 244 -25.20 29.72 -19.02
CA THR D 244 -24.75 30.25 -20.32
C THR D 244 -23.26 30.32 -20.33
N ASP D 245 -22.68 30.60 -21.50
CA ASP D 245 -21.23 30.65 -21.58
C ASP D 245 -20.69 31.86 -20.80
N ALA D 246 -21.49 32.93 -20.71
CA ALA D 246 -21.16 34.13 -19.94
C ALA D 246 -20.94 33.87 -18.45
N ASP D 247 -21.66 32.88 -17.91
CA ASP D 247 -21.44 32.44 -16.53
C ASP D 247 -20.04 31.82 -16.27
N TYR D 248 -19.28 31.54 -17.33
CA TYR D 248 -17.88 31.08 -17.16
C TYR D 248 -16.83 32.18 -17.39
N ASP D 249 -17.28 33.42 -17.65
CA ASP D 249 -16.34 34.56 -17.88
C ASP D 249 -15.53 34.83 -16.65
N VAL D 250 -16.15 34.63 -15.49
CA VAL D 250 -15.50 34.91 -14.21
C VAL D 250 -14.32 33.93 -13.99
N ILE D 251 -14.45 32.70 -14.53
CA ILE D 251 -13.31 31.76 -14.59
C ILE D 251 -12.23 32.21 -15.60
N ARG D 252 -12.68 32.63 -16.78
CA ARG D 252 -11.78 33.14 -17.81
C ARG D 252 -10.93 34.27 -17.20
N ASN D 253 -11.58 35.22 -16.52
CA ASN D 253 -10.89 36.41 -15.90
C ASN D 253 -9.87 36.10 -14.84
N MET D 254 -10.23 35.18 -13.94
CA MET D 254 -9.35 34.65 -12.90
C MET D 254 -8.09 34.03 -13.51
N GLY D 255 -8.29 33.28 -14.58
CA GLY D 255 -7.18 32.65 -15.28
C GLY D 255 -6.19 33.64 -15.85
N SER D 256 -6.67 34.70 -16.50
CA SER D 256 -5.78 35.74 -17.09
C SER D 256 -5.08 36.55 -16.03
N LEU D 257 -5.83 36.94 -15.00
CA LEU D 257 -5.25 37.75 -13.93
C LEU D 257 -4.16 36.99 -13.18
N LEU D 258 -4.38 35.71 -12.91
CA LEU D 258 -3.45 34.88 -12.13
C LEU D 258 -2.36 34.24 -12.98
N GLY D 259 -2.54 34.25 -14.30
CA GLY D 259 -1.59 33.64 -15.22
C GLY D 259 -1.64 32.12 -15.20
N LEU D 260 -2.85 31.54 -15.17
CA LEU D 260 -2.98 30.07 -15.06
C LEU D 260 -2.97 29.41 -16.43
N ASP D 261 -2.62 28.13 -16.46
CA ASP D 261 -2.84 27.29 -17.63
C ASP D 261 -3.55 26.03 -17.14
N PHE D 262 -4.83 25.90 -17.46
CA PHE D 262 -5.70 24.89 -16.85
C PHE D 262 -5.34 23.37 -17.13
N ALA D 263 -4.21 23.07 -17.78
CA ALA D 263 -3.60 21.72 -17.76
C ALA D 263 -3.24 21.24 -16.33
N PRO E 6 24.47 45.74 -2.34
CA PRO E 6 25.76 45.21 -2.79
C PRO E 6 25.92 45.21 -4.32
N ASP E 7 27.14 45.46 -4.80
CA ASP E 7 27.41 45.62 -6.25
C ASP E 7 27.45 44.29 -6.97
N VAL E 8 28.07 43.28 -6.33
CA VAL E 8 28.12 41.90 -6.83
C VAL E 8 27.36 40.91 -5.91
N LEU E 9 26.37 40.24 -6.51
CA LEU E 9 25.50 39.30 -5.79
C LEU E 9 26.08 37.90 -5.86
N LYS E 10 26.32 37.33 -4.69
CA LYS E 10 27.01 36.07 -4.54
C LYS E 10 25.95 35.00 -4.31
N VAL E 11 25.83 34.10 -5.30
CA VAL E 11 24.69 33.20 -5.44
C VAL E 11 25.22 31.77 -5.45
N ALA E 12 24.96 31.06 -4.37
CA ALA E 12 25.49 29.72 -4.16
C ALA E 12 24.47 28.67 -4.60
N LEU E 13 24.97 27.60 -5.23
CA LEU E 13 24.11 26.49 -5.68
C LEU E 13 24.28 25.34 -4.70
N LEU E 14 23.69 24.18 -4.99
CA LEU E 14 23.95 23.02 -4.13
C LEU E 14 25.47 22.74 -4.16
N PRO E 15 26.02 22.20 -3.07
CA PRO E 15 27.43 21.83 -3.11
C PRO E 15 27.70 20.71 -4.10
N ASP E 16 28.93 20.71 -4.63
CA ASP E 16 29.36 19.76 -5.65
C ASP E 16 30.91 19.70 -5.67
N GLU E 17 31.45 18.63 -6.25
CA GLU E 17 32.92 18.40 -6.35
C GLU E 17 33.51 19.18 -7.52
N ASN E 18 32.76 19.19 -8.62
CA ASN E 18 33.11 19.93 -9.82
C ASN E 18 32.38 21.24 -9.79
N ALA E 19 32.91 22.15 -8.98
CA ALA E 19 32.46 23.54 -8.92
C ALA E 19 32.43 24.22 -10.29
N SER E 20 33.59 24.45 -10.92
CA SER E 20 33.65 25.16 -12.22
C SER E 20 32.80 24.48 -13.34
N GLU E 21 32.58 23.17 -13.25
CA GLU E 21 31.68 22.50 -14.17
C GLU E 21 30.22 22.97 -13.96
N LEU E 22 29.77 22.96 -12.70
CA LEU E 22 28.38 23.39 -12.35
C LEU E 22 28.14 24.89 -12.48
N ILE E 23 29.15 25.69 -12.17
CA ILE E 23 29.11 27.12 -12.43
C ILE E 23 28.89 27.41 -13.92
N LYS E 24 29.58 26.64 -14.77
CA LYS E 24 29.46 26.83 -16.22
C LYS E 24 28.14 26.27 -16.72
N ARG E 25 27.68 25.17 -16.12
CA ARG E 25 26.33 24.65 -16.41
C ARG E 25 25.21 25.67 -16.15
N ASN E 26 25.27 26.36 -15.02
CA ASN E 26 24.22 27.30 -14.62
C ASN E 26 24.48 28.75 -15.10
N GLN E 27 25.24 28.88 -16.18
CA GLN E 27 25.45 30.17 -16.86
C GLN E 27 24.10 30.88 -17.16
N PRO E 28 23.11 30.16 -17.75
CA PRO E 28 21.80 30.81 -18.01
C PRO E 28 21.15 31.48 -16.78
N LEU E 29 21.27 30.84 -15.63
CA LEU E 29 20.83 31.43 -14.37
C LEU E 29 21.52 32.77 -14.09
N LYS E 30 22.85 32.78 -14.19
CA LYS E 30 23.66 33.99 -14.04
C LYS E 30 23.23 35.11 -15.03
N ASP E 31 23.06 34.75 -16.30
CA ASP E 31 22.66 35.72 -17.35
C ASP E 31 21.28 36.31 -17.06
N TYR E 32 20.37 35.42 -16.71
CA TYR E 32 18.99 35.77 -16.38
C TYR E 32 18.96 36.70 -15.18
N LEU E 33 19.70 36.34 -14.13
CA LEU E 33 19.66 37.11 -12.88
C LEU E 33 20.27 38.46 -13.09
N GLU E 34 21.43 38.50 -13.73
CA GLU E 34 22.05 39.76 -14.15
C GLU E 34 21.08 40.68 -14.87
N GLU E 35 20.49 40.18 -15.97
CA GLU E 35 19.51 40.97 -16.74
C GLU E 35 18.32 41.42 -15.89
N HIS E 36 17.71 40.48 -15.15
CA HIS E 36 16.47 40.80 -14.42
C HIS E 36 16.66 41.61 -13.13
N LEU E 37 17.86 41.52 -12.53
CA LEU E 37 18.19 42.26 -11.33
C LEU E 37 18.98 43.54 -11.57
N ASP E 38 19.67 43.62 -12.71
CA ASP E 38 20.52 44.79 -13.02
C ASP E 38 21.73 44.86 -12.07
N LYS E 39 22.25 43.68 -11.67
CA LYS E 39 23.46 43.59 -10.84
C LYS E 39 24.34 42.55 -11.44
N LYS E 40 25.64 42.58 -11.12
CA LYS E 40 26.54 41.49 -11.53
C LYS E 40 26.31 40.32 -10.56
N VAL E 41 26.38 39.10 -11.10
CA VAL E 41 26.13 37.89 -10.31
C VAL E 41 27.35 37.00 -10.41
N GLN E 42 27.87 36.61 -9.25
CA GLN E 42 28.95 35.64 -9.15
C GLN E 42 28.35 34.34 -8.60
N LEU E 43 28.37 33.28 -9.42
CA LEU E 43 27.91 31.96 -8.96
C LEU E 43 28.94 31.28 -8.08
N ILE E 44 28.49 30.62 -7.01
CA ILE E 44 29.37 29.92 -6.10
C ILE E 44 28.93 28.48 -5.91
N VAL E 45 29.91 27.59 -5.91
CA VAL E 45 29.68 26.20 -5.55
C VAL E 45 30.74 25.83 -4.53
N THR E 46 30.31 25.35 -3.37
CA THR E 46 31.22 24.92 -2.33
C THR E 46 31.36 23.39 -2.35
N THR E 47 32.36 22.90 -1.63
CA THR E 47 32.66 21.47 -1.57
C THR E 47 31.57 20.70 -0.82
N ASP E 48 31.19 21.19 0.34
CA ASP E 48 30.19 20.56 1.21
C ASP E 48 29.16 21.60 1.71
N TYR E 49 28.15 21.12 2.46
CA TYR E 49 27.13 21.98 3.04
C TYR E 49 27.69 22.82 4.19
N SER E 50 28.66 22.28 4.94
CA SER E 50 29.26 22.97 6.10
C SER E 50 29.99 24.27 5.74
N SER E 51 30.66 24.27 4.58
CA SER E 51 31.34 25.46 4.03
C SER E 51 30.34 26.56 3.63
N MET E 52 29.34 26.14 2.86
CA MET E 52 28.21 26.96 2.45
C MET E 52 27.58 27.69 3.62
N ILE E 53 27.30 26.95 4.69
CA ILE E 53 26.65 27.49 5.90
C ILE E 53 27.62 28.43 6.60
N GLU E 54 28.90 28.04 6.63
CA GLU E 54 29.97 28.94 7.09
C GLU E 54 30.01 30.24 6.27
N ALA E 55 30.07 30.15 4.95
CA ALA E 55 30.13 31.35 4.09
C ALA E 55 28.95 32.29 4.34
N MET E 56 27.78 31.67 4.51
CA MET E 56 26.55 32.40 4.86
C MET E 56 26.72 33.27 6.10
N ARG E 57 27.23 32.66 7.19
CA ARG E 57 27.42 33.32 8.52
C ARG E 57 28.36 34.51 8.54
N PHE E 58 29.40 34.44 7.70
CA PHE E 58 30.43 35.48 7.62
C PHE E 58 30.23 36.39 6.40
N GLY E 59 29.01 36.40 5.84
CA GLY E 59 28.61 37.41 4.85
C GLY E 59 29.20 37.27 3.45
N ARG E 60 29.76 36.09 3.12
CA ARG E 60 30.42 35.86 1.83
C ARG E 60 29.51 35.23 0.80
N ILE E 61 28.28 34.91 1.18
CA ILE E 61 27.28 34.45 0.21
C ILE E 61 26.05 35.27 0.48
N ASP E 62 25.43 35.77 -0.56
CA ASP E 62 24.21 36.58 -0.44
C ASP E 62 22.94 35.73 -0.57
N LEU E 63 22.82 35.00 -1.67
CA LEU E 63 21.72 34.06 -1.90
C LEU E 63 22.33 32.68 -2.03
N ALA E 64 21.53 31.68 -1.70
CA ALA E 64 22.00 30.33 -1.55
C ALA E 64 20.82 29.36 -1.75
N TYR E 65 21.03 28.30 -2.54
CA TYR E 65 20.04 27.24 -2.73
C TYR E 65 20.41 26.00 -1.89
N PHE E 66 19.52 25.57 -0.98
CA PHE E 66 19.79 24.42 -0.08
C PHE E 66 18.80 23.32 -0.30
N GLY E 67 19.15 22.14 0.21
CA GLY E 67 18.18 21.14 0.56
C GLY E 67 17.31 21.56 1.75
N PRO E 68 16.16 20.87 1.96
CA PRO E 68 15.31 21.33 3.08
C PRO E 68 15.96 21.14 4.47
N LEU E 69 16.57 19.98 4.70
CA LEU E 69 17.25 19.71 5.99
C LEU E 69 18.49 20.63 6.12
N SER E 70 19.19 20.82 5.01
CA SER E 70 20.33 21.73 4.94
C SER E 70 19.91 23.17 5.28
N TYR E 71 18.83 23.65 4.64
CA TYR E 71 18.24 24.96 4.99
C TYR E 71 17.98 25.10 6.51
N VAL E 72 17.42 24.06 7.12
CA VAL E 72 17.00 24.15 8.51
C VAL E 72 18.23 24.23 9.41
N MET E 73 19.25 23.42 9.12
CA MET E 73 20.53 23.52 9.81
C MET E 73 21.12 24.92 9.65
N ALA E 74 21.09 25.47 8.44
CA ALA E 74 21.65 26.78 8.15
C ALA E 74 20.87 27.93 8.79
N LYS E 75 19.56 27.76 8.92
CA LYS E 75 18.74 28.74 9.62
C LYS E 75 19.08 28.66 11.11
N SER E 76 19.25 27.46 11.64
CA SER E 76 19.61 27.33 13.05
C SER E 76 20.94 28.09 13.38
N LYS E 77 21.87 28.17 12.41
CA LYS E 77 23.21 28.78 12.61
C LYS E 77 23.46 30.15 11.96
N SER E 78 22.51 30.68 11.17
CA SER E 78 22.68 32.02 10.56
C SER E 78 21.37 32.77 10.43
N ASP E 79 21.47 34.06 10.16
CA ASP E 79 20.32 34.93 10.08
C ASP E 79 19.93 35.11 8.62
N ILE E 80 19.12 34.16 8.15
CA ILE E 80 18.64 34.12 6.78
C ILE E 80 17.15 33.79 6.70
N GLU E 81 16.55 34.10 5.56
CA GLU E 81 15.17 33.74 5.29
C GLU E 81 15.04 33.02 3.93
N PRO E 82 14.14 32.01 3.84
CA PRO E 82 13.78 31.48 2.54
C PRO E 82 12.78 32.38 1.82
N PHE E 83 12.88 32.51 0.50
CA PHE E 83 11.92 33.30 -0.29
C PHE E 83 11.26 32.59 -1.47
N ALA E 84 11.88 31.53 -1.99
CA ALA E 84 11.24 30.66 -2.96
C ALA E 84 11.70 29.23 -2.80
N ALA E 85 10.93 28.30 -3.36
CA ALA E 85 11.22 26.88 -3.32
C ALA E 85 10.86 26.17 -4.63
N MET E 86 11.69 25.21 -4.98
CA MET E 86 11.49 24.37 -6.13
C MET E 86 10.07 23.78 -6.20
N VAL E 87 9.43 23.96 -7.35
CA VAL E 87 8.13 23.36 -7.63
C VAL E 87 8.33 22.15 -8.51
N ILE E 88 7.66 21.06 -8.15
CA ILE E 88 7.60 19.87 -8.99
C ILE E 88 6.35 19.05 -8.65
N ASP E 89 5.74 18.46 -9.69
CA ASP E 89 4.42 17.86 -9.60
C ASP E 89 3.39 18.84 -9.14
N GLY E 90 3.53 20.09 -9.60
CA GLY E 90 2.55 21.14 -9.33
C GLY E 90 2.68 21.95 -8.07
N LYS E 91 3.68 21.68 -7.23
CA LYS E 91 3.82 22.44 -5.97
C LYS E 91 5.22 22.36 -5.36
N PRO E 92 5.52 23.27 -4.39
CA PRO E 92 6.79 23.26 -3.68
C PRO E 92 6.79 22.44 -2.41
N THR E 93 5.85 21.50 -2.26
CA THR E 93 5.81 20.57 -1.12
C THR E 93 5.45 19.18 -1.60
N TYR E 94 5.60 18.18 -0.75
CA TYR E 94 5.28 16.79 -1.11
C TYR E 94 4.87 16.08 0.14
N ARG E 95 4.23 14.94 -0.04
CA ARG E 95 3.73 14.11 1.03
C ARG E 95 4.32 12.70 0.95
N SER E 96 4.35 12.03 2.09
CA SER E 96 4.61 10.62 2.14
C SER E 96 3.27 9.92 2.23
N VAL E 97 3.21 8.72 1.67
CA VAL E 97 2.03 7.86 1.79
C VAL E 97 2.44 6.62 2.59
N ILE E 98 1.59 6.20 3.53
CA ILE E 98 1.75 4.90 4.13
C ILE E 98 0.72 3.98 3.45
N ILE E 99 1.21 2.85 3.00
CA ILE E 99 0.43 1.82 2.33
C ILE E 99 0.48 0.54 3.18
N ALA E 100 -0.55 -0.30 3.04
CA ALA E 100 -0.61 -1.61 3.70
C ALA E 100 -0.85 -2.72 2.66
N ASN E 101 -0.47 -3.95 3.02
CA ASN E 101 -0.77 -5.15 2.25
C ASN E 101 -2.20 -5.59 2.64
N VAL E 102 -3.07 -5.80 1.64
CA VAL E 102 -4.49 -6.07 1.89
C VAL E 102 -4.70 -7.41 2.67
N ALA E 103 -3.90 -8.44 2.39
CA ALA E 103 -4.01 -9.72 3.07
C ALA E 103 -3.49 -9.78 4.51
N SER E 104 -2.65 -8.79 4.90
CA SER E 104 -2.16 -8.67 6.29
C SER E 104 -3.21 -8.28 7.37
N GLY E 105 -4.40 -7.86 6.94
CA GLY E 105 -5.41 -7.26 7.83
C GLY E 105 -4.96 -6.02 8.59
N VAL E 106 -4.02 -5.26 8.03
CA VAL E 106 -3.62 -3.98 8.61
C VAL E 106 -4.55 -2.97 7.96
N ASN E 107 -5.37 -2.27 8.77
CA ASN E 107 -6.41 -1.35 8.29
C ASN E 107 -6.30 0.09 8.80
N GLU E 108 -5.55 0.29 9.87
CA GLU E 108 -5.37 1.61 10.46
C GLU E 108 -3.94 1.65 10.99
N TYR E 109 -3.38 2.83 11.19
CA TYR E 109 -1.96 2.92 11.59
C TYR E 109 -1.65 2.05 12.84
N ALA E 110 -2.54 2.04 13.82
CA ALA E 110 -2.26 1.34 15.10
C ALA E 110 -2.10 -0.16 14.91
N ASP E 111 -2.81 -0.74 13.96
CA ASP E 111 -2.70 -2.16 13.63
C ASP E 111 -1.28 -2.63 13.36
N LEU E 112 -0.35 -1.70 13.07
CA LEU E 112 1.03 -2.06 12.86
C LEU E 112 1.77 -2.59 14.08
N LYS E 113 1.20 -2.40 15.28
CA LYS E 113 1.68 -3.02 16.51
C LYS E 113 2.01 -4.50 16.31
N GLY E 114 3.29 -4.83 16.45
CA GLY E 114 3.79 -6.18 16.29
C GLY E 114 3.85 -6.68 14.86
N LYS E 115 4.08 -5.79 13.90
CA LYS E 115 4.10 -6.16 12.48
C LYS E 115 5.29 -5.51 11.79
N ARG E 116 5.32 -5.53 10.46
CA ARG E 116 6.49 -5.25 9.69
C ARG E 116 6.23 -4.05 8.78
N MET E 117 7.05 -3.01 9.02
CA MET E 117 6.96 -1.73 8.34
C MET E 117 8.18 -1.60 7.43
N ALA E 118 7.95 -1.39 6.15
CA ALA E 118 9.01 -1.21 5.21
C ALA E 118 9.38 0.30 5.09
N TYR E 119 10.66 0.58 5.17
CA TYR E 119 11.18 1.90 4.88
C TYR E 119 12.24 1.76 3.78
N GLY E 120 12.50 2.82 3.07
CA GLY E 120 13.56 2.83 2.07
C GLY E 120 14.95 2.99 2.70
N ASP E 121 15.50 4.18 2.54
CA ASP E 121 16.83 4.56 3.04
C ASP E 121 16.70 5.31 4.40
N ARG E 122 17.67 5.14 5.30
CA ARG E 122 17.57 5.75 6.64
C ARG E 122 17.59 7.28 6.63
N ALA E 123 18.26 7.86 5.65
CA ALA E 123 18.37 9.31 5.49
C ALA E 123 17.21 9.94 4.72
N SER E 124 16.39 9.12 4.07
CA SER E 124 15.29 9.64 3.26
C SER E 124 14.17 10.20 4.16
N THR E 125 13.69 11.41 3.85
CA THR E 125 12.49 11.94 4.49
C THR E 125 11.24 11.13 4.09
N SER E 126 10.91 11.09 2.79
CA SER E 126 9.61 10.53 2.34
C SER E 126 9.48 8.98 2.44
N SER E 127 10.61 8.25 2.48
CA SER E 127 10.57 6.82 2.77
C SER E 127 11.03 6.33 4.15
N HIS E 128 11.33 7.24 5.08
CA HIS E 128 11.67 6.86 6.45
C HIS E 128 11.19 7.85 7.47
N LEU E 129 11.77 9.04 7.49
CA LEU E 129 11.63 9.92 8.62
C LEU E 129 10.20 10.42 8.74
N ILE E 130 9.57 10.74 7.58
CA ILE E 130 8.21 11.28 7.56
C ILE E 130 7.23 10.23 8.02
N PRO E 131 7.20 9.06 7.37
CA PRO E 131 6.17 8.08 7.81
C PRO E 131 6.35 7.55 9.23
N LYS E 132 7.59 7.54 9.72
CA LYS E 132 7.89 7.18 11.11
C LYS E 132 7.32 8.22 12.06
N THR E 133 7.48 9.49 11.72
CA THR E 133 6.80 10.61 12.41
C THR E 133 5.28 10.45 12.45
N VAL E 134 4.67 10.04 11.32
CA VAL E 134 3.23 9.86 11.25
C VAL E 134 2.78 8.77 12.24
N LEU E 135 3.42 7.61 12.20
CA LEU E 135 3.15 6.49 13.12
C LEU E 135 3.43 6.76 14.60
N LEU E 136 4.46 7.52 14.93
CA LEU E 136 4.68 7.88 16.32
C LEU E 136 3.65 8.91 16.84
N GLU E 137 3.44 9.97 16.06
CA GLU E 137 2.48 11.01 16.44
C GLU E 137 1.02 10.53 16.47
N THR E 138 0.61 9.71 15.49
CA THR E 138 -0.79 9.38 15.22
C THR E 138 -1.28 8.05 15.85
N ALA E 139 -0.34 7.15 16.16
CA ALA E 139 -0.61 5.93 16.87
C ALA E 139 0.39 5.64 17.99
N ASP E 140 1.19 6.61 18.42
CA ASP E 140 2.16 6.39 19.51
C ASP E 140 3.06 5.13 19.30
N LEU E 141 3.33 4.79 18.04
CA LEU E 141 4.13 3.61 17.70
C LEU E 141 5.59 4.01 17.43
N THR E 142 6.52 3.29 18.08
CA THR E 142 7.94 3.56 17.99
C THR E 142 8.60 2.48 17.13
N GLY E 143 9.33 2.92 16.11
CA GLY E 143 10.05 2.03 15.23
C GLY E 143 11.05 1.17 15.99
N GLY E 144 10.92 -0.15 15.87
CA GLY E 144 11.84 -1.07 16.53
C GLY E 144 11.21 -1.68 17.76
N GLN E 145 10.58 -0.81 18.56
CA GLN E 145 10.01 -1.16 19.84
C GLN E 145 8.59 -1.75 19.70
N ASP E 146 7.69 -1.06 19.00
CA ASP E 146 6.32 -1.52 18.81
C ASP E 146 6.07 -2.22 17.46
N TYR E 147 6.94 -1.99 16.48
CA TYR E 147 6.91 -2.72 15.22
C TYR E 147 8.34 -2.99 14.70
N GLU E 148 8.44 -3.95 13.79
CA GLU E 148 9.70 -4.27 13.16
C GLU E 148 9.90 -3.21 12.07
N GLN E 149 11.12 -2.72 11.93
CA GLN E 149 11.47 -1.80 10.84
C GLN E 149 12.43 -2.48 9.89
N HIS E 150 12.09 -2.53 8.60
CA HIS E 150 12.87 -3.26 7.57
C HIS E 150 13.25 -2.28 6.46
N PHE E 151 14.51 -1.86 6.45
CA PHE E 151 15.01 -0.89 5.46
C PHE E 151 15.37 -1.61 4.17
N VAL E 152 14.57 -1.37 3.14
CA VAL E 152 14.64 -2.12 1.90
C VAL E 152 15.31 -1.34 0.77
N GLY E 153 15.69 -0.09 1.04
CA GLY E 153 16.63 0.65 0.20
C GLY E 153 16.07 1.86 -0.53
N THR E 154 15.04 1.64 -1.33
CA THR E 154 14.48 2.66 -2.22
C THR E 154 12.97 2.68 -2.11
N HIS E 155 12.37 3.79 -2.52
CA HIS E 155 10.91 3.88 -2.57
C HIS E 155 10.27 2.70 -3.34
N ASP E 156 10.80 2.45 -4.54
CA ASP E 156 10.28 1.35 -5.38
C ASP E 156 10.27 0.02 -4.61
N ALA E 157 11.33 -0.20 -3.83
CA ALA E 157 11.44 -1.41 -3.00
C ALA E 157 10.38 -1.48 -1.92
N VAL E 158 10.00 -0.33 -1.34
CA VAL E 158 8.98 -0.31 -0.31
C VAL E 158 7.68 -0.77 -0.95
N ALA E 159 7.35 -0.19 -2.11
CA ALA E 159 6.17 -0.58 -2.86
C ALA E 159 6.17 -2.10 -3.18
N VAL E 160 7.25 -2.59 -3.75
CA VAL E 160 7.32 -4.03 -4.12
C VAL E 160 7.18 -4.91 -2.88
N ASN E 161 7.89 -4.54 -1.79
CA ASN E 161 7.85 -5.34 -0.57
C ASN E 161 6.49 -5.42 0.13
N VAL E 162 5.72 -4.33 0.11
CA VAL E 162 4.39 -4.35 0.71
C VAL E 162 3.44 -5.16 -0.20
N ALA E 163 3.52 -4.95 -1.51
CA ALA E 163 2.71 -5.64 -2.53
C ALA E 163 2.86 -7.15 -2.46
N ASN E 164 4.10 -7.64 -2.45
CA ASN E 164 4.32 -9.08 -2.43
C ASN E 164 4.29 -9.70 -1.03
N GLY E 165 4.07 -8.89 0.00
CA GLY E 165 3.74 -9.40 1.32
C GLY E 165 4.90 -9.64 2.27
N ASN E 166 6.09 -9.23 1.86
CA ASN E 166 7.26 -9.35 2.72
C ASN E 166 7.24 -8.26 3.77
N ALA E 167 6.42 -7.23 3.57
CA ALA E 167 6.05 -6.36 4.67
C ALA E 167 4.54 -6.13 4.73
N ASP E 168 4.08 -5.78 5.92
CA ASP E 168 2.67 -5.54 6.16
C ASP E 168 2.25 -4.13 5.69
N ALA E 169 3.10 -3.15 5.99
CA ALA E 169 2.94 -1.78 5.55
C ALA E 169 4.28 -1.18 5.22
N GLY E 170 4.26 0.01 4.66
CA GLY E 170 5.47 0.71 4.32
C GLY E 170 5.18 2.14 4.03
N GLY E 171 6.22 2.96 4.08
CA GLY E 171 6.15 4.38 3.78
C GLY E 171 7.00 4.77 2.58
N LEU E 172 6.45 5.60 1.70
CA LEU E 172 7.18 6.07 0.53
C LEU E 172 6.56 7.36 0.04
N SER E 173 7.22 7.97 -0.97
CA SER E 173 6.86 9.23 -1.58
C SER E 173 5.52 8.98 -2.22
N GLU E 174 4.57 9.92 -2.03
CA GLU E 174 3.25 9.81 -2.63
C GLU E 174 3.37 9.69 -4.14
N VAL E 175 4.22 10.51 -4.78
CA VAL E 175 4.30 10.56 -6.25
C VAL E 175 4.82 9.24 -6.84
N ILE E 176 5.87 8.67 -6.24
CA ILE E 176 6.38 7.36 -6.67
C ILE E 176 5.33 6.30 -6.48
N PHE E 177 4.68 6.25 -5.32
CA PHE E 177 3.62 5.25 -5.14
C PHE E 177 2.55 5.33 -6.23
N ASN E 178 2.13 6.56 -6.55
CA ASN E 178 1.08 6.79 -7.56
C ASN E 178 1.43 6.40 -9.01
N HIS E 179 2.71 6.15 -9.32
CA HIS E 179 3.13 5.62 -10.63
C HIS E 179 3.64 4.14 -10.62
N ALA E 180 3.60 3.48 -9.46
CA ALA E 180 4.18 2.15 -9.34
C ALA E 180 3.35 1.10 -10.04
N ALA E 181 2.03 1.18 -9.93
CA ALA E 181 1.13 0.28 -10.72
C ALA E 181 1.37 0.43 -12.22
N GLU E 182 1.46 1.66 -12.68
CA GLU E 182 1.70 2.00 -14.09
C GLU E 182 3.08 1.54 -14.62
N ARG E 183 4.09 1.49 -13.76
CA ARG E 183 5.41 0.97 -14.10
C ARG E 183 5.51 -0.56 -14.01
N GLY E 184 4.47 -1.21 -13.50
CA GLY E 184 4.45 -2.66 -13.43
C GLY E 184 5.02 -3.23 -12.16
N LEU E 185 5.43 -2.37 -11.21
CA LEU E 185 6.08 -2.86 -9.98
C LEU E 185 5.14 -3.67 -9.09
N ILE E 186 3.87 -3.29 -9.01
CA ILE E 186 2.91 -3.88 -8.05
C ILE E 186 1.62 -4.22 -8.74
N ASP E 187 0.95 -5.23 -8.22
CA ASP E 187 -0.45 -5.40 -8.51
C ASP E 187 -1.15 -4.41 -7.57
N PRO E 188 -1.88 -3.42 -8.13
CA PRO E 188 -2.51 -2.42 -7.26
C PRO E 188 -3.62 -2.97 -6.33
N SER E 189 -4.19 -4.12 -6.68
CA SER E 189 -5.20 -4.73 -5.84
C SER E 189 -4.63 -5.34 -4.57
N LYS E 190 -3.31 -5.42 -4.42
CA LYS E 190 -2.73 -6.07 -3.23
C LYS E 190 -2.37 -5.09 -2.12
N VAL E 191 -2.53 -3.81 -2.38
CA VAL E 191 -2.22 -2.79 -1.38
C VAL E 191 -3.33 -1.79 -1.26
N LYS E 192 -3.37 -1.07 -0.16
CA LYS E 192 -4.27 0.07 0.01
C LYS E 192 -3.59 1.11 0.85
N VAL E 193 -4.16 2.31 0.80
CA VAL E 193 -3.57 3.49 1.36
C VAL E 193 -4.13 3.57 2.77
N LEU E 194 -3.25 3.67 3.77
CA LEU E 194 -3.65 3.87 5.15
C LEU E 194 -3.81 5.37 5.41
N GLY E 195 -3.05 6.19 4.67
CA GLY E 195 -3.14 7.63 4.79
C GLY E 195 -1.85 8.33 4.32
N TYR E 196 -1.90 9.66 4.42
CA TYR E 196 -0.82 10.53 3.99
C TYR E 196 -0.31 11.37 5.15
N SER E 197 0.97 11.69 5.10
CA SER E 197 1.52 12.69 5.94
C SER E 197 0.94 14.08 5.59
N GLY E 198 1.25 15.09 6.39
CA GLY E 198 1.13 16.47 5.96
C GLY E 198 2.18 16.86 4.94
N GLU E 199 2.14 18.12 4.53
CA GLU E 199 2.94 18.63 3.44
C GLU E 199 4.32 19.05 3.95
N TYR E 200 5.37 18.53 3.32
CA TYR E 200 6.76 18.84 3.70
C TYR E 200 7.40 19.64 2.55
N PRO E 201 8.28 20.62 2.87
CA PRO E 201 8.73 21.59 1.87
C PRO E 201 9.90 21.12 0.99
N GLN E 202 9.87 21.52 -0.27
CA GLN E 202 10.97 21.27 -1.19
C GLN E 202 12.20 22.17 -0.92
N TYR E 203 13.22 22.05 -1.76
CA TYR E 203 14.48 22.85 -1.70
C TYR E 203 14.18 24.33 -1.82
N PRO E 204 14.54 25.14 -0.78
CA PRO E 204 14.38 26.61 -0.85
C PRO E 204 15.59 27.44 -1.32
N TRP E 205 15.33 28.55 -2.00
CA TRP E 205 16.30 29.63 -2.09
C TRP E 205 16.16 30.43 -0.81
N ALA E 206 17.29 30.75 -0.17
CA ALA E 206 17.34 31.65 0.97
C ALA E 206 18.33 32.80 0.74
N MET E 207 18.17 33.87 1.53
CA MET E 207 19.07 35.05 1.52
C MET E 207 19.39 35.61 2.93
N ARG E 208 20.51 36.34 3.02
CA ARG E 208 20.86 37.16 4.20
C ARG E 208 19.74 38.17 4.53
N SER E 209 19.22 38.17 5.75
CA SER E 209 18.13 39.09 6.11
C SER E 209 18.58 40.54 6.14
N ASN E 210 19.84 40.77 6.52
CA ASN E 210 20.46 42.11 6.52
C ASN E 210 20.55 42.83 5.14
N LEU E 211 20.22 42.15 4.03
CA LEU E 211 20.02 42.87 2.74
C LEU E 211 18.93 43.93 2.86
N SER E 212 18.95 44.94 1.99
CA SER E 212 17.98 46.05 2.09
C SER E 212 16.59 45.62 1.59
N PRO E 213 15.49 46.10 2.22
CA PRO E 213 14.15 45.63 1.82
C PRO E 213 13.76 45.85 0.35
N GLU E 214 14.41 46.81 -0.32
CA GLU E 214 14.23 47.03 -1.76
C GLU E 214 14.72 45.81 -2.56
N LEU E 215 15.90 45.31 -2.19
CA LEU E 215 16.54 44.16 -2.85
C LEU E 215 15.95 42.79 -2.42
N LYS E 216 15.61 42.63 -1.14
CA LYS E 216 14.87 41.46 -0.67
C LYS E 216 13.55 41.27 -1.44
N THR E 217 12.86 42.37 -1.74
CA THR E 217 11.64 42.34 -2.57
C THR E 217 11.96 42.05 -4.04
N LYS E 218 13.01 42.67 -4.57
CA LYS E 218 13.42 42.51 -5.96
C LYS E 218 13.92 41.08 -6.24
N VAL E 219 14.73 40.53 -5.34
CA VAL E 219 15.17 39.11 -5.43
C VAL E 219 13.99 38.15 -5.43
N ARG E 220 13.18 38.23 -4.37
CA ARG E 220 11.92 37.50 -4.24
C ARG E 220 11.13 37.47 -5.58
N ASP E 221 10.77 38.64 -6.09
CA ASP E 221 9.93 38.76 -7.32
C ASP E 221 10.60 38.14 -8.59
N VAL E 222 11.92 38.27 -8.69
CA VAL E 222 12.63 37.74 -9.83
C VAL E 222 12.78 36.22 -9.80
N PHE E 223 13.13 35.62 -8.67
CA PHE E 223 13.28 34.16 -8.64
C PHE E 223 11.91 33.53 -8.87
N VAL E 224 10.85 34.08 -8.26
CA VAL E 224 9.53 33.48 -8.43
C VAL E 224 9.06 33.56 -9.90
N GLY E 225 9.41 34.64 -10.59
CA GLY E 225 9.02 34.80 -12.00
C GLY E 225 9.87 34.06 -13.02
N ILE E 226 10.81 33.21 -12.62
CA ILE E 226 11.67 32.53 -13.61
C ILE E 226 10.84 31.50 -14.41
N ASP E 227 10.60 31.76 -15.69
CA ASP E 227 9.87 30.83 -16.59
C ASP E 227 10.77 30.20 -17.66
N ASP E 228 12.06 30.53 -17.65
CA ASP E 228 12.98 30.14 -18.72
C ASP E 228 13.38 28.67 -18.53
N PRO E 229 12.96 27.81 -19.47
CA PRO E 229 13.06 26.37 -19.27
C PRO E 229 14.47 25.84 -19.19
N GLU E 230 15.41 26.55 -19.79
CA GLU E 230 16.80 26.15 -19.71
C GLU E 230 17.40 26.48 -18.34
N VAL E 231 16.97 27.59 -17.71
CA VAL E 231 17.35 27.86 -16.34
C VAL E 231 16.77 26.80 -15.40
N LEU E 232 15.47 26.55 -15.51
CA LEU E 232 14.77 25.63 -14.60
C LEU E 232 15.21 24.20 -14.80
N ARG E 233 15.54 23.81 -16.02
CA ARG E 233 15.90 22.40 -16.30
C ARG E 233 17.01 21.91 -15.39
N ASN E 234 17.98 22.77 -15.08
CA ASN E 234 19.11 22.41 -14.25
C ASN E 234 18.71 22.09 -12.82
N PHE E 235 17.65 22.74 -12.36
CA PHE E 235 17.09 22.48 -11.02
C PHE E 235 16.00 21.40 -11.02
N LYS E 236 15.72 20.80 -12.18
CA LYS E 236 14.66 19.76 -12.37
C LYS E 236 13.30 20.21 -11.86
N ALA E 237 12.96 21.45 -12.22
CA ALA E 237 11.94 22.24 -11.55
C ALA E 237 10.94 22.77 -12.60
N GLU E 238 9.65 22.82 -12.27
CA GLU E 238 8.62 23.42 -13.14
C GLU E 238 8.54 24.97 -12.95
N ALA E 239 8.99 25.44 -11.77
CA ALA E 239 8.94 26.85 -11.41
C ALA E 239 9.61 26.96 -10.01
N PHE E 240 9.75 28.21 -9.52
CA PHE E 240 10.08 28.54 -8.14
C PHE E 240 8.86 29.27 -7.57
N ALA E 241 8.34 28.80 -6.44
CA ALA E 241 7.10 29.33 -5.86
C ALA E 241 7.46 29.96 -4.53
N PRO E 242 6.65 30.94 -4.06
CA PRO E 242 6.85 31.54 -2.71
C PRO E 242 6.82 30.50 -1.59
N ILE E 243 7.64 30.71 -0.57
CA ILE E 243 7.76 29.80 0.58
C ILE E 243 8.26 30.67 1.74
N THR E 244 7.94 30.28 2.96
CA THR E 244 8.39 31.02 4.16
C THR E 244 9.14 30.13 5.13
N ASP E 245 9.72 30.72 6.17
CA ASP E 245 10.39 29.96 7.21
C ASP E 245 9.42 28.97 7.90
N ALA E 246 8.16 29.36 8.10
CA ALA E 246 7.25 28.50 8.88
C ALA E 246 6.88 27.20 8.14
N ASP E 247 7.01 27.22 6.81
CA ASP E 247 6.90 26.06 5.97
C ASP E 247 7.92 24.95 6.27
N TYR E 248 9.01 25.31 6.95
CA TYR E 248 10.02 24.36 7.42
C TYR E 248 9.82 23.92 8.87
N ASP E 249 8.89 24.54 9.61
CA ASP E 249 8.61 24.12 10.98
C ASP E 249 8.28 22.65 11.09
N VAL E 250 7.66 22.09 10.06
CA VAL E 250 7.29 20.68 10.07
C VAL E 250 8.53 19.76 10.06
N ILE E 251 9.65 20.22 9.48
CA ILE E 251 10.90 19.45 9.52
C ILE E 251 11.55 19.49 10.91
N ARG E 252 11.53 20.69 11.51
CA ARG E 252 12.02 20.93 12.88
C ARG E 252 11.23 20.06 13.88
N ASN E 253 9.92 20.03 13.76
CA ASN E 253 9.09 19.19 14.67
C ASN E 253 9.51 17.72 14.60
N MET E 254 9.72 17.25 13.38
CA MET E 254 10.20 15.88 13.10
C MET E 254 11.56 15.63 13.72
N GLY E 255 12.42 16.64 13.59
CA GLY E 255 13.73 16.66 14.21
C GLY E 255 13.71 16.44 15.72
N SER E 256 12.93 17.24 16.44
CA SER E 256 12.90 17.10 17.90
C SER E 256 12.24 15.79 18.29
N LEU E 257 11.16 15.45 17.59
CA LEU E 257 10.44 14.23 17.93
C LEU E 257 11.32 13.00 17.78
N LEU E 258 12.01 12.86 16.65
CA LEU E 258 12.86 11.68 16.44
C LEU E 258 14.26 11.80 17.04
N GLY E 259 14.58 12.95 17.64
CA GLY E 259 15.86 13.17 18.26
C GLY E 259 16.92 13.17 17.18
N LEU E 260 16.69 13.95 16.13
CA LEU E 260 17.61 13.97 14.98
C LEU E 260 18.72 15.01 15.12
N ASP E 261 19.85 14.71 14.50
CA ASP E 261 20.97 15.66 14.35
C ASP E 261 21.28 15.78 12.88
N PHE E 262 21.07 16.95 12.31
CA PHE E 262 21.09 17.07 10.82
C PHE E 262 22.50 16.99 10.13
N ALA E 263 23.59 16.77 10.88
CA ALA E 263 24.93 16.59 10.28
C ALA E 263 25.04 15.31 9.43
N LEU F 9 19.86 -12.78 35.44
CA LEU F 9 20.10 -12.94 33.96
C LEU F 9 21.50 -13.43 33.66
N LYS F 10 21.56 -14.46 32.81
CA LYS F 10 22.83 -15.07 32.43
C LYS F 10 23.17 -14.64 30.97
N VAL F 11 24.29 -13.91 30.85
CA VAL F 11 24.61 -13.02 29.73
C VAL F 11 25.97 -13.41 29.10
N ALA F 12 25.93 -14.17 28.01
CA ALA F 12 27.17 -14.60 27.34
C ALA F 12 27.70 -13.49 26.40
N LEU F 13 29.01 -13.31 26.42
CA LEU F 13 29.73 -12.51 25.44
C LEU F 13 30.31 -13.47 24.39
N LEU F 14 31.15 -12.94 23.50
CA LEU F 14 31.81 -13.77 22.54
C LEU F 14 32.78 -14.73 23.25
N PRO F 15 32.88 -15.97 22.72
CA PRO F 15 33.85 -16.92 23.25
C PRO F 15 35.30 -16.43 23.21
N ASP F 16 36.08 -16.87 24.18
CA ASP F 16 37.46 -16.43 24.35
C ASP F 16 38.19 -17.35 25.36
N GLU F 17 39.50 -17.52 25.16
CA GLU F 17 40.32 -18.33 26.05
C GLU F 17 40.45 -17.65 27.42
N ASN F 18 40.86 -16.38 27.40
CA ASN F 18 41.10 -15.59 28.62
C ASN F 18 39.78 -15.02 29.18
N ALA F 19 38.98 -15.90 29.80
CA ALA F 19 37.58 -15.62 30.16
C ALA F 19 37.33 -14.53 31.22
N SER F 20 38.12 -14.53 32.29
CA SER F 20 37.90 -13.59 33.42
C SER F 20 38.38 -12.17 33.09
N GLU F 21 39.37 -12.07 32.20
CA GLU F 21 39.83 -10.79 31.71
C GLU F 21 38.68 -10.09 30.99
N LEU F 22 37.97 -10.83 30.12
CA LEU F 22 36.79 -10.31 29.42
C LEU F 22 35.62 -9.95 30.33
N ILE F 23 35.38 -10.77 31.35
CA ILE F 23 34.32 -10.48 32.31
C ILE F 23 34.61 -9.17 33.05
N LYS F 24 35.88 -8.93 33.38
CA LYS F 24 36.29 -7.68 34.04
C LYS F 24 36.19 -6.46 33.12
N ARG F 25 36.70 -6.59 31.89
CA ARG F 25 36.59 -5.53 30.83
C ARG F 25 35.18 -4.99 30.76
N ASN F 26 34.22 -5.92 30.67
CA ASN F 26 32.81 -5.59 30.47
C ASN F 26 32.00 -5.43 31.75
N GLN F 27 32.67 -5.04 32.85
CA GLN F 27 32.02 -4.64 34.10
C GLN F 27 31.02 -3.48 33.90
N PRO F 28 31.38 -2.41 33.13
CA PRO F 28 30.42 -1.33 32.86
C PRO F 28 29.03 -1.78 32.35
N LEU F 29 28.99 -2.85 31.56
CA LEU F 29 27.74 -3.45 31.06
C LEU F 29 26.91 -3.98 32.20
N LYS F 30 27.54 -4.82 33.04
CA LYS F 30 26.90 -5.43 34.22
C LYS F 30 26.14 -4.38 35.04
N ASP F 31 26.87 -3.33 35.45
CA ASP F 31 26.33 -2.23 36.27
C ASP F 31 25.29 -1.39 35.51
N TYR F 32 25.40 -1.32 34.18
CA TYR F 32 24.36 -0.66 33.37
C TYR F 32 23.08 -1.53 33.34
N LEU F 33 23.22 -2.82 33.05
CA LEU F 33 22.05 -3.72 32.95
C LEU F 33 21.31 -3.80 34.29
N GLU F 34 22.05 -4.04 35.38
CA GLU F 34 21.47 -4.05 36.73
C GLU F 34 20.69 -2.77 37.00
N GLU F 35 21.36 -1.62 36.88
CA GLU F 35 20.73 -0.32 37.16
C GLU F 35 19.54 0.03 36.23
N HIS F 36 19.42 -0.66 35.08
CA HIS F 36 18.31 -0.45 34.10
C HIS F 36 17.31 -1.62 33.99
N LEU F 37 17.58 -2.77 34.60
CA LEU F 37 16.65 -3.93 34.55
C LEU F 37 16.05 -4.35 35.92
N ASP F 38 16.63 -3.88 37.03
CA ASP F 38 16.27 -4.37 38.38
C ASP F 38 16.31 -5.92 38.47
N LYS F 39 17.40 -6.49 37.97
CA LYS F 39 17.70 -7.91 38.16
C LYS F 39 19.20 -8.08 38.06
N LYS F 40 19.73 -9.07 38.76
CA LYS F 40 21.18 -9.25 38.84
C LYS F 40 21.76 -10.00 37.63
N VAL F 41 22.87 -9.45 37.13
CA VAL F 41 23.45 -9.84 35.86
C VAL F 41 24.70 -10.66 36.13
N GLN F 42 24.72 -11.91 35.65
CA GLN F 42 25.97 -12.70 35.60
C GLN F 42 26.51 -12.71 34.14
N LEU F 43 27.76 -12.29 33.96
CA LEU F 43 28.40 -12.33 32.66
C LEU F 43 29.15 -13.67 32.45
N ILE F 44 28.69 -14.45 31.47
CA ILE F 44 29.31 -15.72 31.11
C ILE F 44 30.25 -15.54 29.91
N VAL F 45 31.31 -16.34 29.84
CA VAL F 45 32.17 -16.45 28.66
C VAL F 45 32.60 -17.91 28.52
N THR F 46 32.08 -18.60 27.50
CA THR F 46 32.52 -19.95 27.15
C THR F 46 33.90 -19.91 26.49
N THR F 47 34.49 -21.09 26.28
CA THR F 47 35.74 -21.20 25.51
C THR F 47 35.49 -21.29 23.99
N ASP F 48 34.31 -21.75 23.59
CA ASP F 48 33.91 -21.74 22.17
C ASP F 48 32.39 -21.63 21.97
N TYR F 49 31.97 -21.41 20.71
CA TYR F 49 30.55 -21.27 20.32
C TYR F 49 29.72 -22.52 20.56
N SER F 50 30.33 -23.71 20.44
CA SER F 50 29.60 -24.96 20.58
C SER F 50 29.00 -25.16 21.99
N SER F 51 29.83 -24.96 23.01
CA SER F 51 29.39 -24.91 24.43
C SER F 51 28.30 -23.87 24.67
N MET F 52 28.53 -22.66 24.14
CA MET F 52 27.61 -21.52 24.30
C MET F 52 26.20 -21.83 23.80
N ILE F 53 26.13 -22.50 22.66
CA ILE F 53 24.87 -22.92 22.06
C ILE F 53 24.11 -23.84 23.00
N GLU F 54 24.79 -24.87 23.52
CA GLU F 54 24.11 -25.92 24.29
C GLU F 54 23.58 -25.37 25.60
N ALA F 55 24.40 -24.56 26.28
CA ALA F 55 23.98 -23.79 27.46
C ALA F 55 22.64 -23.09 27.23
N MET F 56 22.51 -22.47 26.05
CA MET F 56 21.30 -21.78 25.63
C MET F 56 20.11 -22.73 25.33
N ARG F 57 20.42 -23.89 24.75
CA ARG F 57 19.45 -24.94 24.46
C ARG F 57 18.84 -25.65 25.69
N PHE F 58 19.50 -25.55 26.86
CA PHE F 58 18.98 -26.10 28.13
C PHE F 58 18.81 -25.00 29.20
N GLY F 59 18.49 -23.77 28.78
CA GLY F 59 18.11 -22.71 29.70
C GLY F 59 19.20 -22.00 30.49
N ARG F 60 20.46 -22.42 30.35
CA ARG F 60 21.56 -21.96 31.21
C ARG F 60 22.30 -20.69 30.77
N ILE F 61 22.04 -20.23 29.55
CA ILE F 61 22.32 -18.84 29.14
C ILE F 61 21.01 -18.27 28.64
N ASP F 62 20.72 -17.04 29.05
CA ASP F 62 19.52 -16.35 28.67
C ASP F 62 19.81 -15.49 27.47
N LEU F 63 20.79 -14.59 27.62
CA LEU F 63 21.20 -13.60 26.59
C LEU F 63 22.62 -13.90 26.10
N ALA F 64 22.86 -13.69 24.81
CA ALA F 64 24.14 -14.01 24.20
C ALA F 64 24.46 -13.10 23.02
N TYR F 65 25.73 -12.69 22.92
CA TYR F 65 26.22 -11.89 21.82
C TYR F 65 26.87 -12.83 20.86
N PHE F 66 26.50 -12.73 19.59
CA PHE F 66 27.05 -13.56 18.55
C PHE F 66 27.61 -12.73 17.42
N GLY F 67 28.50 -13.36 16.65
CA GLY F 67 28.83 -12.94 15.31
C GLY F 67 27.72 -13.38 14.38
N PRO F 68 27.60 -12.74 13.20
CA PRO F 68 26.55 -13.10 12.23
C PRO F 68 26.47 -14.58 11.77
N LEU F 69 27.60 -15.22 11.47
CA LEU F 69 27.61 -16.61 10.99
C LEU F 69 27.37 -17.56 12.18
N SER F 70 28.05 -17.25 13.26
CA SER F 70 27.72 -17.78 14.57
C SER F 70 26.20 -17.74 14.93
N TYR F 71 25.55 -16.55 14.94
CA TYR F 71 24.13 -16.46 15.32
C TYR F 71 23.28 -17.42 14.51
N VAL F 72 23.54 -17.49 13.21
CA VAL F 72 22.74 -18.31 12.29
C VAL F 72 22.89 -19.80 12.64
N MET F 73 24.13 -20.21 12.95
CA MET F 73 24.39 -21.58 13.46
C MET F 73 23.60 -21.88 14.73
N ALA F 74 23.64 -20.96 15.69
CA ALA F 74 22.91 -21.09 16.94
C ALA F 74 21.41 -21.26 16.72
N LYS F 75 20.84 -20.39 15.89
CA LYS F 75 19.42 -20.46 15.53
C LYS F 75 19.06 -21.74 14.76
N SER F 76 19.96 -22.28 13.94
CA SER F 76 19.68 -23.56 13.24
C SER F 76 19.49 -24.74 14.21
N LYS F 77 20.14 -24.68 15.39
CA LYS F 77 20.13 -25.78 16.37
C LYS F 77 19.53 -25.39 17.75
N SER F 78 18.85 -24.26 17.83
CA SER F 78 18.26 -23.80 19.09
C SER F 78 17.17 -22.76 18.86
N ASP F 79 16.29 -22.61 19.83
CA ASP F 79 15.09 -21.81 19.66
C ASP F 79 15.29 -20.44 20.29
N ILE F 80 16.13 -19.63 19.65
CA ILE F 80 16.43 -18.25 20.08
C ILE F 80 15.97 -17.24 19.04
N GLU F 81 15.95 -15.97 19.44
CA GLU F 81 15.56 -14.87 18.56
C GLU F 81 16.46 -13.65 18.81
N PRO F 82 16.78 -12.87 17.76
CA PRO F 82 17.64 -11.72 17.92
C PRO F 82 16.82 -10.46 18.14
N PHE F 83 17.30 -9.57 19.00
CA PHE F 83 16.61 -8.35 19.37
C PHE F 83 17.39 -7.07 19.10
N ALA F 84 18.71 -7.14 19.01
CA ALA F 84 19.49 -5.92 18.70
C ALA F 84 20.80 -6.23 17.98
N ALA F 85 21.37 -5.23 17.31
CA ALA F 85 22.62 -5.41 16.62
C ALA F 85 23.59 -4.24 16.75
N MET F 86 24.87 -4.59 16.74
CA MET F 86 25.95 -3.62 16.75
C MET F 86 25.80 -2.54 15.67
N VAL F 87 25.95 -1.28 16.05
CA VAL F 87 25.83 -0.19 15.11
C VAL F 87 27.24 0.36 14.85
N ILE F 88 27.60 0.48 13.59
CA ILE F 88 28.84 1.14 13.19
C ILE F 88 28.55 1.83 11.86
N ASP F 89 29.11 3.02 11.67
CA ASP F 89 28.85 3.83 10.48
C ASP F 89 27.35 4.15 10.28
N GLY F 90 26.67 4.47 11.39
CA GLY F 90 25.29 4.89 11.40
C GLY F 90 24.24 3.80 11.27
N LYS F 91 24.63 2.54 11.05
CA LYS F 91 23.66 1.48 10.89
C LYS F 91 24.17 0.11 11.36
N PRO F 92 23.22 -0.84 11.63
CA PRO F 92 23.51 -2.20 12.06
C PRO F 92 23.62 -3.20 10.92
N THR F 93 23.78 -2.68 9.71
CA THR F 93 24.03 -3.50 8.52
C THR F 93 25.11 -2.83 7.70
N TYR F 94 25.64 -3.56 6.71
CA TYR F 94 26.76 -3.03 5.91
C TYR F 94 26.74 -3.65 4.54
N ARG F 95 27.32 -2.96 3.56
CA ARG F 95 27.42 -3.42 2.19
C ARG F 95 28.88 -3.60 1.78
N SER F 96 29.03 -4.51 0.84
CA SER F 96 30.29 -4.62 0.15
C SER F 96 30.20 -3.86 -1.22
N VAL F 97 31.31 -3.32 -1.68
CA VAL F 97 31.35 -2.73 -3.03
C VAL F 97 32.20 -3.60 -3.97
N ILE F 98 31.84 -3.60 -5.26
CA ILE F 98 32.68 -4.22 -6.31
C ILE F 98 33.12 -3.10 -7.25
N ILE F 99 34.44 -2.99 -7.40
CA ILE F 99 35.12 -1.99 -8.22
C ILE F 99 35.92 -2.65 -9.35
N ALA F 100 36.14 -1.90 -10.41
CA ALA F 100 36.91 -2.37 -11.56
C ALA F 100 37.97 -1.35 -11.96
N ASN F 101 39.06 -1.82 -12.55
CA ASN F 101 40.12 -0.95 -13.04
C ASN F 101 39.59 -0.32 -14.33
N VAL F 102 39.63 1.01 -14.42
CA VAL F 102 39.12 1.72 -15.62
C VAL F 102 39.76 1.26 -16.95
N ALA F 103 41.09 1.17 -16.99
CA ALA F 103 41.83 0.66 -18.18
C ALA F 103 41.47 -0.77 -18.57
N SER F 104 40.97 -1.59 -17.64
CA SER F 104 40.71 -2.99 -17.98
C SER F 104 39.61 -3.20 -19.02
N GLY F 105 38.79 -2.19 -19.26
CA GLY F 105 37.58 -2.38 -20.05
C GLY F 105 36.52 -3.29 -19.44
N VAL F 106 36.56 -3.55 -18.14
CA VAL F 106 35.41 -4.22 -17.46
C VAL F 106 34.36 -3.19 -17.09
N ASN F 107 33.14 -3.32 -17.62
CA ASN F 107 32.05 -2.39 -17.35
C ASN F 107 30.89 -2.96 -16.54
N GLU F 108 30.66 -4.28 -16.57
CA GLU F 108 29.54 -4.89 -15.91
C GLU F 108 30.00 -6.19 -15.25
N TYR F 109 29.25 -6.68 -14.29
CA TYR F 109 29.69 -7.89 -13.56
C TYR F 109 30.12 -9.02 -14.50
N ALA F 110 29.34 -9.29 -15.54
CA ALA F 110 29.60 -10.45 -16.41
C ALA F 110 30.87 -10.28 -17.26
N ASP F 111 31.38 -9.05 -17.43
CA ASP F 111 32.69 -8.83 -18.12
C ASP F 111 33.88 -9.48 -17.37
N LEU F 112 33.65 -9.89 -16.11
CA LEU F 112 34.72 -10.58 -15.34
C LEU F 112 35.00 -12.01 -15.75
N LYS F 113 34.17 -12.60 -16.61
CA LYS F 113 34.45 -13.95 -17.14
C LYS F 113 35.85 -13.93 -17.77
N GLY F 114 36.76 -14.79 -17.26
CA GLY F 114 38.15 -14.88 -17.73
C GLY F 114 39.04 -13.72 -17.33
N LYS F 115 38.71 -13.03 -16.25
CA LYS F 115 39.54 -11.90 -15.76
C LYS F 115 39.93 -12.15 -14.32
N ARG F 116 40.55 -11.17 -13.70
CA ARG F 116 41.12 -11.31 -12.36
C ARG F 116 40.33 -10.49 -11.31
N MET F 117 39.68 -11.22 -10.40
CA MET F 117 38.97 -10.67 -9.28
C MET F 117 39.88 -10.68 -8.06
N ALA F 118 40.07 -9.51 -7.42
CA ALA F 118 40.80 -9.40 -6.14
C ALA F 118 39.86 -9.47 -4.95
N TYR F 119 40.06 -10.47 -4.09
CA TYR F 119 39.38 -10.63 -2.82
C TYR F 119 40.40 -10.36 -1.71
N GLY F 120 39.93 -10.16 -0.50
CA GLY F 120 40.80 -9.83 0.62
C GLY F 120 41.33 -11.04 1.36
N ASP F 121 40.61 -11.42 2.41
CA ASP F 121 40.92 -12.50 3.33
C ASP F 121 39.85 -13.55 3.04
N ARG F 122 40.28 -14.80 2.88
CA ARG F 122 39.38 -15.91 2.65
C ARG F 122 38.23 -15.99 3.62
N ALA F 123 38.52 -15.67 4.88
CA ALA F 123 37.53 -15.65 5.96
C ALA F 123 36.52 -14.54 5.85
N SER F 124 36.84 -13.47 5.13
CA SER F 124 36.02 -12.26 5.20
C SER F 124 34.68 -12.39 4.49
N THR F 125 33.66 -11.78 5.07
CA THR F 125 32.39 -11.67 4.40
C THR F 125 32.50 -10.46 3.44
N SER F 126 32.91 -9.31 3.96
CA SER F 126 32.90 -8.06 3.19
C SER F 126 33.89 -8.02 2.02
N SER F 127 35.01 -8.72 2.14
CA SER F 127 36.01 -8.76 1.07
C SER F 127 36.20 -10.13 0.42
N HIS F 128 35.31 -11.09 0.69
CA HIS F 128 35.28 -12.33 -0.09
C HIS F 128 33.86 -12.83 -0.36
N LEU F 129 33.18 -13.27 0.68
CA LEU F 129 31.99 -14.09 0.52
C LEU F 129 30.84 -13.26 -0.04
N ILE F 130 30.70 -12.01 0.39
CA ILE F 130 29.65 -11.17 -0.12
C ILE F 130 29.88 -10.87 -1.63
N PRO F 131 31.02 -10.24 -1.99
CA PRO F 131 31.29 -9.96 -3.38
C PRO F 131 31.29 -11.17 -4.32
N LYS F 132 31.73 -12.32 -3.83
CA LYS F 132 31.61 -13.57 -4.54
C LYS F 132 30.14 -13.92 -4.76
N THR F 133 29.35 -13.79 -3.70
CA THR F 133 27.92 -14.05 -3.82
C THR F 133 27.25 -13.08 -4.84
N VAL F 134 27.60 -11.78 -4.78
CA VAL F 134 27.11 -10.84 -5.81
C VAL F 134 27.38 -11.40 -7.23
N LEU F 135 28.62 -11.80 -7.53
CA LEU F 135 28.99 -12.30 -8.86
C LEU F 135 28.30 -13.61 -9.26
N LEU F 136 28.20 -14.54 -8.32
CA LEU F 136 27.45 -15.76 -8.57
C LEU F 136 25.95 -15.47 -8.83
N GLU F 137 25.29 -14.75 -7.93
CA GLU F 137 23.89 -14.48 -8.07
C GLU F 137 23.57 -13.63 -9.28
N THR F 138 24.42 -12.66 -9.57
CA THR F 138 24.04 -11.61 -10.52
C THR F 138 24.55 -11.82 -11.94
N ALA F 139 25.57 -12.66 -12.06
CA ALA F 139 26.16 -12.98 -13.36
C ALA F 139 26.49 -14.45 -13.55
N ASP F 140 26.15 -15.32 -12.60
CA ASP F 140 26.40 -16.76 -12.73
C ASP F 140 27.90 -17.04 -12.92
N LEU F 141 28.74 -16.25 -12.25
CA LEU F 141 30.17 -16.44 -12.29
C LEU F 141 30.61 -17.12 -10.97
N THR F 142 31.37 -18.22 -11.06
CA THR F 142 31.91 -18.94 -9.90
C THR F 142 33.40 -18.66 -9.81
N GLY F 143 33.88 -18.26 -8.63
CA GLY F 143 35.32 -18.10 -8.40
C GLY F 143 36.11 -19.35 -8.76
N GLY F 144 37.20 -19.21 -9.53
CA GLY F 144 38.00 -20.35 -9.95
C GLY F 144 37.67 -20.98 -11.30
N GLN F 145 36.38 -21.17 -11.61
CA GLN F 145 35.93 -21.62 -12.94
C GLN F 145 35.89 -20.49 -13.96
N ASP F 146 35.03 -19.50 -13.73
CA ASP F 146 34.77 -18.47 -14.72
C ASP F 146 35.72 -17.31 -14.56
N TYR F 147 36.35 -17.13 -13.41
CA TYR F 147 37.35 -16.05 -13.22
C TYR F 147 38.46 -16.41 -12.23
N GLU F 148 39.65 -15.89 -12.45
CA GLU F 148 40.73 -16.08 -11.50
C GLU F 148 40.37 -15.35 -10.21
N GLN F 149 40.41 -16.06 -9.08
CA GLN F 149 40.33 -15.41 -7.75
C GLN F 149 41.72 -15.22 -7.12
N HIS F 150 42.05 -13.98 -6.77
CA HIS F 150 43.35 -13.64 -6.15
C HIS F 150 43.15 -13.07 -4.74
N PHE F 151 43.60 -13.80 -3.74
CA PHE F 151 43.48 -13.36 -2.40
C PHE F 151 44.70 -12.50 -2.04
N VAL F 152 44.45 -11.24 -1.73
CA VAL F 152 45.51 -10.26 -1.55
C VAL F 152 45.64 -9.71 -0.13
N GLY F 153 44.76 -10.12 0.77
CA GLY F 153 45.03 -10.03 2.20
C GLY F 153 44.08 -9.13 2.99
N THR F 154 44.00 -7.85 2.63
CA THR F 154 43.11 -6.89 3.29
C THR F 154 42.23 -6.12 2.30
N HIS F 155 41.25 -5.40 2.84
CA HIS F 155 40.39 -4.49 2.12
C HIS F 155 41.25 -3.47 1.36
N ASP F 156 42.20 -2.88 2.08
CA ASP F 156 43.11 -1.88 1.54
C ASP F 156 43.86 -2.40 0.32
N ALA F 157 44.30 -3.66 0.44
CA ALA F 157 45.08 -4.31 -0.59
C ALA F 157 44.21 -4.61 -1.81
N VAL F 158 42.94 -4.95 -1.61
CA VAL F 158 42.02 -5.11 -2.74
C VAL F 158 41.98 -3.77 -3.51
N ALA F 159 41.81 -2.68 -2.77
CA ALA F 159 41.62 -1.40 -3.39
C ALA F 159 42.87 -1.02 -4.19
N VAL F 160 44.06 -1.17 -3.58
CA VAL F 160 45.35 -0.90 -4.28
C VAL F 160 45.61 -1.84 -5.49
N ASN F 161 45.33 -3.14 -5.36
CA ASN F 161 45.58 -4.06 -6.48
C ASN F 161 44.71 -3.73 -7.69
N VAL F 162 43.43 -3.43 -7.44
CA VAL F 162 42.52 -3.04 -8.51
C VAL F 162 42.99 -1.68 -9.12
N ALA F 163 43.36 -0.71 -8.30
CA ALA F 163 43.75 0.64 -8.75
C ALA F 163 45.02 0.70 -9.62
N ASN F 164 46.00 -0.14 -9.31
CA ASN F 164 47.23 -0.20 -10.08
C ASN F 164 47.20 -1.23 -11.23
N GLY F 165 46.09 -1.95 -11.39
CA GLY F 165 45.94 -2.88 -12.53
C GLY F 165 46.34 -4.34 -12.32
N ASN F 166 46.94 -4.69 -11.17
CA ASN F 166 47.25 -6.10 -10.88
C ASN F 166 46.01 -6.97 -10.90
N ALA F 167 44.84 -6.38 -10.56
CA ALA F 167 43.58 -7.06 -10.72
C ALA F 167 42.64 -6.17 -11.55
N ASP F 168 41.71 -6.81 -12.26
CA ASP F 168 40.72 -6.16 -13.10
C ASP F 168 39.50 -5.65 -12.26
N ALA F 169 39.09 -6.45 -11.27
CA ALA F 169 38.07 -6.00 -10.32
C ALA F 169 38.41 -6.49 -8.94
N GLY F 170 37.81 -5.86 -7.93
CA GLY F 170 37.92 -6.35 -6.54
C GLY F 170 36.67 -6.11 -5.71
N GLY F 171 36.44 -7.00 -4.72
CA GLY F 171 35.37 -6.83 -3.75
C GLY F 171 35.91 -6.37 -2.39
N LEU F 172 35.34 -5.32 -1.82
CA LEU F 172 35.68 -4.92 -0.46
C LEU F 172 34.55 -4.16 0.24
N SER F 173 34.81 -3.77 1.49
CA SER F 173 33.84 -3.04 2.29
C SER F 173 33.63 -1.67 1.64
N GLU F 174 32.37 -1.25 1.57
CA GLU F 174 32.00 0.07 1.10
C GLU F 174 32.66 1.18 1.91
N VAL F 175 32.60 1.08 3.24
CA VAL F 175 33.12 2.15 4.08
C VAL F 175 34.63 2.31 3.91
N ILE F 176 35.37 1.21 3.76
CA ILE F 176 36.80 1.26 3.57
C ILE F 176 37.10 1.74 2.17
N PHE F 177 36.35 1.25 1.19
CA PHE F 177 36.56 1.77 -0.15
C PHE F 177 36.36 3.27 -0.19
N ASN F 178 35.22 3.73 0.35
CA ASN F 178 34.90 5.17 0.36
C ASN F 178 35.96 6.06 1.04
N HIS F 179 36.86 5.51 1.86
CA HIS F 179 37.95 6.30 2.46
C HIS F 179 39.35 6.07 1.82
N ALA F 180 39.41 5.19 0.81
CA ALA F 180 40.70 4.78 0.23
C ALA F 180 41.47 5.94 -0.41
N ALA F 181 40.77 6.76 -1.19
CA ALA F 181 41.43 7.89 -1.90
C ALA F 181 41.88 8.99 -0.94
N GLU F 182 41.08 9.23 0.06
CA GLU F 182 41.38 10.23 1.08
C GLU F 182 42.56 9.79 1.96
N ARG F 183 42.77 8.48 2.14
CA ARG F 183 43.97 8.01 2.86
C ARG F 183 45.24 7.94 1.97
N GLY F 184 45.09 8.24 0.67
CA GLY F 184 46.21 8.27 -0.28
C GLY F 184 46.62 6.93 -0.86
N LEU F 185 45.79 5.90 -0.71
CA LEU F 185 46.10 4.56 -1.19
C LEU F 185 45.95 4.41 -2.71
N ILE F 186 44.96 5.09 -3.28
CA ILE F 186 44.64 4.95 -4.70
C ILE F 186 44.42 6.31 -5.32
N ASP F 187 44.66 6.38 -6.63
CA ASP F 187 44.14 7.43 -7.46
C ASP F 187 42.71 7.04 -7.79
N PRO F 188 41.70 7.82 -7.34
CA PRO F 188 40.30 7.37 -7.53
C PRO F 188 39.84 7.29 -8.98
N SER F 189 40.46 8.10 -9.85
CA SER F 189 40.15 8.07 -11.28
C SER F 189 40.55 6.74 -11.96
N LYS F 190 41.33 5.89 -11.29
CA LYS F 190 41.78 4.64 -11.89
C LYS F 190 40.78 3.50 -11.69
N VAL F 191 39.75 3.69 -10.86
CA VAL F 191 38.72 2.67 -10.64
C VAL F 191 37.33 3.26 -10.76
N LYS F 192 36.36 2.39 -11.01
CA LYS F 192 34.95 2.74 -10.91
C LYS F 192 34.21 1.64 -10.19
N VAL F 193 33.01 2.00 -9.74
CA VAL F 193 32.16 1.19 -8.92
C VAL F 193 31.27 0.42 -9.91
N LEU F 194 31.29 -0.92 -9.82
CA LEU F 194 30.39 -1.73 -10.65
C LEU F 194 29.06 -1.91 -9.99
N GLY F 195 29.04 -1.84 -8.66
CA GLY F 195 27.82 -1.94 -7.88
C GLY F 195 28.02 -2.34 -6.43
N TYR F 196 26.91 -2.56 -5.72
CA TYR F 196 26.91 -2.85 -4.32
C TYR F 196 26.04 -4.10 -4.02
N SER F 197 26.41 -4.84 -3.00
CA SER F 197 25.64 -5.97 -2.51
C SER F 197 24.41 -5.43 -1.82
N GLY F 198 23.60 -6.34 -1.31
CA GLY F 198 22.62 -5.97 -0.32
C GLY F 198 23.30 -5.60 1.01
N GLU F 199 22.43 -5.23 1.95
CA GLU F 199 22.79 -4.93 3.32
C GLU F 199 22.96 -6.23 4.09
N TYR F 200 24.15 -6.44 4.67
CA TYR F 200 24.40 -7.62 5.51
C TYR F 200 24.47 -7.18 6.97
N PRO F 201 24.02 -8.04 7.91
CA PRO F 201 23.83 -7.68 9.30
C PRO F 201 25.10 -7.73 10.14
N GLN F 202 25.22 -6.80 11.08
CA GLN F 202 26.27 -6.80 12.10
C GLN F 202 25.89 -7.76 13.24
N TYR F 203 26.75 -7.79 14.25
CA TYR F 203 26.67 -8.72 15.41
C TYR F 203 25.34 -8.61 16.21
N PRO F 204 24.52 -9.69 16.23
CA PRO F 204 23.27 -9.67 17.03
C PRO F 204 23.44 -10.05 18.49
N TRP F 205 22.73 -9.32 19.35
CA TRP F 205 22.35 -9.87 20.65
C TRP F 205 21.16 -10.83 20.40
N ALA F 206 21.23 -12.05 20.91
CA ALA F 206 20.11 -12.98 20.86
C ALA F 206 19.72 -13.40 22.27
N MET F 207 18.46 -13.81 22.45
CA MET F 207 17.92 -14.26 23.74
C MET F 207 17.06 -15.51 23.55
N ARG F 208 16.90 -16.29 24.63
CA ARG F 208 16.01 -17.46 24.61
C ARG F 208 14.57 -17.00 24.31
N SER F 209 13.95 -17.63 23.31
CA SER F 209 12.59 -17.30 22.94
C SER F 209 11.63 -17.61 24.08
N ASN F 210 11.95 -18.67 24.82
CA ASN F 210 11.11 -19.21 25.92
C ASN F 210 10.87 -18.21 27.04
N LEU F 211 11.81 -17.27 27.22
CA LEU F 211 11.70 -16.19 28.21
C LEU F 211 10.34 -15.50 28.26
N SER F 212 10.04 -14.97 29.43
CA SER F 212 8.79 -14.26 29.71
C SER F 212 8.66 -13.09 28.73
N PRO F 213 7.58 -13.07 27.89
CA PRO F 213 7.40 -11.93 26.97
C PRO F 213 7.46 -10.53 27.64
N GLU F 214 7.10 -10.46 28.92
CA GLU F 214 7.38 -9.29 29.79
C GLU F 214 8.87 -8.91 29.82
N LEU F 215 9.72 -9.89 30.16
CA LEU F 215 11.18 -9.68 30.21
C LEU F 215 11.84 -9.55 28.82
N LYS F 216 11.26 -10.20 27.81
CA LYS F 216 11.75 -10.04 26.42
C LYS F 216 11.60 -8.60 25.92
N THR F 217 10.43 -8.00 26.14
CA THR F 217 10.16 -6.61 25.76
C THR F 217 10.89 -5.61 26.66
N LYS F 218 11.28 -6.06 27.86
CA LYS F 218 12.16 -5.27 28.71
C LYS F 218 13.61 -5.31 28.21
N VAL F 219 14.05 -6.49 27.76
CA VAL F 219 15.43 -6.68 27.27
C VAL F 219 15.69 -5.93 25.97
N ARG F 220 14.77 -6.04 24.98
CA ARG F 220 14.77 -5.17 23.77
C ARG F 220 15.14 -3.73 24.16
N ASP F 221 14.27 -3.13 24.97
CA ASP F 221 14.26 -1.68 25.11
C ASP F 221 15.46 -1.16 25.92
N VAL F 222 16.07 -2.01 26.76
CA VAL F 222 17.24 -1.62 27.55
C VAL F 222 18.51 -1.61 26.70
N PHE F 223 18.74 -2.70 25.97
CA PHE F 223 19.90 -2.79 25.07
C PHE F 223 19.91 -1.70 24.01
N VAL F 224 18.75 -1.48 23.41
CA VAL F 224 18.57 -0.47 22.38
C VAL F 224 18.79 0.95 22.90
N GLY F 225 18.51 1.17 24.19
CA GLY F 225 18.73 2.50 24.81
C GLY F 225 20.15 2.84 25.24
N ILE F 226 21.09 1.87 25.18
CA ILE F 226 22.51 2.03 25.63
C ILE F 226 23.21 3.23 24.95
N ASP F 227 23.56 4.26 25.74
CA ASP F 227 24.32 5.46 25.31
C ASP F 227 25.50 5.78 26.27
N ASP F 228 26.01 4.73 26.91
CA ASP F 228 27.10 4.79 27.89
C ASP F 228 28.42 4.57 27.13
N PRO F 229 29.23 5.62 26.96
CA PRO F 229 30.46 5.49 26.14
C PRO F 229 31.32 4.27 26.43
N GLU F 230 31.42 3.89 27.71
CA GLU F 230 32.33 2.82 28.17
C GLU F 230 31.74 1.40 27.98
N VAL F 231 30.42 1.27 27.99
CA VAL F 231 29.76 0.00 27.66
C VAL F 231 29.99 -0.33 26.17
N LEU F 232 29.73 0.68 25.34
CA LEU F 232 29.75 0.56 23.88
C LEU F 232 31.14 0.32 23.31
N ARG F 233 32.14 0.95 23.93
CA ARG F 233 33.55 0.86 23.53
C ARG F 233 34.09 -0.57 23.49
N ASN F 234 33.56 -1.48 24.31
CA ASN F 234 34.04 -2.86 24.35
C ASN F 234 33.43 -3.72 23.25
N PHE F 235 32.37 -3.22 22.61
CA PHE F 235 31.77 -3.83 21.43
C PHE F 235 32.19 -3.11 20.15
N LYS F 236 32.99 -2.04 20.30
CA LYS F 236 33.38 -1.11 19.23
C LYS F 236 32.19 -0.48 18.52
N ALA F 237 31.12 -0.22 19.26
CA ALA F 237 29.84 0.20 18.66
C ALA F 237 29.48 1.63 18.96
N GLU F 238 28.67 2.23 18.08
CA GLU F 238 28.02 3.52 18.31
C GLU F 238 26.72 3.30 19.12
N ALA F 239 26.07 2.15 18.93
CA ALA F 239 24.76 1.89 19.51
C ALA F 239 24.40 0.45 19.30
N PHE F 240 23.29 0.05 19.89
CA PHE F 240 22.62 -1.15 19.52
C PHE F 240 21.29 -0.69 18.94
N ALA F 241 20.94 -1.22 17.79
CA ALA F 241 19.68 -0.85 17.12
C ALA F 241 18.91 -2.12 16.96
N PRO F 242 17.59 -2.00 16.81
CA PRO F 242 16.75 -3.19 16.60
C PRO F 242 17.07 -3.97 15.33
N ILE F 243 16.89 -5.29 15.42
CA ILE F 243 17.20 -6.18 14.32
C ILE F 243 16.32 -7.44 14.49
N THR F 244 15.91 -8.03 13.37
CA THR F 244 15.03 -9.20 13.35
C THR F 244 15.76 -10.45 12.85
N ASP F 245 15.16 -11.63 13.00
CA ASP F 245 15.76 -12.85 12.44
C ASP F 245 15.90 -12.73 10.92
N ALA F 246 14.91 -12.11 10.29
CA ALA F 246 14.81 -12.02 8.82
C ALA F 246 16.00 -11.30 8.20
N ASP F 247 16.56 -10.35 8.94
CA ASP F 247 17.79 -9.66 8.55
C ASP F 247 19.04 -10.59 8.41
N TYR F 248 18.99 -11.82 8.95
CA TYR F 248 20.08 -12.83 8.79
C TYR F 248 19.81 -13.84 7.68
N ASP F 249 18.66 -13.74 7.00
CA ASP F 249 18.37 -14.62 5.84
C ASP F 249 19.36 -14.44 4.72
N VAL F 250 19.84 -13.21 4.53
CA VAL F 250 20.84 -12.95 3.53
C VAL F 250 22.07 -13.81 3.86
N ILE F 251 22.41 -13.98 5.13
CA ILE F 251 23.57 -14.78 5.52
C ILE F 251 23.30 -16.23 5.25
N ARG F 252 22.09 -16.67 5.58
CA ARG F 252 21.69 -18.03 5.29
C ARG F 252 21.76 -18.34 3.81
N ASN F 253 21.31 -17.40 2.96
CA ASN F 253 21.37 -17.59 1.49
C ASN F 253 22.81 -17.64 0.97
N MET F 254 23.66 -16.81 1.55
CA MET F 254 25.08 -16.81 1.20
C MET F 254 25.66 -18.20 1.44
N GLY F 255 25.42 -18.70 2.67
CA GLY F 255 25.84 -20.02 3.13
C GLY F 255 25.33 -21.16 2.27
N SER F 256 24.03 -21.17 1.97
CA SER F 256 23.50 -22.17 1.05
C SER F 256 24.12 -22.08 -0.35
N LEU F 257 24.25 -20.87 -0.87
CA LEU F 257 24.78 -20.67 -2.21
C LEU F 257 26.22 -21.13 -2.36
N LEU F 258 27.07 -20.68 -1.43
CA LEU F 258 28.50 -20.95 -1.51
C LEU F 258 28.87 -22.31 -0.87
N GLY F 259 27.88 -23.02 -0.32
CA GLY F 259 28.08 -24.38 0.21
C GLY F 259 29.05 -24.37 1.38
N LEU F 260 28.75 -23.51 2.35
CA LEU F 260 29.67 -23.25 3.45
C LEU F 260 29.36 -24.14 4.63
N ASP F 261 30.40 -24.57 5.34
CA ASP F 261 30.29 -25.18 6.66
C ASP F 261 30.60 -24.13 7.72
N PHE F 262 29.55 -23.56 8.33
CA PHE F 262 29.70 -22.50 9.34
C PHE F 262 30.43 -22.94 10.61
N ALA F 263 30.09 -24.13 11.14
CA ALA F 263 30.83 -24.77 12.26
C ALA F 263 32.35 -24.50 12.18
N THR F 264 32.90 -24.76 11.00
CA THR F 264 34.27 -24.40 10.67
C THR F 264 34.36 -22.92 10.26
#